data_8PFI
#
_entry.id   8PFI
#
_cell.length_a   164.593
_cell.length_b   86.942
_cell.length_c   153.489
_cell.angle_alpha   90
_cell.angle_beta   120.63
_cell.angle_gamma   90
#
_symmetry.space_group_name_H-M   'C 1 2 1'
#
loop_
_entity.id
_entity.type
_entity.pdbx_description
1 polymer 'Toll-like receptor 8'
2 branched alpha-D-mannopyranose-(1-3)-[alpha-D-mannopyranose-(1-6)]beta-D-mannopyranose-(1-4)-2-acetamido-2-deoxy-beta-D-glucopyranose-(1-4)-2-acetamido-2-deoxy-beta-D-glucopyranose
3 branched beta-D-mannopyranose-(1-4)-2-acetamido-2-deoxy-beta-D-glucopyranose-(1-4)-2-acetamido-2-deoxy-beta-D-glucopyranose
4 non-polymer 2-acetamido-2-deoxy-beta-D-glucopyranose
5 non-polymer (3~{S})-~{N}-[4-[[5-(1,6-dimethylpyrazolo[3,4-b]pyridin-4-yl)-3-methyl-6,7-dihydro-4~{H}-pyrazolo[4,3-c]pyridin-1-yl]methyl]-1-bicyclo[2.2.2]octanyl]morpholine-3-carboxamide
6 water water
#
_entity_poly.entity_id   1
_entity_poly.type   'polypeptide(L)'
_entity_poly.pdbx_seq_one_letter_code
;EENFSRSYPCDEKKQNDSVIAECSNRRLQEVPQTVGKYVTELDLSDNFITHITNESFQGLQNLTKINLNHNPNVQHQNGN
PGIQSNGLNITDGAFLNLKNLRELLLEDNQLPQIPSGLPESLTELSLIQNNIYNITKEGISRLINLKNLYLAWNCYFNKV
CEKTNIEDGVFETLTNLELLSLSFNSLSHVPPKLPSSLRKLFLSNTQIKYISEEDFKGLINLTLLDLSGNCPRCFNAPFP
CVPCDGGASINIDRFAFQNLTQLRYLNLSSTSLRKINAAWFKNMPHLKVLDLEFNYLVGEIASGAFLTMLPRLEILDLSF
NYIKGSYPQHINISRNFSKLLSLRALHLRGYVFQELREDDFQPLMQLPNLSTINLGINFIKQIDFKLFQNFSNLEIIYLS
ENRISPLVKDTRQSYANSSSFQRHIRKRRSTDFEFDPHSNFYHFTRPLIKPQCAAYGKALDLSLNSIFFIGPNQFENLPD
IACLNLSANSNAQVLSGTEFSAIPHVKYLDLTNNRLDFDNASALTELSDLEVLDLSYNSHYFRIAGVTHHLEFIQNFTNL
KVLNLSHNNIYTLTDKYNLESKSLVELVFSGNRLDILWNDDDNRYISIFKGLKNLTRLDLSLNRLKHIPNEAFLNLPASL
TELHINDNMLKFFNWTLLQQFPRLELLDLRGNKLLFLTDSLSDFTSSLRTLLLSHNRISHLPSGFLSEVSSLKHLDLSSN
LLKTINKSALETKTTTKLSMLELHGNPFECTCDIGDFRRWMDEHLNVKIPRLVDVICASPGDQRGKSIVSLELTTCVSDV
TEFLVPR
;
_entity_poly.pdbx_strand_id   A,B
#
loop_
_chem_comp.id
_chem_comp.type
_chem_comp.name
_chem_comp.formula
BMA D-saccharide, beta linking beta-D-mannopyranose 'C6 H12 O6'
MAN D-saccharide, alpha linking alpha-D-mannopyranose 'C6 H12 O6'
NAG D-saccharide, beta linking 2-acetamido-2-deoxy-beta-D-glucopyranose 'C8 H15 N O6'
YHG non-polymer (3~{S})-~{N}-[4-[[5-(1,6-dimethylpyrazolo[3,4-b]pyridin-4-yl)-3-methyl-6,7-dihydro-4~{H}-pyrazolo[4,3-c]pyridin-1-yl]methyl]-1-bicyclo[2.2.2]octanyl]morpholine-3-carboxamide 'C29 H40 N8 O2'
#
# COMPACT_ATOMS: atom_id res chain seq x y z
N SER A 5 3.97 -19.07 46.46
CA SER A 5 5.16 -18.25 46.26
C SER A 5 5.26 -17.73 44.82
N ARG A 6 4.12 -17.53 44.14
CA ARG A 6 4.10 -17.01 42.77
C ARG A 6 4.06 -15.48 42.82
N SER A 7 5.13 -14.83 42.34
CA SER A 7 5.30 -13.37 42.37
C SER A 7 4.24 -12.58 41.62
N TYR A 8 3.69 -11.55 42.27
CA TYR A 8 2.68 -10.69 41.68
C TYR A 8 2.86 -9.25 42.19
N PRO A 9 2.79 -8.23 41.31
CA PRO A 9 2.52 -8.30 39.87
C PRO A 9 3.76 -8.36 38.97
N CYS A 10 4.95 -8.46 39.54
CA CYS A 10 6.17 -8.50 38.76
C CYS A 10 6.60 -9.93 38.43
N ASP A 11 7.40 -10.10 37.37
CA ASP A 11 7.91 -11.40 36.97
C ASP A 11 9.35 -11.51 37.47
N GLU A 12 9.54 -12.06 38.67
CA GLU A 12 10.89 -12.17 39.25
C GLU A 12 11.74 -13.23 38.57
N LYS A 13 12.99 -12.88 38.27
CA LYS A 13 13.92 -13.77 37.58
C LYS A 13 15.34 -13.54 38.08
N LYS A 14 16.02 -14.60 38.54
CA LYS A 14 17.40 -14.47 39.00
C LYS A 14 18.35 -14.43 37.80
N GLN A 15 18.84 -13.23 37.47
CA GLN A 15 19.75 -13.04 36.35
C GLN A 15 21.18 -12.81 36.86
N ASN A 16 22.09 -13.75 36.54
CA ASN A 16 23.50 -13.74 36.95
C ASN A 16 23.68 -13.59 38.46
N ASP A 17 22.99 -14.45 39.23
CA ASP A 17 23.01 -14.49 40.69
C ASP A 17 22.45 -13.21 41.34
N SER A 18 21.54 -12.52 40.65
CA SER A 18 20.91 -11.30 41.14
C SER A 18 19.45 -11.28 40.70
N VAL A 19 18.50 -11.34 41.64
CA VAL A 19 17.09 -11.37 41.29
C VAL A 19 16.56 -10.03 40.78
N ILE A 20 16.12 -9.99 39.53
CA ILE A 20 15.55 -8.77 38.94
C ILE A 20 14.03 -8.91 38.80
N ALA A 21 13.30 -7.80 38.98
CA ALA A 21 11.85 -7.83 38.91
C ALA A 21 11.32 -7.03 37.72
N GLU A 22 10.81 -7.71 36.70
CA GLU A 22 10.23 -7.06 35.53
C GLU A 22 8.78 -6.70 35.85
N CYS A 23 8.45 -5.41 35.92
CA CYS A 23 7.10 -4.97 36.25
C CYS A 23 6.63 -3.90 35.28
N SER A 24 7.04 -3.98 34.01
CA SER A 24 6.68 -3.00 33.01
C SER A 24 5.40 -3.33 32.26
N ASN A 25 4.70 -2.29 31.79
CA ASN A 25 3.45 -2.39 31.02
C ASN A 25 2.42 -3.29 31.73
N ARG A 26 2.02 -2.90 32.96
CA ARG A 26 1.08 -3.70 33.74
C ARG A 26 -0.09 -2.90 34.32
N ARG A 27 -0.30 -1.65 33.84
CA ARG A 27 -1.38 -0.76 34.28
C ARG A 27 -1.38 -0.53 35.80
N LEU A 28 -0.20 -0.39 36.42
CA LEU A 28 -0.10 -0.17 37.86
C LEU A 28 -0.37 1.28 38.24
N GLN A 29 -1.30 1.51 39.17
CA GLN A 29 -1.63 2.86 39.64
C GLN A 29 -0.56 3.45 40.55
N GLU A 30 0.17 2.59 41.26
CA GLU A 30 1.24 3.00 42.17
C GLU A 30 2.29 1.88 42.33
N VAL A 31 3.45 2.20 42.93
CA VAL A 31 4.49 1.20 43.13
C VAL A 31 4.01 0.11 44.09
N PRO A 32 4.01 -1.16 43.64
CA PRO A 32 3.50 -2.24 44.49
C PRO A 32 4.37 -2.60 45.69
N GLN A 33 3.72 -2.86 46.82
CA GLN A 33 4.42 -3.29 48.03
C GLN A 33 4.59 -4.84 48.10
N THR A 34 4.13 -5.57 47.07
CA THR A 34 4.23 -7.02 46.97
C THR A 34 5.45 -7.46 46.14
N VAL A 35 6.50 -6.62 46.07
CA VAL A 35 7.74 -6.93 45.37
C VAL A 35 8.69 -7.51 46.41
N GLY A 36 9.32 -8.64 46.08
CA GLY A 36 10.25 -9.32 46.97
C GLY A 36 11.39 -8.43 47.43
N LYS A 37 11.61 -8.32 48.74
CA LYS A 37 12.64 -7.44 49.29
C LYS A 37 14.08 -7.86 48.95
N TYR A 38 14.26 -8.99 48.26
CA TYR A 38 15.56 -9.52 47.85
C TYR A 38 15.97 -9.09 46.42
N VAL A 39 15.09 -8.37 45.68
CA VAL A 39 15.41 -7.96 44.31
C VAL A 39 16.44 -6.84 44.29
N THR A 40 17.21 -6.78 43.20
CA THR A 40 18.24 -5.78 43.03
C THR A 40 17.85 -4.76 41.96
N GLU A 41 17.23 -5.20 40.88
CA GLU A 41 16.81 -4.30 39.81
C GLU A 41 15.30 -4.33 39.66
N LEU A 42 14.66 -3.16 39.58
CA LEU A 42 13.23 -3.06 39.45
C LEU A 42 12.86 -2.23 38.23
N ASP A 43 12.00 -2.76 37.36
CA ASP A 43 11.59 -2.06 36.15
C ASP A 43 10.09 -1.79 36.19
N LEU A 44 9.70 -0.57 36.59
CA LEU A 44 8.29 -0.18 36.67
C LEU A 44 7.92 0.79 35.54
N SER A 45 8.51 0.63 34.36
CA SER A 45 8.23 1.52 33.23
C SER A 45 6.87 1.25 32.56
N ASP A 46 6.33 2.26 31.86
CA ASP A 46 5.07 2.18 31.14
C ASP A 46 3.88 1.79 32.02
N ASN A 47 3.76 2.41 33.18
CA ASN A 47 2.66 2.19 34.12
C ASN A 47 1.91 3.51 34.37
N PHE A 48 0.83 3.48 35.18
CA PHE A 48 0.07 4.70 35.48
C PHE A 48 0.41 5.30 36.85
N ILE A 49 1.65 5.11 37.31
CA ILE A 49 2.12 5.62 38.59
C ILE A 49 2.23 7.14 38.54
N THR A 50 1.60 7.82 39.50
CA THR A 50 1.60 9.28 39.55
C THR A 50 2.31 9.85 40.79
N HIS A 51 2.61 9.02 41.79
CA HIS A 51 3.24 9.51 43.01
C HIS A 51 4.38 8.63 43.50
N ILE A 52 5.52 9.25 43.87
CA ILE A 52 6.68 8.57 44.42
C ILE A 52 7.05 9.28 45.73
N THR A 53 6.86 8.58 46.85
CA THR A 53 7.14 9.12 48.18
C THR A 53 8.29 8.34 48.88
N ASN A 54 8.70 8.76 50.10
CA ASN A 54 9.74 8.05 50.85
C ASN A 54 9.31 6.62 51.26
N GLU A 55 8.01 6.30 51.18
CA GLU A 55 7.47 4.99 51.54
C GLU A 55 7.12 4.12 50.31
N SER A 56 7.67 4.44 49.12
CA SER A 56 7.40 3.69 47.90
C SER A 56 8.34 2.49 47.76
N PHE A 57 9.61 2.68 48.13
CA PHE A 57 10.60 1.63 48.03
C PHE A 57 11.12 1.22 49.40
N GLN A 58 10.20 1.11 50.38
CA GLN A 58 10.56 0.69 51.73
C GLN A 58 10.77 -0.81 51.77
N GLY A 59 11.80 -1.25 52.49
CA GLY A 59 12.12 -2.66 52.60
C GLY A 59 13.03 -3.16 51.51
N LEU A 60 12.97 -2.55 50.32
CA LEU A 60 13.81 -2.92 49.17
C LEU A 60 15.14 -2.16 49.26
N GLN A 61 15.92 -2.45 50.30
CA GLN A 61 17.20 -1.79 50.56
C GLN A 61 18.31 -2.22 49.62
N ASN A 62 18.20 -3.42 49.01
CA ASN A 62 19.22 -3.91 48.09
C ASN A 62 18.96 -3.48 46.63
N LEU A 63 18.17 -2.42 46.42
CA LEU A 63 17.85 -1.92 45.08
C LEU A 63 19.01 -1.12 44.52
N THR A 64 19.64 -1.64 43.46
CA THR A 64 20.73 -0.95 42.78
C THR A 64 20.26 -0.24 41.50
N LYS A 65 19.12 -0.65 40.92
CA LYS A 65 18.61 -0.04 39.69
C LYS A 65 17.09 0.10 39.70
N ILE A 66 16.58 1.32 39.46
CA ILE A 66 15.14 1.58 39.41
C ILE A 66 14.77 2.22 38.09
N ASN A 67 13.84 1.62 37.35
CA ASN A 67 13.39 2.16 36.07
C ASN A 67 11.96 2.66 36.23
N LEU A 68 11.73 3.96 36.03
CA LEU A 68 10.39 4.55 36.13
C LEU A 68 10.01 5.34 34.88
N ASN A 69 10.53 4.94 33.71
CA ASN A 69 10.28 5.61 32.44
C ASN A 69 8.80 5.57 32.03
N HIS A 70 8.32 6.65 31.40
CA HIS A 70 6.96 6.77 30.88
C HIS A 70 5.89 6.54 31.96
N ASN A 71 5.92 7.34 33.02
CA ASN A 71 4.96 7.23 34.11
C ASN A 71 4.39 8.61 34.44
N PRO A 72 3.07 8.82 34.28
CA PRO A 72 2.06 7.88 33.78
C PRO A 72 2.07 7.79 32.26
N ASN A 73 1.81 6.59 31.73
CA ASN A 73 1.81 6.30 30.28
C ASN A 73 0.82 7.14 29.48
N GLY A 87 1.65 14.16 34.92
CA GLY A 87 3.04 14.19 35.35
C GLY A 87 3.33 13.28 36.54
N LEU A 88 4.60 13.10 36.87
CA LEU A 88 4.99 12.26 38.00
C LEU A 88 5.40 13.14 39.18
N ASN A 89 4.72 12.97 40.32
CA ASN A 89 4.98 13.77 41.52
C ASN A 89 5.97 13.08 42.44
N ILE A 90 7.23 13.54 42.44
CA ILE A 90 8.25 12.96 43.29
C ILE A 90 8.60 13.91 44.44
N THR A 91 8.36 13.48 45.69
CA THR A 91 8.67 14.30 46.87
C THR A 91 10.17 14.38 47.13
N ASP A 92 10.61 15.38 47.90
CA ASP A 92 12.02 15.57 48.21
C ASP A 92 12.54 14.42 49.06
N GLY A 93 13.64 13.82 48.64
CA GLY A 93 14.26 12.72 49.36
C GLY A 93 13.46 11.43 49.36
N ALA A 94 12.72 11.17 48.27
CA ALA A 94 11.92 9.94 48.17
C ALA A 94 12.84 8.73 48.00
N PHE A 95 13.90 8.87 47.17
CA PHE A 95 14.87 7.80 46.95
C PHE A 95 16.07 7.86 47.92
N LEU A 96 16.07 8.80 48.87
CA LEU A 96 17.16 9.01 49.83
C LEU A 96 17.43 7.82 50.75
N ASN A 97 16.40 7.02 51.07
CA ASN A 97 16.53 5.84 51.92
C ASN A 97 17.27 4.67 51.25
N LEU A 98 17.44 4.72 49.92
CA LEU A 98 18.10 3.67 49.16
C LEU A 98 19.61 3.93 49.11
N LYS A 99 20.35 3.22 49.96
CA LYS A 99 21.80 3.39 50.07
C LYS A 99 22.59 2.70 48.96
N ASN A 100 22.03 1.62 48.39
CA ASN A 100 22.71 0.89 47.31
C ASN A 100 22.27 1.31 45.91
N LEU A 101 21.42 2.35 45.78
CA LEU A 101 20.92 2.79 44.47
C LEU A 101 22.01 3.42 43.61
N ARG A 102 22.31 2.79 42.47
CA ARG A 102 23.34 3.26 41.55
C ARG A 102 22.73 3.80 40.26
N GLU A 103 21.74 3.09 39.68
CA GLU A 103 21.11 3.54 38.44
C GLU A 103 19.66 3.94 38.63
N LEU A 104 19.31 5.15 38.18
CA LEU A 104 17.94 5.65 38.28
C LEU A 104 17.49 6.21 36.93
N LEU A 105 16.41 5.65 36.37
CA LEU A 105 15.90 6.10 35.08
C LEU A 105 14.55 6.80 35.24
N LEU A 106 14.51 8.11 34.97
CA LEU A 106 13.29 8.91 35.06
C LEU A 106 13.00 9.64 33.73
N GLU A 107 12.90 8.88 32.63
CA GLU A 107 12.63 9.46 31.32
C GLU A 107 11.14 9.58 31.05
N ASP A 108 10.73 10.63 30.33
CA ASP A 108 9.34 10.89 29.95
C ASP A 108 8.36 10.85 31.12
N ASN A 109 8.58 11.72 32.13
CA ASN A 109 7.71 11.76 33.31
C ASN A 109 7.07 13.13 33.56
N GLN A 110 7.34 14.14 32.69
CA GLN A 110 6.84 15.50 32.84
C GLN A 110 7.36 16.13 34.13
N LEU A 111 8.65 15.92 34.43
CA LEU A 111 9.27 16.48 35.63
C LEU A 111 9.58 17.94 35.39
N PRO A 112 9.05 18.86 36.22
CA PRO A 112 9.33 20.29 36.01
C PRO A 112 10.73 20.73 36.43
N GLN A 113 11.34 20.00 37.37
CA GLN A 113 12.68 20.27 37.88
C GLN A 113 13.39 18.95 38.24
N ILE A 114 14.72 19.01 38.43
CA ILE A 114 15.48 17.82 38.82
C ILE A 114 15.09 17.47 40.27
N PRO A 115 14.70 16.20 40.53
CA PRO A 115 14.27 15.84 41.88
C PRO A 115 15.26 16.20 42.99
N SER A 116 14.79 16.97 43.98
CA SER A 116 15.65 17.38 45.09
C SER A 116 15.77 16.24 46.10
N GLY A 117 16.98 15.99 46.56
CA GLY A 117 17.22 14.95 47.54
C GLY A 117 17.48 13.58 46.96
N LEU A 118 18.19 13.52 45.83
CA LEU A 118 18.52 12.24 45.20
C LEU A 118 19.66 11.59 46.00
N PRO A 119 19.68 10.24 46.12
CA PRO A 119 20.76 9.61 46.87
C PRO A 119 22.15 9.86 46.28
N GLU A 120 23.14 10.09 47.16
CA GLU A 120 24.53 10.37 46.80
C GLU A 120 25.22 9.22 46.06
N SER A 121 24.75 7.98 46.26
CA SER A 121 25.32 6.78 45.65
C SER A 121 25.10 6.69 44.13
N LEU A 122 24.13 7.44 43.59
CA LEU A 122 23.82 7.42 42.16
C LEU A 122 25.02 7.63 41.27
N THR A 123 25.22 6.71 40.32
CA THR A 123 26.28 6.74 39.32
C THR A 123 25.70 6.89 37.89
N GLU A 124 24.42 6.52 37.67
CA GLU A 124 23.77 6.66 36.36
C GLU A 124 22.40 7.30 36.55
N LEU A 125 22.22 8.54 36.08
CA LEU A 125 20.94 9.22 36.19
C LEU A 125 20.45 9.66 34.82
N SER A 126 19.24 9.25 34.44
CA SER A 126 18.68 9.60 33.14
C SER A 126 17.40 10.40 33.31
N LEU A 127 17.40 11.65 32.87
CA LEU A 127 16.22 12.51 32.98
C LEU A 127 15.83 13.01 31.58
N ILE A 128 15.86 12.10 30.60
CA ILE A 128 15.52 12.39 29.20
C ILE A 128 14.04 12.73 29.02
N GLN A 129 13.73 13.62 28.07
CA GLN A 129 12.42 14.12 27.66
C GLN A 129 11.51 14.47 28.85
N ASN A 130 11.87 15.52 29.57
CA ASN A 130 11.11 16.05 30.70
C ASN A 130 10.94 17.57 30.53
N ASN A 131 10.40 18.27 31.54
CA ASN A 131 10.24 19.72 31.46
C ASN A 131 11.29 20.46 32.31
N ILE A 132 12.50 19.87 32.41
CA ILE A 132 13.59 20.44 33.19
C ILE A 132 14.25 21.59 32.44
N TYR A 133 14.09 22.80 32.95
CA TYR A 133 14.69 23.97 32.32
C TYR A 133 15.85 24.58 33.14
N ASN A 134 16.11 24.05 34.35
CA ASN A 134 17.17 24.54 35.21
C ASN A 134 18.07 23.41 35.68
N ILE A 135 19.37 23.47 35.36
CA ILE A 135 20.32 22.49 35.86
C ILE A 135 21.00 23.18 37.04
N THR A 136 20.45 22.98 38.25
CA THR A 136 20.95 23.65 39.45
C THR A 136 21.87 22.78 40.30
N LYS A 137 22.70 23.43 41.13
CA LYS A 137 23.62 22.75 42.03
C LYS A 137 22.89 22.04 43.18
N GLU A 138 21.66 22.47 43.51
CA GLU A 138 20.88 21.88 44.59
C GLU A 138 20.56 20.40 44.32
N GLY A 139 20.33 20.05 43.06
CA GLY A 139 20.00 18.68 42.69
C GLY A 139 21.08 17.94 41.92
N ILE A 140 22.20 18.61 41.58
CA ILE A 140 23.28 17.97 40.82
C ILE A 140 24.59 17.89 41.60
N SER A 141 25.12 19.02 42.11
CA SER A 141 26.39 19.11 42.83
C SER A 141 26.59 18.09 43.96
N ARG A 142 25.50 17.66 44.61
CA ARG A 142 25.59 16.70 45.70
C ARG A 142 25.87 15.26 45.21
N LEU A 143 25.51 14.96 43.95
CA LEU A 143 25.71 13.62 43.36
C LEU A 143 27.14 13.52 42.80
N ILE A 144 28.13 13.34 43.68
CA ILE A 144 29.54 13.25 43.27
C ILE A 144 29.91 11.92 42.62
N ASN A 145 29.11 10.86 42.84
CA ASN A 145 29.41 9.56 42.26
C ASN A 145 29.00 9.45 40.78
N LEU A 146 28.19 10.39 40.26
CA LEU A 146 27.70 10.35 38.88
C LEU A 146 28.78 10.15 37.83
N LYS A 147 28.60 9.12 37.01
CA LYS A 147 29.46 8.77 35.90
C LYS A 147 28.71 9.02 34.59
N ASN A 148 27.41 8.68 34.52
CA ASN A 148 26.62 8.88 33.31
C ASN A 148 25.40 9.77 33.59
N LEU A 149 25.37 10.97 32.98
CA LEU A 149 24.26 11.89 33.16
C LEU A 149 23.60 12.21 31.82
N TYR A 150 22.34 11.81 31.67
CA TYR A 150 21.57 12.01 30.45
C TYR A 150 20.49 13.05 30.71
N LEU A 151 20.58 14.22 30.07
CA LEU A 151 19.61 15.29 30.26
C LEU A 151 19.05 15.76 28.92
N ALA A 152 18.90 14.85 27.95
CA ALA A 152 18.41 15.20 26.62
C ALA A 152 16.90 15.49 26.55
N TRP A 153 16.46 16.24 25.51
CA TRP A 153 15.07 16.58 25.19
C TRP A 153 14.29 17.29 26.32
N ASN A 154 14.94 18.20 27.06
CA ASN A 154 14.25 18.90 28.14
C ASN A 154 13.67 20.26 27.71
N CYS A 155 14.53 21.21 27.33
CA CYS A 155 14.11 22.54 26.90
C CYS A 155 14.14 22.50 25.37
N TYR A 156 13.27 21.69 24.76
CA TYR A 156 13.27 21.54 23.31
C TYR A 156 12.00 22.08 22.66
N PHE A 157 12.09 23.27 22.04
CA PHE A 157 10.99 23.92 21.32
C PHE A 157 9.70 24.06 22.12
N CYS A 161 9.98 26.51 24.99
CA CYS A 161 11.26 26.69 25.65
C CYS A 161 11.94 28.00 25.23
N GLU A 162 12.70 28.59 26.18
CA GLU A 162 13.46 29.80 25.93
C GLU A 162 14.82 29.70 26.65
N LYS A 163 15.71 28.80 26.18
CA LYS A 163 17.07 28.54 26.68
C LYS A 163 17.13 27.83 28.08
N THR A 164 18.10 26.90 28.25
CA THR A 164 18.30 26.14 29.48
C THR A 164 19.22 26.88 30.44
N ASN A 165 18.78 27.06 31.69
CA ASN A 165 19.58 27.76 32.69
C ASN A 165 20.53 26.79 33.39
N ILE A 166 21.78 26.73 32.93
CA ILE A 166 22.79 25.88 33.53
C ILE A 166 23.60 26.72 34.51
N GLU A 167 23.46 26.45 35.81
CA GLU A 167 24.16 27.18 36.88
C GLU A 167 25.67 27.10 36.69
N ASP A 168 26.35 28.26 36.75
CA ASP A 168 27.79 28.30 36.54
C ASP A 168 28.57 27.41 37.50
N GLY A 169 29.23 26.40 36.96
CA GLY A 169 30.01 25.45 37.75
C GLY A 169 29.20 24.31 38.33
N VAL A 170 28.06 23.99 37.72
CA VAL A 170 27.21 22.91 38.21
C VAL A 170 27.85 21.53 37.97
N PHE A 171 28.59 21.38 36.87
CA PHE A 171 29.23 20.11 36.55
C PHE A 171 30.65 19.97 37.13
N GLU A 172 31.27 21.10 37.52
CA GLU A 172 32.63 21.17 38.07
C GLU A 172 32.86 20.26 39.27
N THR A 173 31.89 20.17 40.19
CA THR A 173 32.02 19.32 41.37
C THR A 173 31.83 17.81 41.09
N LEU A 174 31.28 17.46 39.91
CA LEU A 174 31.05 16.08 39.52
C LEU A 174 32.32 15.54 38.85
N THR A 175 33.38 15.38 39.64
CA THR A 175 34.69 14.95 39.18
C THR A 175 34.79 13.49 38.70
N ASN A 176 33.69 12.75 38.75
CA ASN A 176 33.68 11.36 38.26
C ASN A 176 32.89 11.18 36.94
N LEU A 177 32.30 12.27 36.40
CA LEU A 177 31.47 12.27 35.20
C LEU A 177 32.21 11.87 33.93
N GLU A 178 31.85 10.72 33.38
CA GLU A 178 32.40 10.17 32.15
C GLU A 178 31.50 10.42 30.92
N LEU A 179 30.20 10.66 31.13
CA LEU A 179 29.29 10.91 30.03
C LEU A 179 28.31 12.01 30.42
N LEU A 180 28.20 13.03 29.57
CA LEU A 180 27.26 14.12 29.80
C LEU A 180 26.51 14.37 28.51
N SER A 181 25.20 14.13 28.52
CA SER A 181 24.39 14.33 27.33
C SER A 181 23.42 15.48 27.55
N LEU A 182 23.60 16.56 26.79
CA LEU A 182 22.70 17.71 26.88
C LEU A 182 22.03 18.01 25.53
N SER A 183 21.92 17.00 24.65
CA SER A 183 21.33 17.11 23.32
C SER A 183 19.86 17.49 23.35
N PHE A 184 19.40 18.13 22.28
CA PHE A 184 18.01 18.55 22.11
C PHE A 184 17.54 19.45 23.24
N ASN A 185 18.34 20.50 23.50
CA ASN A 185 18.09 21.52 24.52
C ASN A 185 18.57 22.86 23.96
N SER A 186 17.83 23.94 24.20
CA SER A 186 18.25 25.27 23.73
C SER A 186 19.42 25.74 24.59
N LEU A 187 20.66 25.47 24.18
CA LEU A 187 21.82 25.86 24.98
C LEU A 187 22.49 27.16 24.56
N SER A 188 22.68 27.36 23.23
CA SER A 188 23.32 28.53 22.61
C SER A 188 24.85 28.55 22.77
N HIS A 189 25.35 28.10 23.94
CA HIS A 189 26.78 28.06 24.25
C HIS A 189 27.14 26.75 24.96
N VAL A 190 28.40 26.31 24.84
CA VAL A 190 28.87 25.11 25.52
C VAL A 190 29.02 25.44 27.00
N PRO A 191 28.41 24.64 27.89
CA PRO A 191 28.51 24.95 29.32
C PRO A 191 29.95 25.03 29.82
N PRO A 192 30.30 26.10 30.56
CA PRO A 192 31.66 26.21 31.08
C PRO A 192 31.86 25.36 32.33
N LYS A 193 33.14 25.16 32.71
CA LYS A 193 33.53 24.39 33.90
C LYS A 193 33.04 22.94 33.86
N LEU A 194 33.46 22.20 32.83
CA LEU A 194 33.10 20.79 32.69
C LEU A 194 34.24 19.95 33.29
N PRO A 195 33.93 18.85 33.98
CA PRO A 195 35.00 18.04 34.60
C PRO A 195 35.92 17.39 33.59
N SER A 196 37.23 17.41 33.88
CA SER A 196 38.26 16.82 33.01
C SER A 196 38.07 15.30 32.79
N SER A 197 37.33 14.64 33.69
CA SER A 197 37.07 13.21 33.60
C SER A 197 36.10 12.82 32.49
N LEU A 198 35.53 13.80 31.75
CA LEU A 198 34.57 13.53 30.68
C LEU A 198 35.18 12.71 29.56
N ARG A 199 34.49 11.64 29.16
CA ARG A 199 34.92 10.78 28.05
C ARG A 199 33.95 10.93 26.87
N LYS A 200 32.67 11.20 27.12
CA LYS A 200 31.68 11.35 26.05
C LYS A 200 30.83 12.61 26.31
N LEU A 201 30.86 13.57 25.37
CA LEU A 201 30.08 14.81 25.52
C LEU A 201 29.12 14.96 24.34
N PHE A 202 27.82 14.87 24.59
CA PHE A 202 26.80 14.95 23.55
C PHE A 202 26.08 16.29 23.54
N LEU A 203 26.24 17.06 22.46
CA LEU A 203 25.62 18.37 22.35
C LEU A 203 24.91 18.52 21.00
N SER A 204 24.16 17.50 20.58
CA SER A 204 23.45 17.54 19.31
C SER A 204 22.20 18.38 19.38
N ASN A 205 21.90 19.17 18.34
CA ASN A 205 20.71 20.03 18.27
C ASN A 205 20.58 20.94 19.49
N THR A 206 21.68 21.62 19.84
CA THR A 206 21.71 22.49 20.99
C THR A 206 21.81 23.98 20.66
N GLN A 207 21.62 24.35 19.38
CA GLN A 207 21.67 25.72 18.88
C GLN A 207 22.99 26.42 19.19
N ILE A 208 24.09 25.66 19.15
CA ILE A 208 25.41 26.21 19.39
C ILE A 208 26.03 26.61 18.05
N LYS A 209 26.01 27.90 17.74
CA LYS A 209 26.54 28.41 16.48
C LYS A 209 28.05 28.59 16.49
N TYR A 210 28.65 28.78 17.68
CA TYR A 210 30.09 29.04 17.78
C TYR A 210 30.81 28.13 18.77
N ILE A 211 31.93 27.55 18.34
CA ILE A 211 32.78 26.71 19.17
C ILE A 211 34.11 27.42 19.32
N SER A 212 34.50 27.75 20.56
CA SER A 212 35.76 28.45 20.80
C SER A 212 36.86 27.51 21.32
N GLU A 213 38.10 28.00 21.32
CA GLU A 213 39.26 27.27 21.84
C GLU A 213 39.07 26.95 23.33
N GLU A 214 38.42 27.86 24.09
CA GLU A 214 38.18 27.72 25.52
C GLU A 214 37.05 26.76 25.88
N ASP A 215 36.16 26.43 24.92
CA ASP A 215 35.00 25.56 25.17
C ASP A 215 35.35 24.12 25.53
N PHE A 216 36.32 23.51 24.83
CA PHE A 216 36.72 22.13 25.12
C PHE A 216 38.21 22.08 25.48
N LYS A 217 38.70 23.09 26.21
CA LYS A 217 40.13 23.19 26.53
C LYS A 217 40.66 22.19 27.59
N GLY A 218 39.95 22.03 28.70
CA GLY A 218 40.42 21.14 29.75
C GLY A 218 39.92 19.71 29.72
N LEU A 219 39.58 19.17 28.53
CA LEU A 219 39.04 17.81 28.44
C LEU A 219 39.96 16.84 27.70
N ILE A 220 41.12 16.50 28.29
CA ILE A 220 42.10 15.60 27.66
C ILE A 220 41.66 14.13 27.57
N ASN A 221 40.69 13.69 28.39
CA ASN A 221 40.24 12.30 28.37
C ASN A 221 39.00 12.07 27.50
N LEU A 222 38.65 13.03 26.63
CA LEU A 222 37.45 12.92 25.80
C LEU A 222 37.63 12.04 24.59
N THR A 223 36.88 10.93 24.51
CA THR A 223 36.91 10.01 23.37
C THR A 223 35.78 10.28 22.35
N LEU A 224 34.69 10.92 22.77
CA LEU A 224 33.58 11.19 21.86
C LEU A 224 33.10 12.63 21.98
N LEU A 225 32.84 13.28 20.85
CA LEU A 225 32.30 14.64 20.84
C LEU A 225 31.18 14.73 19.81
N ASP A 226 29.97 15.05 20.24
CA ASP A 226 28.83 15.12 19.34
C ASP A 226 28.38 16.58 19.18
N LEU A 227 28.65 17.17 18.01
CA LEU A 227 28.22 18.55 17.74
C LEU A 227 27.26 18.63 16.55
N SER A 228 26.55 17.56 16.26
CA SER A 228 25.60 17.49 15.16
C SER A 228 24.33 18.35 15.37
N GLY A 229 23.62 18.64 14.29
CA GLY A 229 22.37 19.39 14.36
C GLY A 229 22.43 20.87 14.71
N ASN A 230 23.64 21.42 14.84
CA ASN A 230 23.88 22.84 15.14
C ASN A 230 24.18 23.50 13.80
N CYS A 231 23.28 24.39 13.33
CA CYS A 231 23.26 25.01 11.99
C CYS A 231 22.93 23.89 11.01
N PRO A 232 21.71 23.32 11.09
CA PRO A 232 21.43 22.11 10.32
C PRO A 232 20.99 22.28 8.88
N ARG A 233 21.18 21.20 8.11
CA ARG A 233 20.73 21.07 6.73
C ARG A 233 19.48 20.22 6.87
N CYS A 234 18.33 20.78 6.58
CA CYS A 234 17.06 20.08 6.76
C CYS A 234 16.84 18.97 5.73
N PHE A 235 16.55 17.76 6.22
CA PHE A 235 16.39 16.60 5.36
C PHE A 235 15.55 15.51 6.04
N ASN A 236 14.22 15.67 6.04
CA ASN A 236 13.28 14.71 6.61
C ASN A 236 13.63 14.23 8.05
N ALA A 237 14.16 15.12 8.87
CA ALA A 237 14.48 14.79 10.26
C ALA A 237 13.17 14.66 11.06
N PRO A 238 13.06 13.68 11.97
CA PRO A 238 11.81 13.54 12.75
C PRO A 238 11.66 14.56 13.89
N PHE A 239 12.46 15.63 13.88
CA PHE A 239 12.43 16.70 14.86
C PHE A 239 12.56 18.06 14.16
N PRO A 240 12.10 19.15 14.78
CA PRO A 240 12.18 20.47 14.11
C PRO A 240 13.56 20.86 13.60
N CYS A 241 13.63 21.35 12.37
CA CYS A 241 14.89 21.80 11.78
C CYS A 241 14.78 23.26 11.43
N VAL A 242 15.62 24.09 12.05
CA VAL A 242 15.64 25.52 11.77
C VAL A 242 17.07 25.92 11.43
N PRO A 243 17.34 26.17 10.13
CA PRO A 243 18.72 26.48 9.72
C PRO A 243 19.25 27.79 10.24
N CYS A 244 20.58 27.92 10.28
CA CYS A 244 21.21 29.14 10.75
C CYS A 244 20.99 30.32 9.80
N ASP A 245 21.12 31.53 10.33
CA ASP A 245 20.89 32.76 9.60
C ASP A 245 21.81 32.96 8.39
N GLY A 246 21.21 32.95 7.21
CA GLY A 246 21.91 33.16 5.95
C GLY A 246 22.76 31.99 5.47
N GLY A 247 22.30 30.78 5.73
CA GLY A 247 23.02 29.57 5.33
C GLY A 247 24.37 29.45 5.99
N ALA A 248 24.47 29.90 7.24
CA ALA A 248 25.73 29.83 7.97
C ALA A 248 25.95 28.43 8.54
N SER A 249 27.22 28.06 8.66
CA SER A 249 27.62 26.76 9.20
C SER A 249 28.04 26.91 10.68
N ILE A 250 28.37 25.79 11.34
CA ILE A 250 28.88 25.85 12.70
C ILE A 250 30.29 26.49 12.63
N ASN A 251 30.55 27.48 13.50
CA ASN A 251 31.83 28.16 13.46
C ASN A 251 32.78 27.57 14.49
N ILE A 252 33.56 26.57 14.10
CA ILE A 252 34.51 25.95 15.01
C ILE A 252 35.84 26.68 14.88
N ASP A 253 36.42 27.09 16.01
CA ASP A 253 37.71 27.79 16.01
C ASP A 253 38.83 26.84 15.55
N ARG A 254 39.90 27.39 14.96
CA ARG A 254 41.05 26.62 14.48
C ARG A 254 41.65 25.73 15.59
N PHE A 255 41.81 26.28 16.79
CA PHE A 255 42.40 25.55 17.91
C PHE A 255 41.37 25.05 18.92
N ALA A 256 40.12 24.82 18.50
CA ALA A 256 39.08 24.34 19.42
C ALA A 256 39.28 22.88 19.81
N PHE A 257 39.88 22.07 18.94
CA PHE A 257 40.13 20.66 19.23
C PHE A 257 41.62 20.33 19.41
N GLN A 258 42.44 21.33 19.79
CA GLN A 258 43.88 21.12 19.96
C GLN A 258 44.26 20.33 21.23
N ASN A 259 43.34 20.21 22.18
CA ASN A 259 43.60 19.47 23.42
C ASN A 259 42.90 18.11 23.47
N LEU A 260 41.94 17.84 22.56
CA LEU A 260 41.22 16.57 22.53
C LEU A 260 42.05 15.51 21.77
N THR A 261 43.21 15.12 22.34
CA THR A 261 44.13 14.17 21.71
C THR A 261 43.61 12.73 21.67
N GLN A 262 42.73 12.37 22.60
CA GLN A 262 42.19 11.02 22.66
C GLN A 262 40.86 10.85 21.91
N LEU A 263 40.46 11.82 21.09
CA LEU A 263 39.19 11.76 20.39
C LEU A 263 39.12 10.64 19.34
N ARG A 264 38.18 9.72 19.52
CA ARG A 264 37.96 8.61 18.61
C ARG A 264 36.69 8.82 17.78
N TYR A 265 35.67 9.48 18.35
CA TYR A 265 34.40 9.69 17.66
C TYR A 265 34.07 11.18 17.54
N LEU A 266 33.90 11.67 16.30
CA LEU A 266 33.53 13.06 16.07
C LEU A 266 32.29 13.13 15.19
N ASN A 267 31.20 13.70 15.71
CA ASN A 267 29.96 13.79 14.96
C ASN A 267 29.63 15.22 14.57
N LEU A 268 29.86 15.58 13.31
CA LEU A 268 29.55 16.92 12.82
C LEU A 268 28.44 16.88 11.76
N SER A 269 27.50 15.94 11.89
CA SER A 269 26.40 15.81 10.93
C SER A 269 25.45 16.99 11.00
N SER A 270 24.86 17.38 9.87
CA SER A 270 23.93 18.50 9.81
C SER A 270 24.45 19.79 10.49
N THR A 271 25.60 20.25 10.04
CA THR A 271 26.20 21.47 10.57
C THR A 271 26.43 22.54 9.46
N SER A 272 25.83 22.34 8.26
CA SER A 272 25.92 23.20 7.09
C SER A 272 27.35 23.54 6.67
N LEU A 273 28.31 22.67 7.04
CA LEU A 273 29.72 22.84 6.74
C LEU A 273 30.01 22.80 5.25
N ARG A 274 30.79 23.78 4.80
CA ARG A 274 31.23 23.90 3.41
C ARG A 274 32.76 23.78 3.33
N LYS A 275 33.47 24.18 4.40
CA LYS A 275 34.91 24.09 4.50
C LYS A 275 35.28 23.31 5.78
N ILE A 276 36.26 22.42 5.68
CA ILE A 276 36.75 21.63 6.82
C ILE A 276 38.18 22.05 7.10
N ASN A 277 38.44 22.57 8.30
CA ASN A 277 39.80 23.01 8.65
C ASN A 277 40.63 21.80 9.05
N ALA A 278 41.68 21.52 8.27
CA ALA A 278 42.58 20.40 8.54
C ALA A 278 43.30 20.52 9.89
N ALA A 279 43.44 21.75 10.42
CA ALA A 279 44.05 22.02 11.73
C ALA A 279 43.27 21.42 12.90
N TRP A 280 41.99 21.07 12.70
CA TRP A 280 41.17 20.44 13.74
C TRP A 280 41.65 19.03 14.06
N PHE A 281 42.28 18.35 13.09
CA PHE A 281 42.74 16.97 13.25
C PHE A 281 44.26 16.84 13.40
N LYS A 282 44.97 17.94 13.71
CA LYS A 282 46.42 17.86 13.86
C LYS A 282 46.80 17.18 15.18
N ASN A 283 46.06 17.48 16.25
CA ASN A 283 46.32 16.86 17.55
C ASN A 283 45.19 15.87 17.85
N MET A 284 44.83 15.07 16.85
CA MET A 284 43.77 14.07 16.95
C MET A 284 44.24 12.83 16.16
N PRO A 285 45.31 12.16 16.61
CA PRO A 285 45.82 11.01 15.86
C PRO A 285 45.02 9.72 15.99
N HIS A 286 44.07 9.65 16.94
CA HIS A 286 43.30 8.43 17.16
C HIS A 286 41.89 8.47 16.59
N LEU A 287 41.53 9.50 15.79
CA LEU A 287 40.17 9.61 15.23
C LEU A 287 39.80 8.39 14.42
N LYS A 288 38.80 7.64 14.92
CA LYS A 288 38.35 6.37 14.38
C LYS A 288 37.04 6.50 13.57
N VAL A 289 36.10 7.32 14.03
CA VAL A 289 34.81 7.49 13.34
C VAL A 289 34.50 8.97 13.10
N LEU A 290 34.30 9.36 11.83
CA LEU A 290 34.00 10.75 11.51
C LEU A 290 32.72 10.87 10.69
N ASP A 291 31.74 11.58 11.25
CA ASP A 291 30.45 11.78 10.58
C ASP A 291 30.32 13.19 10.03
N LEU A 292 30.39 13.36 8.71
CA LEU A 292 30.21 14.66 8.08
C LEU A 292 29.01 14.64 7.12
N GLU A 293 27.97 13.84 7.43
CA GLU A 293 26.78 13.77 6.59
C GLU A 293 25.85 14.97 6.78
N PHE A 294 24.98 15.24 5.78
CA PHE A 294 24.05 16.35 5.77
C PHE A 294 24.73 17.72 5.83
N ASN A 295 25.82 17.87 5.08
CA ASN A 295 26.55 19.12 5.00
C ASN A 295 26.57 19.58 3.51
N TYR A 296 27.51 20.43 3.12
CA TYR A 296 27.63 20.87 1.73
C TYR A 296 29.09 20.74 1.36
N LEU A 297 29.63 19.53 1.54
CA LEU A 297 31.05 19.24 1.36
C LEU A 297 31.42 18.56 0.04
N VAL A 298 30.73 18.89 -1.07
CA VAL A 298 31.07 18.31 -2.37
C VAL A 298 32.49 18.75 -2.79
N GLY A 299 32.80 20.03 -2.57
CA GLY A 299 34.11 20.60 -2.87
C GLY A 299 35.20 20.02 -1.99
N GLU A 300 34.90 19.78 -0.71
CA GLU A 300 35.84 19.18 0.23
C GLU A 300 36.15 17.73 -0.11
N ILE A 301 35.17 17.01 -0.68
CA ILE A 301 35.38 15.62 -1.09
C ILE A 301 36.35 15.57 -2.30
N ALA A 302 36.29 16.59 -3.18
CA ALA A 302 37.10 16.69 -4.39
C ALA A 302 38.55 17.14 -4.18
N SER A 303 38.81 17.92 -3.12
CA SER A 303 40.17 18.42 -2.88
C SER A 303 40.65 18.15 -1.45
N GLY A 304 39.80 18.48 -0.48
CA GLY A 304 39.98 18.32 0.96
C GLY A 304 41.36 18.03 1.53
N ALA A 305 41.96 19.04 2.17
CA ALA A 305 43.25 18.87 2.81
C ALA A 305 43.15 18.00 4.09
N PHE A 306 41.95 17.93 4.70
CA PHE A 306 41.67 17.16 5.91
C PHE A 306 41.85 15.65 5.74
N LEU A 307 41.76 15.15 4.49
CA LEU A 307 41.92 13.72 4.21
C LEU A 307 43.32 13.20 4.51
N THR A 308 44.33 14.08 4.45
CA THR A 308 45.70 13.70 4.78
C THR A 308 45.99 13.71 6.30
N MET A 309 45.00 14.09 7.12
CA MET A 309 45.13 14.19 8.58
C MET A 309 44.45 13.05 9.33
N LEU A 310 43.91 12.03 8.63
CA LEU A 310 43.19 10.94 9.28
C LEU A 310 43.79 9.55 8.96
N PRO A 311 44.99 9.23 9.47
CA PRO A 311 45.60 7.93 9.14
C PRO A 311 45.00 6.73 9.88
N ARG A 312 44.29 6.98 10.99
CA ARG A 312 43.69 5.90 11.77
C ARG A 312 42.16 5.87 11.68
N LEU A 313 41.56 6.61 10.73
CA LEU A 313 40.10 6.65 10.57
C LEU A 313 39.61 5.36 9.95
N GLU A 314 38.62 4.72 10.56
CA GLU A 314 38.08 3.48 10.07
C GLU A 314 36.70 3.67 9.44
N ILE A 315 35.89 4.60 9.97
CA ILE A 315 34.56 4.85 9.39
C ILE A 315 34.41 6.31 8.97
N LEU A 316 34.20 6.55 7.68
CA LEU A 316 33.99 7.91 7.18
C LEU A 316 32.62 8.00 6.53
N ASP A 317 31.79 8.95 6.98
CA ASP A 317 30.46 9.11 6.40
C ASP A 317 30.30 10.52 5.84
N LEU A 318 30.21 10.64 4.50
CA LEU A 318 30.02 11.92 3.82
C LEU A 318 28.69 11.90 3.05
N SER A 319 27.66 11.27 3.62
CA SER A 319 26.37 11.13 2.96
C SER A 319 25.51 12.39 2.94
N PHE A 320 24.64 12.50 1.93
CA PHE A 320 23.69 13.62 1.78
C PHE A 320 24.37 14.98 1.77
N ASN A 321 25.46 15.07 1.03
CA ASN A 321 26.20 16.32 0.88
C ASN A 321 26.00 16.92 -0.52
N TYR A 322 24.97 16.50 -1.26
CA TYR A 322 24.72 16.98 -2.62
C TYR A 322 24.45 18.47 -2.73
N ILE A 323 24.67 19.04 -3.92
CA ILE A 323 24.37 20.44 -4.18
C ILE A 323 23.02 20.43 -4.90
N LYS A 324 22.03 21.16 -4.38
CA LYS A 324 20.69 21.17 -4.99
C LYS A 324 20.74 21.66 -6.44
N GLY A 325 20.10 20.94 -7.33
CA GLY A 325 20.09 21.28 -8.75
C GLY A 325 21.27 20.75 -9.54
N SER A 326 22.28 20.20 -8.86
CA SER A 326 23.49 19.70 -9.50
C SER A 326 23.51 18.18 -9.60
N TYR A 327 23.45 17.67 -10.84
CA TYR A 327 23.47 16.23 -11.14
C TYR A 327 24.70 15.99 -12.03
N PRO A 328 25.92 15.93 -11.46
CA PRO A 328 27.11 15.75 -12.30
C PRO A 328 27.20 14.37 -12.94
N GLN A 329 27.97 14.26 -14.03
CA GLN A 329 28.14 12.98 -14.70
C GLN A 329 28.97 12.05 -13.83
N HIS A 330 30.01 12.57 -13.14
CA HIS A 330 30.86 11.72 -12.31
C HIS A 330 31.02 12.23 -10.87
N ILE A 331 31.47 11.33 -9.97
CA ILE A 331 31.74 11.70 -8.59
C ILE A 331 33.20 12.18 -8.52
N ASN A 332 33.45 13.35 -7.92
CA ASN A 332 34.83 13.88 -7.83
C ASN A 332 35.45 13.49 -6.49
N ILE A 333 36.29 12.45 -6.51
CA ILE A 333 36.96 11.93 -5.32
C ILE A 333 38.41 12.40 -5.31
N SER A 334 38.82 13.09 -4.24
CA SER A 334 40.18 13.62 -4.07
C SER A 334 41.22 12.52 -4.10
N ARG A 335 42.40 12.81 -4.66
CA ARG A 335 43.49 11.84 -4.66
C ARG A 335 43.95 11.55 -3.21
N ASN A 336 43.75 12.52 -2.28
CA ASN A 336 44.08 12.39 -0.86
C ASN A 336 43.25 11.33 -0.13
N PHE A 337 42.28 10.70 -0.80
CA PHE A 337 41.52 9.60 -0.20
C PHE A 337 42.43 8.36 -0.01
N SER A 338 43.52 8.25 -0.79
CA SER A 338 44.52 7.18 -0.65
C SER A 338 45.30 7.25 0.68
N LYS A 339 45.22 8.41 1.38
CA LYS A 339 45.85 8.62 2.68
C LYS A 339 45.01 8.08 3.86
N LEU A 340 43.77 7.60 3.60
CA LEU A 340 42.93 7.03 4.64
C LEU A 340 43.28 5.55 4.74
N LEU A 341 44.50 5.27 5.21
CA LEU A 341 45.07 3.93 5.31
C LEU A 341 44.30 2.94 6.19
N SER A 342 43.58 3.42 7.23
CA SER A 342 42.82 2.54 8.10
C SER A 342 41.33 2.41 7.73
N LEU A 343 40.90 3.07 6.63
CA LEU A 343 39.49 3.06 6.22
C LEU A 343 38.94 1.68 5.99
N ARG A 344 37.86 1.35 6.68
CA ARG A 344 37.16 0.07 6.60
C ARG A 344 35.81 0.27 5.88
N ALA A 345 35.11 1.37 6.21
CA ALA A 345 33.80 1.65 5.63
C ALA A 345 33.68 3.09 5.14
N LEU A 346 33.25 3.25 3.89
CA LEU A 346 33.04 4.55 3.29
C LEU A 346 31.57 4.67 2.93
N HIS A 347 30.91 5.71 3.46
CA HIS A 347 29.51 5.94 3.20
C HIS A 347 29.36 7.17 2.34
N LEU A 348 28.99 6.96 1.09
CA LEU A 348 28.83 8.04 0.12
C LEU A 348 27.39 8.10 -0.43
N ARG A 349 26.38 7.93 0.45
CA ARG A 349 24.98 8.03 0.02
C ARG A 349 24.63 9.48 -0.31
N GLY A 350 23.61 9.70 -1.11
CA GLY A 350 23.14 11.04 -1.42
C GLY A 350 24.11 12.07 -1.98
N TYR A 351 25.14 11.64 -2.71
CA TYR A 351 26.03 12.59 -3.39
C TYR A 351 25.32 13.11 -4.67
N VAL A 352 24.50 12.23 -5.30
CA VAL A 352 23.70 12.45 -6.51
C VAL A 352 24.59 12.69 -7.73
N PHE A 353 24.83 11.63 -8.51
CA PHE A 353 25.64 11.64 -9.72
C PHE A 353 25.16 10.57 -10.74
N GLN A 354 25.49 10.73 -12.03
CA GLN A 354 24.98 9.85 -13.08
C GLN A 354 25.80 8.62 -13.48
N GLU A 355 27.13 8.65 -13.35
CA GLU A 355 27.98 7.54 -13.80
C GLU A 355 29.12 7.25 -12.85
N LEU A 356 29.41 5.97 -12.61
CA LEU A 356 30.54 5.59 -11.77
C LEU A 356 31.58 4.97 -12.66
N ARG A 357 32.65 5.73 -12.95
CA ARG A 357 33.71 5.26 -13.83
C ARG A 357 34.82 4.53 -13.08
N GLU A 358 35.58 3.71 -13.81
CA GLU A 358 36.69 2.97 -13.25
C GLU A 358 37.75 3.87 -12.62
N ASP A 359 38.07 5.00 -13.28
CA ASP A 359 39.08 5.93 -12.77
C ASP A 359 38.56 6.88 -11.66
N ASP A 360 37.26 6.85 -11.34
CA ASP A 360 36.69 7.70 -10.30
C ASP A 360 37.06 7.19 -8.91
N PHE A 361 37.10 5.87 -8.73
CA PHE A 361 37.42 5.27 -7.45
C PHE A 361 38.85 4.76 -7.37
N GLN A 362 39.77 5.36 -8.14
CA GLN A 362 41.20 5.03 -8.10
C GLN A 362 41.82 5.33 -6.72
N PRO A 363 41.55 6.48 -6.06
CA PRO A 363 42.14 6.71 -4.73
C PRO A 363 41.71 5.75 -3.61
N LEU A 364 40.76 4.85 -3.87
CA LEU A 364 40.32 3.90 -2.86
C LEU A 364 40.80 2.46 -3.10
N MET A 365 41.28 2.14 -4.31
CA MET A 365 41.64 0.79 -4.71
C MET A 365 42.85 0.14 -3.99
N GLN A 366 43.75 0.93 -3.40
CA GLN A 366 44.91 0.35 -2.72
C GLN A 366 44.80 0.40 -1.17
N LEU A 367 43.61 0.73 -0.64
CA LEU A 367 43.40 0.74 0.80
C LEU A 367 43.16 -0.71 1.22
N PRO A 368 43.96 -1.25 2.15
CA PRO A 368 43.82 -2.67 2.49
C PRO A 368 42.60 -3.07 3.31
N ASN A 369 42.18 -2.21 4.25
CA ASN A 369 41.06 -2.49 5.14
C ASN A 369 39.68 -2.18 4.57
N LEU A 370 39.57 -1.42 3.45
CA LEU A 370 38.29 -1.01 2.87
C LEU A 370 37.41 -2.16 2.41
N SER A 371 36.46 -2.55 3.27
CA SER A 371 35.53 -3.66 3.02
C SER A 371 34.11 -3.22 2.68
N THR A 372 33.72 -2.00 3.06
CA THR A 372 32.37 -1.52 2.79
C THR A 372 32.34 -0.26 1.94
N ILE A 373 31.62 -0.30 0.82
CA ILE A 373 31.40 0.87 0.00
C ILE A 373 29.92 1.08 -0.09
N ASN A 374 29.44 2.14 0.55
CA ASN A 374 28.03 2.46 0.58
C ASN A 374 27.72 3.54 -0.47
N LEU A 375 27.07 3.16 -1.58
CA LEU A 375 26.70 4.12 -2.61
C LEU A 375 25.18 4.26 -2.80
N GLY A 376 24.41 3.91 -1.77
CA GLY A 376 22.96 3.96 -1.80
C GLY A 376 22.39 5.34 -2.05
N ILE A 377 21.18 5.41 -2.65
CA ILE A 377 20.45 6.65 -2.94
C ILE A 377 21.34 7.67 -3.66
N ASN A 378 21.79 7.33 -4.86
CA ASN A 378 22.66 8.23 -5.63
C ASN A 378 22.18 8.52 -7.05
N PHE A 379 21.10 7.84 -7.50
CA PHE A 379 20.50 8.04 -8.81
C PHE A 379 21.50 7.74 -9.93
N ILE A 380 22.39 6.75 -9.71
CA ILE A 380 23.43 6.39 -10.67
C ILE A 380 22.78 5.62 -11.81
N LYS A 381 23.02 6.03 -13.05
CA LYS A 381 22.43 5.36 -14.21
C LYS A 381 23.31 4.21 -14.71
N GLN A 382 24.62 4.41 -14.73
CA GLN A 382 25.58 3.43 -15.21
C GLN A 382 26.72 3.29 -14.23
N ILE A 383 27.25 2.08 -14.09
CA ILE A 383 28.42 1.81 -13.26
C ILE A 383 29.32 0.87 -14.05
N ASP A 384 30.63 1.15 -14.10
CA ASP A 384 31.55 0.24 -14.75
C ASP A 384 31.91 -0.81 -13.69
N PHE A 385 31.13 -1.89 -13.58
CA PHE A 385 31.30 -2.92 -12.54
C PHE A 385 32.68 -3.60 -12.53
N LYS A 386 33.49 -3.40 -13.57
CA LYS A 386 34.84 -3.95 -13.61
C LYS A 386 35.75 -3.29 -12.55
N LEU A 387 35.42 -2.07 -12.09
CA LEU A 387 36.21 -1.35 -11.09
C LEU A 387 36.22 -2.04 -9.73
N PHE A 388 35.16 -2.81 -9.41
CA PHE A 388 35.07 -3.48 -8.11
C PHE A 388 36.09 -4.63 -7.98
N GLN A 389 36.53 -5.21 -9.10
CA GLN A 389 37.56 -6.25 -9.10
C GLN A 389 38.89 -5.68 -8.62
N ASN A 390 39.19 -4.43 -9.02
CA ASN A 390 40.43 -3.75 -8.70
C ASN A 390 40.57 -3.32 -7.22
N PHE A 391 39.63 -3.73 -6.35
CA PHE A 391 39.67 -3.41 -4.92
C PHE A 391 40.38 -4.48 -4.11
N SER A 392 41.17 -4.06 -3.10
CA SER A 392 41.94 -4.95 -2.23
C SER A 392 41.08 -6.00 -1.47
N ASN A 393 40.09 -5.56 -0.67
CA ASN A 393 39.30 -6.50 0.10
C ASN A 393 37.86 -6.04 0.33
N LEU A 394 37.08 -5.92 -0.76
CA LEU A 394 35.68 -5.52 -0.64
C LEU A 394 34.80 -6.70 -0.23
N GLU A 395 33.93 -6.47 0.73
CA GLU A 395 33.00 -7.49 1.20
C GLU A 395 31.55 -7.04 1.05
N ILE A 396 31.28 -5.73 1.04
CA ILE A 396 29.95 -5.16 0.89
C ILE A 396 29.91 -4.04 -0.16
N ILE A 397 29.19 -4.26 -1.26
CA ILE A 397 29.00 -3.25 -2.29
C ILE A 397 27.52 -2.90 -2.24
N TYR A 398 27.17 -1.81 -1.55
CA TYR A 398 25.77 -1.44 -1.38
C TYR A 398 25.33 -0.40 -2.41
N LEU A 399 24.55 -0.82 -3.42
CA LEU A 399 24.09 0.07 -4.48
C LEU A 399 22.56 0.21 -4.54
N SER A 400 21.87 -0.04 -3.43
CA SER A 400 20.42 0.07 -3.38
C SER A 400 19.93 1.49 -3.67
N GLU A 401 18.74 1.63 -4.29
CA GLU A 401 18.13 2.91 -4.64
C GLU A 401 18.95 3.74 -5.64
N ASN A 402 19.20 3.17 -6.80
CA ASN A 402 19.92 3.82 -7.89
C ASN A 402 19.15 3.55 -9.21
N ARG A 403 19.59 4.11 -10.36
CA ARG A 403 18.86 3.91 -11.62
C ARG A 403 19.61 2.99 -12.59
N ILE A 404 20.17 1.88 -12.08
CA ILE A 404 20.89 0.95 -12.93
C ILE A 404 19.90 0.21 -13.83
N SER A 405 20.15 0.20 -15.13
CA SER A 405 19.29 -0.40 -16.16
C SER A 405 19.79 -1.81 -16.57
N PRO A 406 18.97 -2.60 -17.31
CA PRO A 406 19.45 -3.91 -17.77
C PRO A 406 20.69 -3.80 -18.66
N ASP A 436 12.82 7.76 18.75
CA ASP A 436 13.64 7.14 19.79
C ASP A 436 14.84 8.01 20.15
N PRO A 437 14.86 8.56 21.37
CA PRO A 437 15.98 9.42 21.77
C PRO A 437 17.30 8.70 22.04
N HIS A 438 17.27 7.37 22.21
CA HIS A 438 18.48 6.59 22.48
C HIS A 438 19.07 5.99 21.20
N SER A 439 18.87 6.65 20.04
CA SER A 439 19.38 6.12 18.78
C SER A 439 20.20 7.15 17.97
N ASN A 440 21.00 6.65 17.00
CA ASN A 440 21.80 7.46 16.09
C ASN A 440 20.87 8.03 15.04
N PHE A 441 20.62 9.34 15.06
CA PHE A 441 19.69 9.99 14.13
C PHE A 441 20.23 10.28 12.74
N TYR A 442 21.56 10.40 12.59
CA TYR A 442 22.13 10.77 11.29
C TYR A 442 22.83 9.65 10.55
N HIS A 443 23.13 8.54 11.22
CA HIS A 443 23.82 7.43 10.56
C HIS A 443 23.09 6.10 10.70
N PHE A 444 23.02 5.36 9.58
CA PHE A 444 22.39 4.05 9.47
C PHE A 444 23.13 3.07 10.36
N THR A 445 22.49 2.57 11.45
CA THR A 445 23.17 1.61 12.33
C THR A 445 22.89 0.16 11.96
N ARG A 446 21.71 -0.13 11.41
CA ARG A 446 21.38 -1.49 10.99
C ARG A 446 22.31 -1.94 9.83
N PRO A 447 22.58 -3.25 9.69
CA PRO A 447 23.48 -3.69 8.63
C PRO A 447 22.93 -3.36 7.26
N LEU A 448 23.81 -2.99 6.33
CA LEU A 448 23.42 -2.67 4.95
C LEU A 448 22.83 -3.92 4.28
N ILE A 449 23.46 -5.07 4.51
CA ILE A 449 23.01 -6.35 3.98
C ILE A 449 22.74 -7.29 5.16
N LYS A 450 21.67 -8.09 5.09
CA LYS A 450 21.32 -9.07 6.13
C LYS A 450 22.51 -9.98 6.45
N PRO A 451 22.89 -10.07 7.73
CA PRO A 451 24.06 -10.88 8.11
C PRO A 451 24.06 -12.33 7.60
N GLN A 452 22.88 -12.91 7.43
CA GLN A 452 22.72 -14.27 6.91
C GLN A 452 23.17 -14.39 5.45
N CYS A 453 23.09 -13.29 4.69
CA CYS A 453 23.49 -13.19 3.30
C CYS A 453 25.00 -12.89 3.23
N ALA A 454 25.45 -11.84 3.95
CA ALA A 454 26.83 -11.37 3.97
C ALA A 454 27.83 -12.42 4.44
N ALA A 455 27.42 -13.35 5.32
CA ALA A 455 28.30 -14.40 5.83
C ALA A 455 28.82 -15.35 4.74
N TYR A 456 28.09 -15.50 3.62
CA TYR A 456 28.52 -16.39 2.54
C TYR A 456 29.74 -15.90 1.77
N GLY A 457 29.97 -14.59 1.75
CA GLY A 457 31.09 -14.02 1.05
C GLY A 457 30.82 -12.60 0.56
N LYS A 458 31.41 -12.23 -0.59
CA LYS A 458 31.21 -10.90 -1.17
C LYS A 458 29.73 -10.64 -1.44
N ALA A 459 29.23 -9.48 -1.01
CA ALA A 459 27.83 -9.14 -1.19
C ALA A 459 27.65 -7.93 -2.11
N LEU A 460 26.66 -8.00 -2.99
CA LEU A 460 26.31 -6.90 -3.89
C LEU A 460 24.82 -6.62 -3.70
N ASP A 461 24.44 -5.38 -3.44
CA ASP A 461 23.04 -5.05 -3.25
C ASP A 461 22.57 -4.16 -4.37
N LEU A 462 21.90 -4.75 -5.36
CA LEU A 462 21.34 -3.98 -6.47
C LEU A 462 19.82 -3.81 -6.34
N SER A 463 19.28 -3.84 -5.11
CA SER A 463 17.84 -3.67 -4.90
C SER A 463 17.34 -2.24 -5.21
N LEU A 464 16.02 -2.07 -5.44
CA LEU A 464 15.39 -0.78 -5.75
C LEU A 464 16.09 -0.05 -6.86
N ASN A 465 16.51 -0.79 -7.88
CA ASN A 465 17.16 -0.20 -9.04
C ASN A 465 16.17 -0.20 -10.23
N SER A 466 16.63 -0.08 -11.48
CA SER A 466 15.73 -0.06 -12.64
C SER A 466 16.00 -1.26 -13.55
N ILE A 467 16.34 -2.41 -12.96
CA ILE A 467 16.64 -3.62 -13.70
C ILE A 467 15.34 -4.38 -13.99
N PHE A 468 14.56 -3.91 -14.98
CA PHE A 468 13.28 -4.52 -15.32
C PHE A 468 13.39 -5.91 -16.00
N PHE A 469 14.59 -6.26 -16.46
CA PHE A 469 14.97 -7.57 -17.00
C PHE A 469 16.49 -7.74 -16.84
N ILE A 470 16.95 -8.98 -16.63
CA ILE A 470 18.38 -9.25 -16.48
C ILE A 470 19.04 -9.39 -17.85
N GLY A 471 19.77 -8.37 -18.26
CA GLY A 471 20.45 -8.40 -19.54
C GLY A 471 21.60 -9.40 -19.57
N PRO A 472 22.06 -9.80 -20.76
CA PRO A 472 23.17 -10.77 -20.82
C PRO A 472 24.49 -10.27 -20.24
N ASN A 473 24.70 -8.94 -20.21
CA ASN A 473 25.93 -8.38 -19.63
C ASN A 473 25.71 -7.81 -18.22
N GLN A 474 24.61 -8.16 -17.56
CA GLN A 474 24.25 -7.64 -16.24
C GLN A 474 25.32 -7.79 -15.18
N PHE A 475 25.97 -8.96 -15.14
CA PHE A 475 26.95 -9.23 -14.10
C PHE A 475 28.37 -9.49 -14.62
N GLU A 476 28.66 -9.11 -15.88
CA GLU A 476 30.01 -9.30 -16.41
C GLU A 476 31.02 -8.44 -15.66
N ASN A 477 32.24 -8.98 -15.45
CA ASN A 477 33.36 -8.33 -14.76
C ASN A 477 33.12 -8.07 -13.28
N LEU A 478 32.27 -8.90 -12.65
CA LEU A 478 31.99 -8.76 -11.22
C LEU A 478 32.84 -9.74 -10.43
N PRO A 479 33.25 -9.38 -9.20
CA PRO A 479 34.01 -10.33 -8.38
C PRO A 479 33.21 -11.60 -8.05
N ASP A 480 33.78 -12.53 -7.27
CA ASP A 480 33.07 -13.75 -6.92
C ASP A 480 32.00 -13.42 -5.89
N ILE A 481 30.82 -13.05 -6.38
CA ILE A 481 29.70 -12.65 -5.54
C ILE A 481 29.03 -13.87 -4.93
N ALA A 482 28.96 -13.91 -3.59
CA ALA A 482 28.29 -15.00 -2.89
C ALA A 482 26.92 -14.61 -2.32
N CYS A 483 26.63 -13.31 -2.22
CA CYS A 483 25.37 -12.80 -1.72
C CYS A 483 24.90 -11.74 -2.71
N LEU A 484 23.69 -11.90 -3.26
CA LEU A 484 23.17 -10.94 -4.23
C LEU A 484 21.74 -10.55 -3.91
N ASN A 485 21.44 -9.24 -3.97
CA ASN A 485 20.11 -8.72 -3.72
C ASN A 485 19.58 -7.99 -4.95
N LEU A 486 18.59 -8.57 -5.62
CA LEU A 486 17.92 -7.94 -6.77
C LEU A 486 16.47 -7.57 -6.42
N SER A 487 16.19 -7.31 -5.15
CA SER A 487 14.87 -7.00 -4.65
C SER A 487 14.27 -5.73 -5.24
N ALA A 488 12.93 -5.67 -5.28
CA ALA A 488 12.16 -4.51 -5.72
C ALA A 488 12.70 -3.84 -6.98
N ASN A 489 12.88 -4.63 -8.03
CA ASN A 489 13.34 -4.10 -9.32
C ASN A 489 12.26 -4.18 -10.40
N SER A 490 11.02 -4.58 -10.04
CA SER A 490 9.92 -4.81 -10.99
C SER A 490 10.36 -5.72 -12.15
N ASN A 491 11.32 -6.61 -11.88
CA ASN A 491 11.93 -7.49 -12.83
C ASN A 491 10.96 -8.57 -13.30
N ALA A 492 10.64 -8.59 -14.60
CA ALA A 492 9.70 -9.58 -15.14
C ALA A 492 10.37 -10.65 -16.02
N GLN A 493 11.68 -10.88 -15.82
CA GLN A 493 12.50 -11.82 -16.55
C GLN A 493 11.96 -13.24 -16.60
N VAL A 494 11.98 -13.85 -17.78
CA VAL A 494 11.63 -15.25 -17.93
C VAL A 494 12.98 -15.93 -17.72
N LEU A 495 13.18 -16.56 -16.56
CA LEU A 495 14.45 -17.20 -16.24
C LEU A 495 14.66 -18.47 -17.06
N SER A 496 15.83 -18.58 -17.70
CA SER A 496 16.17 -19.69 -18.56
C SER A 496 17.40 -20.51 -18.12
N GLY A 497 18.14 -20.02 -17.13
CA GLY A 497 19.32 -20.74 -16.65
C GLY A 497 20.65 -20.20 -17.14
N THR A 498 20.65 -18.99 -17.70
CA THR A 498 21.89 -18.37 -18.20
C THR A 498 22.07 -16.93 -17.71
N GLU A 499 21.13 -16.38 -16.93
CA GLU A 499 21.18 -14.98 -16.49
C GLU A 499 22.22 -14.69 -15.42
N PHE A 500 22.59 -15.70 -14.64
CA PHE A 500 23.56 -15.57 -13.55
C PHE A 500 24.83 -16.38 -13.82
N SER A 501 25.19 -16.58 -15.09
CA SER A 501 26.37 -17.34 -15.45
C SER A 501 27.68 -16.61 -15.16
N ALA A 502 27.68 -15.27 -15.10
CA ALA A 502 28.90 -14.52 -14.80
C ALA A 502 29.26 -14.56 -13.30
N ILE A 503 28.25 -14.76 -12.43
CA ILE A 503 28.43 -14.86 -11.00
C ILE A 503 27.82 -16.18 -10.53
N PRO A 504 28.40 -17.36 -10.88
CA PRO A 504 27.74 -18.63 -10.56
C PRO A 504 27.89 -19.14 -9.13
N HIS A 505 28.69 -18.47 -8.29
CA HIS A 505 28.90 -18.95 -6.92
C HIS A 505 28.04 -18.23 -5.88
N VAL A 506 26.87 -17.73 -6.30
CA VAL A 506 25.94 -17.06 -5.39
C VAL A 506 25.32 -18.12 -4.51
N LYS A 507 25.48 -17.96 -3.21
CA LYS A 507 24.92 -18.90 -2.24
C LYS A 507 23.62 -18.40 -1.61
N TYR A 508 23.40 -17.08 -1.60
CA TYR A 508 22.20 -16.48 -1.04
C TYR A 508 21.66 -15.48 -2.08
N LEU A 509 20.51 -15.80 -2.68
CA LEU A 509 19.92 -14.92 -3.70
C LEU A 509 18.60 -14.34 -3.21
N ASP A 510 18.51 -13.00 -3.13
CA ASP A 510 17.26 -12.35 -2.75
C ASP A 510 16.59 -11.78 -3.99
N LEU A 511 15.48 -12.38 -4.42
CA LEU A 511 14.74 -11.90 -5.58
C LEU A 511 13.34 -11.37 -5.20
N THR A 512 13.14 -10.96 -3.94
CA THR A 512 11.83 -10.51 -3.47
C THR A 512 11.32 -9.27 -4.15
N ASN A 513 9.99 -9.16 -4.26
CA ASN A 513 9.32 -8.01 -4.86
C ASN A 513 9.64 -7.84 -6.34
N ASN A 514 9.38 -8.87 -7.12
CA ASN A 514 9.59 -8.83 -8.56
C ASN A 514 8.42 -9.58 -9.25
N ARG A 515 8.41 -9.66 -10.58
CA ARG A 515 7.37 -10.34 -11.32
C ARG A 515 8.02 -11.44 -12.19
N LEU A 516 8.99 -12.18 -11.61
CA LEU A 516 9.77 -13.19 -12.31
C LEU A 516 8.97 -14.38 -12.83
N ASP A 517 9.48 -15.03 -13.88
CA ASP A 517 8.85 -16.19 -14.50
C ASP A 517 9.77 -17.41 -14.28
N PHE A 518 9.25 -18.47 -13.66
CA PHE A 518 10.05 -19.67 -13.38
C PHE A 518 9.45 -20.92 -14.00
N ASP A 519 8.72 -20.79 -15.11
CA ASP A 519 8.12 -21.95 -15.77
C ASP A 519 9.21 -22.93 -16.24
N ASN A 520 10.32 -22.39 -16.76
CA ASN A 520 11.43 -23.21 -17.25
C ASN A 520 12.07 -23.95 -16.07
N ALA A 521 12.22 -25.27 -16.20
CA ALA A 521 12.86 -26.09 -15.18
C ALA A 521 14.36 -25.76 -14.99
N SER A 522 14.96 -25.01 -15.92
CA SER A 522 16.37 -24.61 -15.82
C SER A 522 16.59 -23.29 -15.07
N ALA A 523 15.51 -22.56 -14.72
CA ALA A 523 15.59 -21.29 -14.00
C ALA A 523 16.45 -21.37 -12.75
N LEU A 524 17.45 -20.47 -12.65
CA LEU A 524 18.39 -20.34 -11.53
C LEU A 524 19.34 -21.54 -11.31
N THR A 525 19.21 -22.62 -12.12
CA THR A 525 20.02 -23.84 -11.97
C THR A 525 21.51 -23.63 -12.28
N GLU A 526 21.88 -22.52 -12.93
CA GLU A 526 23.29 -22.19 -13.18
C GLU A 526 24.03 -21.90 -11.85
N LEU A 527 23.29 -21.55 -10.79
CA LEU A 527 23.83 -21.29 -9.46
C LEU A 527 23.81 -22.63 -8.70
N SER A 528 24.75 -23.51 -9.02
CA SER A 528 24.83 -24.86 -8.43
C SER A 528 25.10 -24.88 -6.93
N ASP A 529 25.62 -23.78 -6.37
CA ASP A 529 25.91 -23.72 -4.93
C ASP A 529 24.87 -22.93 -4.14
N LEU A 530 23.70 -22.63 -4.74
CA LEU A 530 22.64 -21.87 -4.09
C LEU A 530 22.13 -22.59 -2.85
N GLU A 531 22.18 -21.91 -1.69
CA GLU A 531 21.72 -22.46 -0.43
C GLU A 531 20.47 -21.76 0.06
N VAL A 532 20.34 -20.45 -0.19
CA VAL A 532 19.16 -19.71 0.27
C VAL A 532 18.54 -18.93 -0.88
N LEU A 533 17.27 -19.19 -1.20
CA LEU A 533 16.58 -18.50 -2.27
C LEU A 533 15.34 -17.79 -1.71
N ASP A 534 15.24 -16.47 -1.90
CA ASP A 534 14.10 -15.70 -1.39
C ASP A 534 13.24 -15.20 -2.55
N LEU A 535 12.12 -15.87 -2.82
CA LEU A 535 11.22 -15.48 -3.89
C LEU A 535 9.92 -14.87 -3.37
N SER A 536 9.95 -14.25 -2.18
CA SER A 536 8.77 -13.63 -1.61
C SER A 536 8.22 -12.52 -2.50
N TYR A 537 6.90 -12.33 -2.48
CA TYR A 537 6.23 -11.28 -3.23
C TYR A 537 6.52 -11.29 -4.73
N ASN A 538 6.44 -12.47 -5.34
CA ASN A 538 6.54 -12.62 -6.79
C ASN A 538 5.19 -13.16 -7.29
N SER A 539 4.08 -12.61 -6.78
CA SER A 539 2.73 -13.08 -7.06
C SER A 539 2.19 -12.73 -8.44
N HIS A 540 2.87 -11.88 -9.21
CA HIS A 540 2.37 -11.50 -10.54
C HIS A 540 2.27 -12.70 -11.48
N TYR A 541 3.32 -13.51 -11.55
CA TYR A 541 3.36 -14.69 -12.40
C TYR A 541 2.26 -15.72 -12.02
N PHE A 542 2.01 -15.91 -10.71
CA PHE A 542 1.01 -16.87 -10.22
C PHE A 542 -0.34 -16.21 -9.96
N THR A 548 0.99 -21.37 -17.81
CA THR A 548 1.51 -22.44 -16.93
C THR A 548 2.07 -21.89 -15.61
N HIS A 549 2.19 -22.75 -14.59
CA HIS A 549 2.72 -22.37 -13.27
C HIS A 549 3.61 -23.48 -12.73
N HIS A 550 4.91 -23.43 -13.04
CA HIS A 550 5.82 -24.51 -12.63
C HIS A 550 6.84 -24.17 -11.55
N LEU A 551 7.24 -25.19 -10.78
CA LEU A 551 8.26 -25.12 -9.72
C LEU A 551 9.22 -26.32 -9.80
N GLU A 552 9.47 -26.81 -11.02
CA GLU A 552 10.33 -27.97 -11.27
C GLU A 552 11.84 -27.67 -11.13
N PHE A 553 12.24 -26.39 -11.07
CA PHE A 553 13.63 -26.00 -10.97
C PHE A 553 14.28 -26.34 -9.62
N ILE A 554 13.48 -26.38 -8.55
CA ILE A 554 13.90 -26.63 -7.18
C ILE A 554 14.66 -27.96 -6.98
N GLN A 555 14.25 -29.03 -7.67
CA GLN A 555 14.88 -30.34 -7.50
C GLN A 555 16.28 -30.46 -8.12
N ASN A 556 16.70 -29.52 -8.98
CA ASN A 556 18.03 -29.58 -9.58
C ASN A 556 19.14 -29.17 -8.61
N PHE A 557 18.82 -28.36 -7.59
CA PHE A 557 19.82 -27.90 -6.63
C PHE A 557 20.30 -28.97 -5.66
N THR A 558 21.62 -29.09 -5.50
CA THR A 558 22.20 -30.08 -4.61
C THR A 558 22.45 -29.55 -3.19
N ASN A 559 22.47 -28.23 -2.99
CA ASN A 559 22.75 -27.63 -1.69
C ASN A 559 21.68 -26.62 -1.23
N LEU A 560 20.51 -26.58 -1.89
CA LEU A 560 19.46 -25.64 -1.50
C LEU A 560 18.84 -26.03 -0.16
N LYS A 561 19.00 -25.17 0.86
CA LYS A 561 18.53 -25.39 2.22
C LYS A 561 17.26 -24.61 2.55
N VAL A 562 17.21 -23.31 2.22
CA VAL A 562 16.06 -22.46 2.55
C VAL A 562 15.40 -21.89 1.31
N LEU A 563 14.11 -22.14 1.13
CA LEU A 563 13.35 -21.58 0.00
C LEU A 563 12.13 -20.82 0.55
N ASN A 564 12.01 -19.55 0.19
CA ASN A 564 10.89 -18.74 0.65
C ASN A 564 9.98 -18.41 -0.54
N LEU A 565 8.80 -19.00 -0.57
CA LEU A 565 7.81 -18.74 -1.61
C LEU A 565 6.62 -17.97 -1.03
N SER A 566 6.84 -17.14 0.00
CA SER A 566 5.76 -16.40 0.64
C SER A 566 5.10 -15.37 -0.27
N HIS A 567 3.80 -15.18 -0.07
CA HIS A 567 2.95 -14.21 -0.75
C HIS A 567 3.05 -14.28 -2.27
N ASN A 568 3.24 -15.48 -2.81
CA ASN A 568 3.27 -15.69 -4.25
C ASN A 568 1.87 -16.04 -4.81
N ASN A 569 0.85 -16.20 -3.94
CA ASN A 569 -0.51 -16.57 -4.31
C ASN A 569 -0.55 -17.74 -5.27
N ILE A 570 0.16 -18.81 -4.92
CA ILE A 570 0.21 -20.01 -5.73
C ILE A 570 -1.06 -20.78 -5.46
N TYR A 571 -1.94 -20.81 -6.46
CA TYR A 571 -3.22 -21.53 -6.39
C TYR A 571 -3.28 -22.71 -7.38
N THR A 572 -2.32 -22.80 -8.33
CA THR A 572 -2.29 -23.86 -9.33
C THR A 572 -0.86 -24.19 -9.75
N LEU A 573 -0.62 -25.45 -10.13
CA LEU A 573 0.69 -25.91 -10.60
C LEU A 573 0.48 -26.70 -11.89
N THR A 574 1.18 -26.36 -12.98
CA THR A 574 1.00 -27.04 -14.26
C THR A 574 1.98 -28.21 -14.41
N ASP A 575 1.52 -29.31 -15.03
CA ASP A 575 2.25 -30.56 -15.32
C ASP A 575 2.74 -31.26 -14.03
N LYS A 576 3.82 -30.78 -13.39
CA LYS A 576 4.29 -31.37 -12.14
C LYS A 576 3.54 -30.68 -11.02
N TYR A 577 2.83 -31.45 -10.19
CA TYR A 577 2.05 -30.89 -9.08
C TYR A 577 2.78 -30.98 -7.72
N ASN A 578 3.87 -31.74 -7.64
CA ASN A 578 4.62 -31.93 -6.41
C ASN A 578 5.93 -31.15 -6.40
N LEU A 579 6.40 -30.80 -5.20
CA LEU A 579 7.67 -30.09 -5.00
C LEU A 579 8.68 -31.12 -4.51
N GLU A 580 9.83 -31.25 -5.18
CA GLU A 580 10.84 -32.21 -4.78
C GLU A 580 12.19 -31.55 -4.50
N SER A 581 12.96 -32.14 -3.57
CA SER A 581 14.29 -31.70 -3.19
C SER A 581 14.89 -32.65 -2.17
N LYS A 582 16.17 -32.97 -2.33
CA LYS A 582 16.86 -33.85 -1.39
C LYS A 582 17.60 -33.09 -0.28
N SER A 583 17.81 -31.78 -0.43
CA SER A 583 18.53 -31.00 0.57
C SER A 583 17.69 -29.98 1.33
N LEU A 584 16.55 -29.55 0.77
CA LEU A 584 15.69 -28.52 1.38
C LEU A 584 15.32 -28.81 2.82
N VAL A 585 15.71 -27.91 3.72
CA VAL A 585 15.48 -28.04 5.16
C VAL A 585 14.30 -27.14 5.61
N GLU A 586 14.13 -25.98 4.96
CA GLU A 586 13.06 -25.06 5.33
C GLU A 586 12.30 -24.53 4.12
N LEU A 587 10.97 -24.61 4.16
CA LEU A 587 10.13 -24.07 3.10
C LEU A 587 9.10 -23.11 3.68
N VAL A 588 9.11 -21.86 3.22
CA VAL A 588 8.11 -20.88 3.66
C VAL A 588 7.05 -20.79 2.56
N PHE A 589 5.84 -21.28 2.83
CA PHE A 589 4.75 -21.26 1.85
C PHE A 589 3.58 -20.40 2.33
N SER A 590 3.85 -19.39 3.18
CA SER A 590 2.80 -18.50 3.67
C SER A 590 2.27 -17.58 2.56
N GLY A 591 1.07 -17.06 2.73
CA GLY A 591 0.48 -16.14 1.76
C GLY A 591 0.20 -16.75 0.40
N ASN A 592 0.01 -18.06 0.35
CA ASN A 592 -0.31 -18.78 -0.88
C ASN A 592 -1.78 -19.30 -0.80
N ARG A 593 -2.23 -20.11 -1.78
CA ARG A 593 -3.60 -20.61 -1.76
C ARG A 593 -3.69 -22.13 -1.63
N LEU A 594 -3.24 -22.67 -0.48
CA LEU A 594 -3.32 -24.10 -0.24
C LEU A 594 -4.76 -24.62 -0.12
N ASP A 595 -5.74 -23.73 0.16
CA ASP A 595 -7.14 -24.12 0.24
C ASP A 595 -7.65 -24.52 -1.14
N ILE A 596 -7.21 -23.82 -2.21
CA ILE A 596 -7.60 -24.14 -3.57
C ILE A 596 -6.89 -25.42 -4.02
N LEU A 597 -5.59 -25.54 -3.71
CA LEU A 597 -4.80 -26.72 -4.07
C LEU A 597 -5.33 -27.99 -3.41
N TRP A 598 -5.77 -27.89 -2.16
CA TRP A 598 -6.32 -29.05 -1.45
C TRP A 598 -7.85 -29.13 -1.55
N ARG A 604 -4.95 -33.70 -6.97
CA ARG A 604 -3.63 -33.69 -7.62
C ARG A 604 -2.52 -33.17 -6.71
N TYR A 605 -2.87 -32.28 -5.77
CA TYR A 605 -1.88 -31.68 -4.86
C TYR A 605 -1.92 -32.32 -3.47
N ILE A 606 -2.35 -33.58 -3.36
CA ILE A 606 -2.47 -34.28 -2.08
C ILE A 606 -1.10 -34.56 -1.43
N SER A 607 -0.04 -34.67 -2.22
CA SER A 607 1.30 -34.92 -1.70
C SER A 607 2.29 -33.88 -2.24
N ILE A 608 1.84 -32.61 -2.31
CA ILE A 608 2.59 -31.45 -2.81
C ILE A 608 3.96 -31.24 -2.12
N PHE A 609 4.09 -31.61 -0.84
CA PHE A 609 5.37 -31.44 -0.13
C PHE A 609 6.03 -32.76 0.29
N LYS A 610 5.53 -33.92 -0.18
CA LYS A 610 6.12 -35.20 0.22
C LYS A 610 7.55 -35.41 -0.29
N GLY A 611 7.85 -34.84 -1.46
CA GLY A 611 9.16 -34.94 -2.08
C GLY A 611 10.27 -34.26 -1.31
N LEU A 612 9.92 -33.34 -0.41
CA LEU A 612 10.91 -32.63 0.41
C LEU A 612 11.28 -33.53 1.59
N LYS A 613 12.07 -34.58 1.32
CA LYS A 613 12.50 -35.62 2.26
C LYS A 613 13.38 -35.13 3.41
N ASN A 614 14.16 -34.06 3.20
CA ASN A 614 15.04 -33.53 4.26
C ASN A 614 14.41 -32.38 5.07
N LEU A 615 13.14 -32.00 4.77
CA LEU A 615 12.42 -30.88 5.39
C LEU A 615 12.21 -30.99 6.89
N THR A 616 12.71 -30.01 7.66
CA THR A 616 12.53 -29.92 9.10
C THR A 616 11.66 -28.74 9.51
N ARG A 617 11.56 -27.70 8.67
CA ARG A 617 10.72 -26.55 8.97
C ARG A 617 9.78 -26.23 7.83
N LEU A 618 8.49 -26.08 8.12
CA LEU A 618 7.49 -25.79 7.10
C LEU A 618 6.51 -24.72 7.61
N ASP A 619 6.33 -23.65 6.83
CA ASP A 619 5.40 -22.59 7.19
C ASP A 619 4.22 -22.60 6.20
N LEU A 620 3.02 -22.89 6.71
CA LEU A 620 1.80 -22.91 5.92
C LEU A 620 0.79 -21.87 6.43
N SER A 621 1.26 -20.77 7.03
CA SER A 621 0.38 -19.72 7.54
C SER A 621 -0.25 -18.91 6.42
N LEU A 622 -1.31 -18.15 6.71
CA LEU A 622 -1.98 -17.30 5.73
C LEU A 622 -2.33 -17.98 4.39
N ASN A 623 -2.80 -19.23 4.44
CA ASN A 623 -3.21 -19.95 3.23
C ASN A 623 -4.75 -20.11 3.12
N ARG A 624 -5.51 -19.44 4.01
CA ARG A 624 -6.98 -19.49 4.07
C ARG A 624 -7.51 -20.90 4.23
N LEU A 625 -6.79 -21.74 4.98
CA LEU A 625 -7.17 -23.13 5.18
C LEU A 625 -8.31 -23.26 6.16
N LYS A 626 -9.46 -23.73 5.69
CA LYS A 626 -10.62 -23.97 6.55
C LYS A 626 -10.55 -25.41 7.10
N HIS A 627 -10.14 -26.35 6.25
CA HIS A 627 -9.97 -27.75 6.60
C HIS A 627 -8.77 -28.32 5.83
N ILE A 628 -8.01 -29.21 6.47
CA ILE A 628 -6.89 -29.87 5.81
C ILE A 628 -7.30 -31.31 5.64
N PRO A 629 -7.29 -31.85 4.41
CA PRO A 629 -7.65 -33.27 4.23
C PRO A 629 -6.73 -34.18 5.03
N ASN A 630 -7.27 -35.26 5.61
CA ASN A 630 -6.48 -36.17 6.43
C ASN A 630 -5.32 -36.79 5.65
N GLU A 631 -5.53 -37.10 4.37
CA GLU A 631 -4.48 -37.67 3.52
C GLU A 631 -3.42 -36.62 3.17
N ALA A 632 -3.83 -35.36 2.99
CA ALA A 632 -2.91 -34.27 2.69
C ALA A 632 -1.97 -34.01 3.86
N PHE A 633 -2.46 -34.13 5.09
CA PHE A 633 -1.66 -33.93 6.30
C PHE A 633 -0.68 -35.09 6.47
N LEU A 634 -1.13 -36.33 6.20
CA LEU A 634 -0.27 -37.51 6.30
C LEU A 634 0.84 -37.53 5.25
N ASN A 635 0.67 -36.81 4.13
CA ASN A 635 1.69 -36.72 3.09
C ASN A 635 2.75 -35.65 3.34
N LEU A 636 2.69 -34.94 4.50
CA LEU A 636 3.71 -33.95 4.85
C LEU A 636 5.00 -34.68 5.24
N PRO A 637 6.19 -34.06 5.07
CA PRO A 637 7.44 -34.75 5.40
C PRO A 637 7.50 -35.28 6.83
N ALA A 638 7.78 -36.60 6.98
CA ALA A 638 7.88 -37.23 8.30
C ALA A 638 9.05 -36.69 9.14
N SER A 639 10.05 -36.08 8.49
CA SER A 639 11.23 -35.48 9.11
C SER A 639 10.97 -34.11 9.74
N LEU A 640 9.74 -33.57 9.62
CA LEU A 640 9.42 -32.24 10.16
C LEU A 640 9.59 -32.14 11.66
N THR A 641 10.32 -31.13 12.10
CA THR A 641 10.51 -30.85 13.53
C THR A 641 9.82 -29.53 13.96
N GLU A 642 9.34 -28.73 13.00
CA GLU A 642 8.73 -27.44 13.29
C GLU A 642 7.68 -27.14 12.22
N LEU A 643 6.40 -27.15 12.60
CA LEU A 643 5.31 -26.90 11.64
C LEU A 643 4.45 -25.72 12.05
N HIS A 644 4.30 -24.74 11.15
CA HIS A 644 3.47 -23.58 11.42
C HIS A 644 2.24 -23.57 10.52
N ILE A 645 1.05 -23.62 11.10
CA ILE A 645 -0.20 -23.52 10.34
C ILE A 645 -1.04 -22.36 10.96
N ASN A 646 -0.36 -21.30 11.46
CA ASN A 646 -1.02 -20.17 12.09
C ASN A 646 -1.78 -19.27 11.11
N ASP A 647 -2.62 -18.37 11.63
CA ASP A 647 -3.37 -17.39 10.85
C ASP A 647 -4.09 -17.99 9.65
N ASN A 648 -4.86 -19.05 9.90
CA ASN A 648 -5.70 -19.71 8.91
C ASN A 648 -7.16 -19.73 9.45
N MET A 649 -8.08 -20.50 8.85
CA MET A 649 -9.46 -20.57 9.32
C MET A 649 -9.84 -21.99 9.71
N LEU A 650 -8.89 -22.74 10.30
CA LEU A 650 -9.10 -24.13 10.67
C LEU A 650 -10.15 -24.33 11.76
N LYS A 651 -11.22 -25.04 11.44
CA LYS A 651 -12.27 -25.33 12.41
C LYS A 651 -11.94 -26.61 13.19
N PHE A 652 -11.33 -27.60 12.51
CA PHE A 652 -10.95 -28.85 13.17
C PHE A 652 -9.50 -29.22 12.88
N PHE A 653 -8.88 -29.95 13.82
CA PHE A 653 -7.51 -30.42 13.66
C PHE A 653 -7.47 -31.86 14.14
N ASN A 654 -7.12 -32.79 13.24
CA ASN A 654 -7.04 -34.20 13.60
C ASN A 654 -5.73 -34.47 14.31
N TRP A 655 -5.75 -34.46 15.65
CA TRP A 655 -4.58 -34.71 16.48
C TRP A 655 -4.01 -36.13 16.35
N THR A 656 -4.84 -37.09 15.89
CA THR A 656 -4.44 -38.48 15.69
C THR A 656 -3.34 -38.60 14.65
N LEU A 657 -3.35 -37.73 13.62
CA LEU A 657 -2.36 -37.74 12.54
C LEU A 657 -0.94 -37.41 12.99
N LEU A 658 -0.77 -36.82 14.20
CA LEU A 658 0.55 -36.49 14.73
C LEU A 658 1.43 -37.71 15.03
N GLN A 659 0.86 -38.92 14.95
CA GLN A 659 1.57 -40.18 15.16
C GLN A 659 2.57 -40.47 14.05
N GLN A 660 2.35 -39.94 12.84
CA GLN A 660 3.26 -40.11 11.72
C GLN A 660 4.38 -39.06 11.68
N PHE A 661 4.55 -38.28 12.77
CA PHE A 661 5.57 -37.25 12.86
C PHE A 661 6.30 -37.42 14.19
N PRO A 662 7.26 -38.36 14.25
CA PRO A 662 7.96 -38.60 15.51
C PRO A 662 8.99 -37.55 15.90
N ARG A 663 9.39 -36.67 14.98
CA ARG A 663 10.36 -35.62 15.29
C ARG A 663 9.76 -34.23 15.51
N LEU A 664 8.42 -34.09 15.37
CA LEU A 664 7.73 -32.82 15.53
C LEU A 664 7.86 -32.25 16.94
N GLU A 665 8.60 -31.14 17.08
CA GLU A 665 8.83 -30.48 18.38
C GLU A 665 7.98 -29.23 18.57
N LEU A 666 7.62 -28.55 17.47
CA LEU A 666 6.82 -27.34 17.56
C LEU A 666 5.63 -27.41 16.61
N LEU A 667 4.42 -27.27 17.17
CA LEU A 667 3.21 -27.23 16.36
C LEU A 667 2.57 -25.87 16.62
N ASP A 668 2.54 -25.02 15.60
CA ASP A 668 1.98 -23.68 15.71
C ASP A 668 0.58 -23.65 15.09
N LEU A 669 -0.45 -23.54 15.92
CA LEU A 669 -1.82 -23.48 15.42
C LEU A 669 -2.55 -22.19 15.83
N ARG A 670 -1.80 -21.10 16.06
CA ARG A 670 -2.38 -19.83 16.46
C ARG A 670 -3.27 -19.18 15.39
N GLY A 671 -4.10 -18.23 15.80
CA GLY A 671 -4.96 -17.49 14.88
C GLY A 671 -5.85 -18.34 13.99
N ASN A 672 -6.52 -19.33 14.59
CA ASN A 672 -7.44 -20.19 13.87
C ASN A 672 -8.84 -20.16 14.57
N LYS A 673 -9.74 -21.11 14.25
CA LYS A 673 -11.06 -21.15 14.88
C LYS A 673 -11.32 -22.53 15.50
N LEU A 674 -10.26 -23.17 16.06
CA LEU A 674 -10.31 -24.50 16.68
C LEU A 674 -11.19 -24.51 17.93
N LEU A 675 -11.92 -25.61 18.16
CA LEU A 675 -12.82 -25.73 19.30
C LEU A 675 -12.47 -26.92 20.22
N PHE A 676 -12.32 -28.11 19.66
CA PHE A 676 -12.05 -29.31 20.46
C PHE A 676 -10.56 -29.66 20.53
N LEU A 677 -10.20 -30.47 21.53
CA LEU A 677 -8.85 -30.99 21.78
C LEU A 677 -8.94 -32.52 22.03
N THR A 678 -7.88 -33.28 21.74
CA THR A 678 -7.92 -34.74 21.93
C THR A 678 -7.76 -35.17 23.39
N ASP A 679 -8.36 -36.32 23.74
CA ASP A 679 -8.32 -36.86 25.10
C ASP A 679 -6.98 -37.50 25.42
N SER A 680 -6.37 -38.19 24.44
CA SER A 680 -5.09 -38.84 24.66
C SER A 680 -4.02 -38.37 23.67
N LEU A 681 -3.46 -37.17 23.89
CA LEU A 681 -2.42 -36.63 23.03
C LEU A 681 -1.11 -37.41 23.14
N SER A 682 -0.83 -37.99 24.31
CA SER A 682 0.36 -38.82 24.54
C SER A 682 0.42 -40.03 23.61
N ASP A 683 -0.76 -40.54 23.20
CA ASP A 683 -0.85 -41.68 22.28
C ASP A 683 -0.46 -41.31 20.84
N PHE A 684 -0.43 -40.02 20.50
CA PHE A 684 -0.10 -39.56 19.15
C PHE A 684 1.26 -38.88 19.13
N THR A 685 1.64 -38.16 20.19
CA THR A 685 2.94 -37.50 20.21
C THR A 685 3.79 -37.90 21.41
N SER A 686 5.09 -38.04 21.17
CA SER A 686 6.10 -38.37 22.18
C SER A 686 7.35 -37.50 21.97
N SER A 687 7.19 -36.28 21.42
CA SER A 687 8.29 -35.38 21.12
C SER A 687 7.89 -33.90 21.06
N LEU A 688 6.58 -33.61 20.99
CA LEU A 688 6.10 -32.23 20.92
C LEU A 688 6.48 -31.43 22.17
N ARG A 689 7.46 -30.54 22.05
CA ARG A 689 7.94 -29.73 23.17
C ARG A 689 7.22 -28.39 23.30
N THR A 690 6.68 -27.85 22.19
CA THR A 690 5.99 -26.57 22.22
C THR A 690 4.68 -26.62 21.42
N LEU A 691 3.56 -26.25 22.05
CA LEU A 691 2.27 -26.23 21.38
C LEU A 691 1.64 -24.85 21.52
N LEU A 692 1.57 -24.11 20.42
CA LEU A 692 1.01 -22.76 20.41
C LEU A 692 -0.42 -22.79 19.89
N LEU A 693 -1.39 -22.42 20.73
CA LEU A 693 -2.81 -22.44 20.34
C LEU A 693 -3.51 -21.12 20.64
N SER A 694 -2.78 -19.99 20.69
CA SER A 694 -3.39 -18.70 20.99
C SER A 694 -4.34 -18.20 19.90
N HIS A 695 -5.30 -17.35 20.29
CA HIS A 695 -6.30 -16.77 19.40
C HIS A 695 -7.13 -17.82 18.67
N ASN A 696 -7.77 -18.70 19.45
CA ASN A 696 -8.64 -19.78 18.98
C ASN A 696 -9.97 -19.79 19.78
N ARG A 697 -10.92 -20.66 19.42
CA ARG A 697 -12.21 -20.71 20.09
C ARG A 697 -12.35 -21.89 21.07
N ILE A 698 -11.23 -22.36 21.63
CA ILE A 698 -11.24 -23.48 22.58
C ILE A 698 -11.86 -23.06 23.90
N SER A 699 -12.92 -23.76 24.32
CA SER A 699 -13.61 -23.44 25.56
C SER A 699 -13.45 -24.49 26.67
N HIS A 700 -12.82 -25.64 26.37
CA HIS A 700 -12.64 -26.68 27.38
C HIS A 700 -11.34 -27.46 27.22
N LEU A 701 -10.59 -27.62 28.32
CA LEU A 701 -9.36 -28.39 28.34
C LEU A 701 -9.72 -29.81 28.75
N PRO A 702 -9.38 -30.82 27.94
CA PRO A 702 -9.77 -32.20 28.29
C PRO A 702 -9.02 -32.81 29.46
N SER A 703 -9.59 -33.87 30.05
CA SER A 703 -9.00 -34.57 31.17
C SER A 703 -7.78 -35.35 30.71
N GLY A 704 -6.63 -35.07 31.31
CA GLY A 704 -5.39 -35.73 30.93
C GLY A 704 -4.70 -35.11 29.74
N PHE A 705 -4.93 -33.80 29.51
CA PHE A 705 -4.28 -33.09 28.41
C PHE A 705 -2.95 -32.53 28.91
N LEU A 706 -2.98 -31.87 30.07
CA LEU A 706 -1.79 -31.31 30.72
C LEU A 706 -0.83 -32.44 31.12
N SER A 707 -1.39 -33.56 31.59
CA SER A 707 -0.64 -34.75 31.97
C SER A 707 -0.39 -35.65 30.71
N GLU A 708 0.33 -36.77 30.90
CA GLU A 708 0.65 -37.79 29.89
C GLU A 708 1.70 -37.36 28.84
N VAL A 709 1.63 -36.12 28.33
CA VAL A 709 2.64 -35.65 27.36
C VAL A 709 3.85 -35.08 28.13
N SER A 710 4.84 -35.95 28.39
CA SER A 710 6.03 -35.60 29.14
C SER A 710 6.93 -34.59 28.44
N SER A 711 7.00 -34.67 27.11
CA SER A 711 7.86 -33.78 26.34
C SER A 711 7.37 -32.33 26.29
N LEU A 712 6.06 -32.09 26.52
CA LEU A 712 5.52 -30.74 26.44
C LEU A 712 6.04 -29.79 27.52
N LYS A 713 6.90 -28.83 27.10
CA LYS A 713 7.50 -27.84 27.98
C LYS A 713 6.84 -26.47 27.89
N HIS A 714 6.14 -26.18 26.78
CA HIS A 714 5.49 -24.88 26.61
C HIS A 714 4.12 -25.01 25.95
N LEU A 715 3.05 -24.77 26.72
CA LEU A 715 1.68 -24.81 26.20
C LEU A 715 1.10 -23.40 26.19
N ASP A 716 0.69 -22.92 25.03
CA ASP A 716 0.12 -21.58 24.90
C ASP A 716 -1.38 -21.64 24.63
N LEU A 717 -2.19 -21.37 25.67
CA LEU A 717 -3.65 -21.36 25.51
C LEU A 717 -4.24 -19.96 25.69
N SER A 718 -3.45 -18.91 25.47
CA SER A 718 -3.91 -17.54 25.64
C SER A 718 -4.91 -17.11 24.57
N SER A 719 -5.69 -16.05 24.84
CA SER A 719 -6.69 -15.51 23.93
C SER A 719 -7.65 -16.55 23.38
N ASN A 720 -8.12 -17.45 24.24
CA ASN A 720 -9.08 -18.48 23.85
C ASN A 720 -10.46 -18.20 24.54
N LEU A 721 -11.30 -19.21 24.80
CA LEU A 721 -12.60 -19.01 25.45
C LEU A 721 -12.73 -19.86 26.73
N LEU A 722 -11.61 -20.12 27.41
CA LEU A 722 -11.59 -20.93 28.63
C LEU A 722 -12.21 -20.20 29.80
N LYS A 723 -13.35 -20.70 30.29
CA LYS A 723 -13.99 -20.12 31.46
C LYS A 723 -13.38 -20.69 32.74
N THR A 724 -12.99 -21.97 32.74
CA THR A 724 -12.39 -22.60 33.91
C THR A 724 -11.52 -23.82 33.52
N ILE A 725 -10.68 -24.29 34.46
CA ILE A 725 -9.88 -25.49 34.29
C ILE A 725 -10.28 -26.39 35.46
N ASN A 726 -11.12 -27.41 35.20
CA ASN A 726 -11.65 -28.30 36.23
C ASN A 726 -10.60 -29.25 36.84
N LYS A 727 -10.96 -29.90 37.97
CA LYS A 727 -10.10 -30.83 38.71
C LYS A 727 -9.62 -32.00 37.86
N SER A 728 -10.50 -32.59 37.05
CA SER A 728 -10.14 -33.74 36.21
C SER A 728 -9.21 -33.35 35.06
N ALA A 729 -9.31 -32.10 34.57
CA ALA A 729 -8.46 -31.62 33.48
C ALA A 729 -7.00 -31.46 33.91
N LEU A 730 -6.78 -31.07 35.18
CA LEU A 730 -5.43 -30.87 35.68
C LEU A 730 -4.97 -31.92 36.69
N GLU A 731 -5.67 -33.06 36.78
CA GLU A 731 -5.27 -34.13 37.69
C GLU A 731 -4.15 -34.95 37.03
N THR A 732 -2.94 -34.39 37.03
CA THR A 732 -1.77 -35.01 36.41
C THR A 732 -1.29 -36.23 37.21
N LYS A 733 -1.48 -37.44 36.64
CA LYS A 733 -1.06 -38.68 37.28
C LYS A 733 0.45 -38.85 37.22
N THR A 734 1.04 -38.51 36.06
CA THR A 734 2.49 -38.59 35.89
C THR A 734 3.15 -37.21 35.97
N THR A 735 4.46 -37.17 36.21
CA THR A 735 5.20 -35.90 36.30
C THR A 735 5.33 -35.26 34.90
N THR A 736 5.36 -33.91 34.84
CA THR A 736 5.49 -33.21 33.56
C THR A 736 6.54 -32.09 33.62
N LYS A 737 7.34 -31.95 32.55
CA LYS A 737 8.38 -30.92 32.50
C LYS A 737 7.87 -29.65 31.82
N LEU A 738 6.60 -29.30 32.09
CA LEU A 738 5.95 -28.12 31.55
C LEU A 738 6.49 -26.88 32.26
N SER A 739 7.41 -26.14 31.64
CA SER A 739 7.99 -24.96 32.25
C SER A 739 7.24 -23.66 31.97
N MET A 740 6.23 -23.69 31.08
CA MET A 740 5.46 -22.48 30.78
C MET A 740 4.04 -22.73 30.35
N LEU A 741 3.11 -21.86 30.77
CA LEU A 741 1.71 -22.00 30.43
C LEU A 741 1.08 -20.61 30.30
N GLU A 742 0.85 -20.16 29.06
CA GLU A 742 0.24 -18.84 28.83
C GLU A 742 -1.28 -18.95 28.87
N LEU A 743 -1.94 -18.17 29.73
CA LEU A 743 -3.41 -18.23 29.85
C LEU A 743 -4.11 -16.87 29.85
N HIS A 744 -3.39 -15.79 29.53
CA HIS A 744 -3.98 -14.45 29.50
C HIS A 744 -4.99 -14.29 28.38
N GLY A 745 -5.97 -13.41 28.55
CA GLY A 745 -6.98 -13.15 27.53
C GLY A 745 -8.13 -14.14 27.50
N ASN A 746 -8.23 -15.01 28.51
CA ASN A 746 -9.31 -15.99 28.57
C ASN A 746 -10.46 -15.46 29.43
N PRO A 747 -11.72 -15.74 29.06
CA PRO A 747 -12.85 -15.24 29.87
C PRO A 747 -13.08 -16.10 31.11
N PHE A 748 -12.18 -16.00 32.08
CA PHE A 748 -12.22 -16.78 33.31
C PHE A 748 -13.37 -16.44 34.23
N GLU A 749 -14.23 -17.42 34.47
CA GLU A 749 -15.37 -17.34 35.37
C GLU A 749 -14.78 -17.44 36.77
N CYS A 750 -14.60 -16.30 37.43
CA CYS A 750 -14.00 -16.24 38.75
C CYS A 750 -14.96 -16.51 39.90
N THR A 751 -15.68 -17.63 39.82
CA THR A 751 -16.56 -18.08 40.90
C THR A 751 -15.75 -19.08 41.79
N CYS A 752 -16.38 -19.82 42.72
CA CYS A 752 -15.64 -20.77 43.55
C CYS A 752 -15.13 -22.00 42.77
N ASP A 753 -15.53 -22.16 41.49
CA ASP A 753 -15.08 -23.24 40.61
C ASP A 753 -13.62 -23.07 40.19
N ILE A 754 -13.13 -21.82 40.10
CA ILE A 754 -11.74 -21.54 39.73
C ILE A 754 -10.72 -21.88 40.85
N GLY A 755 -11.21 -22.20 42.05
CA GLY A 755 -10.38 -22.53 43.21
C GLY A 755 -9.49 -23.75 43.01
N ASP A 756 -9.99 -24.76 42.28
CA ASP A 756 -9.20 -25.97 42.03
C ASP A 756 -8.00 -25.69 41.11
N PHE A 757 -8.15 -24.75 40.16
CA PHE A 757 -7.05 -24.37 39.29
C PHE A 757 -6.02 -23.53 40.07
N ARG A 758 -6.51 -22.64 40.95
CA ARG A 758 -5.69 -21.79 41.80
C ARG A 758 -4.82 -22.60 42.75
N ARG A 759 -5.33 -23.75 43.24
CA ARG A 759 -4.60 -24.65 44.12
C ARG A 759 -3.44 -25.31 43.36
N TRP A 760 -3.68 -25.69 42.10
CA TRP A 760 -2.69 -26.29 41.22
C TRP A 760 -1.55 -25.30 40.94
N MET A 761 -1.85 -23.99 40.85
CA MET A 761 -0.83 -22.96 40.63
C MET A 761 0.14 -22.88 41.80
N ASP A 762 -0.35 -23.08 43.02
CA ASP A 762 0.49 -23.05 44.22
C ASP A 762 1.27 -24.36 44.38
N GLU A 763 0.65 -25.50 44.00
CA GLU A 763 1.30 -26.81 44.06
C GLU A 763 2.31 -27.02 42.92
N HIS A 764 2.22 -26.23 41.84
CA HIS A 764 3.13 -26.34 40.70
C HIS A 764 3.79 -24.99 40.40
N LEU A 765 4.79 -24.61 41.20
CA LEU A 765 5.51 -23.35 41.00
C LEU A 765 6.49 -23.40 39.81
N ASN A 766 6.90 -24.61 39.39
CA ASN A 766 7.80 -24.81 38.25
C ASN A 766 7.12 -24.40 36.93
N VAL A 767 5.79 -24.59 36.83
CA VAL A 767 5.01 -24.20 35.66
C VAL A 767 4.83 -22.69 35.72
N LYS A 768 5.63 -21.95 34.97
CA LYS A 768 5.56 -20.50 34.98
C LYS A 768 4.40 -19.97 34.14
N ILE A 769 3.57 -19.12 34.74
CA ILE A 769 2.45 -18.51 34.03
C ILE A 769 2.76 -17.04 33.81
N PRO A 770 3.13 -16.66 32.59
CA PRO A 770 3.48 -15.25 32.33
C PRO A 770 2.26 -14.32 32.29
N ARG A 771 2.52 -13.00 32.38
CA ARG A 771 1.50 -11.96 32.33
C ARG A 771 0.31 -12.22 33.26
N LEU A 772 0.57 -12.34 34.57
CA LEU A 772 -0.49 -12.59 35.55
C LEU A 772 -1.51 -11.46 35.63
N VAL A 773 -1.10 -10.22 35.32
CA VAL A 773 -2.03 -9.08 35.34
C VAL A 773 -3.04 -9.14 34.19
N ASP A 774 -2.73 -9.89 33.11
CA ASP A 774 -3.60 -10.02 31.95
C ASP A 774 -4.52 -11.26 32.03
N VAL A 775 -4.31 -12.16 33.00
CA VAL A 775 -5.19 -13.31 33.20
C VAL A 775 -6.33 -12.77 34.08
N ILE A 776 -7.31 -12.14 33.43
CA ILE A 776 -8.40 -11.41 34.07
C ILE A 776 -9.73 -12.17 34.17
N CYS A 777 -10.48 -11.95 35.27
CA CYS A 777 -11.79 -12.55 35.48
C CYS A 777 -12.81 -11.82 34.64
N ALA A 778 -13.71 -12.56 33.99
CA ALA A 778 -14.78 -11.95 33.20
C ALA A 778 -16.03 -11.78 34.07
N SER A 779 -16.34 -12.78 34.90
CA SER A 779 -17.49 -12.78 35.80
C SER A 779 -17.04 -13.12 37.23
N PRO A 780 -17.70 -12.58 38.28
CA PRO A 780 -18.85 -11.66 38.27
C PRO A 780 -18.43 -10.18 38.24
N GLY A 781 -19.39 -9.28 38.45
CA GLY A 781 -19.14 -7.83 38.44
C GLY A 781 -18.13 -7.35 39.45
N ASP A 782 -18.07 -7.99 40.62
CA ASP A 782 -17.10 -7.61 41.65
C ASP A 782 -15.66 -8.06 41.34
N GLN A 783 -15.50 -9.09 40.48
CA GLN A 783 -14.18 -9.58 40.12
C GLN A 783 -13.74 -9.24 38.68
N ARG A 784 -14.64 -8.66 37.86
CA ARG A 784 -14.32 -8.31 36.48
C ARG A 784 -13.19 -7.29 36.43
N GLY A 785 -12.13 -7.64 35.73
CA GLY A 785 -10.96 -6.78 35.60
C GLY A 785 -9.80 -7.23 36.46
N LYS A 786 -10.09 -7.85 37.60
CA LYS A 786 -9.06 -8.33 38.51
C LYS A 786 -8.41 -9.63 38.04
N SER A 787 -7.19 -9.89 38.47
CA SER A 787 -6.47 -11.10 38.11
C SER A 787 -7.05 -12.31 38.83
N ILE A 788 -6.97 -13.49 38.21
CA ILE A 788 -7.49 -14.72 38.83
C ILE A 788 -6.67 -15.16 40.05
N VAL A 789 -5.41 -14.73 40.16
CA VAL A 789 -4.56 -15.05 41.29
C VAL A 789 -4.89 -14.20 42.55
N SER A 790 -5.66 -13.11 42.39
CA SER A 790 -6.01 -12.24 43.51
C SER A 790 -7.46 -12.46 43.96
N LEU A 791 -7.79 -13.68 44.41
CA LEU A 791 -9.14 -14.00 44.87
C LEU A 791 -9.14 -14.74 46.23
N GLU A 792 -10.34 -14.88 46.85
CA GLU A 792 -10.52 -15.56 48.13
C GLU A 792 -10.16 -17.05 48.03
N SER B 5 -49.84 3.53 -4.03
CA SER B 5 -49.33 3.31 -5.38
C SER B 5 -47.80 3.37 -5.45
N ARG B 6 -47.12 3.00 -4.36
CA ARG B 6 -45.66 3.01 -4.31
C ARG B 6 -45.15 1.67 -4.85
N SER B 7 -44.44 1.69 -5.99
CA SER B 7 -43.92 0.49 -6.65
C SER B 7 -42.96 -0.36 -5.81
N TYR B 8 -43.24 -1.66 -5.72
CA TYR B 8 -42.42 -2.62 -4.98
C TYR B 8 -42.43 -3.94 -5.73
N PRO B 9 -41.27 -4.60 -5.89
CA PRO B 9 -39.94 -4.21 -5.40
C PRO B 9 -39.09 -3.43 -6.39
N CYS B 10 -39.64 -3.06 -7.57
CA CYS B 10 -38.88 -2.32 -8.58
C CYS B 10 -39.04 -0.81 -8.44
N ASP B 11 -38.06 -0.05 -8.97
CA ASP B 11 -38.10 1.40 -8.95
C ASP B 11 -38.56 1.88 -10.32
N GLU B 12 -39.87 2.09 -10.50
CA GLU B 12 -40.40 2.52 -11.79
C GLU B 12 -40.07 3.97 -12.13
N LYS B 13 -39.64 4.21 -13.37
CA LYS B 13 -39.24 5.54 -13.83
C LYS B 13 -39.58 5.72 -15.30
N LYS B 14 -40.33 6.78 -15.65
CA LYS B 14 -40.67 7.05 -17.04
C LYS B 14 -39.49 7.70 -17.75
N GLN B 15 -38.77 6.93 -18.56
CA GLN B 15 -37.60 7.42 -19.30
C GLN B 15 -37.96 7.60 -20.78
N ASN B 16 -37.95 8.86 -21.27
CA ASN B 16 -38.26 9.24 -22.65
C ASN B 16 -39.63 8.73 -23.10
N ASP B 17 -40.67 9.03 -22.30
CA ASP B 17 -42.06 8.64 -22.54
C ASP B 17 -42.27 7.11 -22.55
N SER B 18 -41.44 6.37 -21.80
CA SER B 18 -41.52 4.93 -21.71
C SER B 18 -41.16 4.50 -20.29
N VAL B 19 -42.10 3.93 -19.53
CA VAL B 19 -41.84 3.53 -18.15
C VAL B 19 -40.94 2.30 -18.06
N ILE B 20 -39.76 2.45 -17.45
CA ILE B 20 -38.83 1.35 -17.25
C ILE B 20 -38.80 0.94 -15.77
N ALA B 21 -38.65 -0.35 -15.49
CA ALA B 21 -38.63 -0.84 -14.12
C ALA B 21 -37.27 -1.40 -13.73
N GLU B 22 -36.55 -0.69 -12.85
CA GLU B 22 -35.25 -1.13 -12.37
C GLU B 22 -35.48 -2.07 -11.19
N CYS B 23 -35.14 -3.35 -11.35
CA CYS B 23 -35.33 -4.33 -10.29
C CYS B 23 -34.07 -5.16 -10.07
N SER B 24 -32.89 -4.56 -10.25
CA SER B 24 -31.62 -5.26 -10.11
C SER B 24 -31.07 -5.22 -8.69
N ASN B 25 -30.29 -6.26 -8.33
CA ASN B 25 -29.65 -6.40 -7.02
C ASN B 25 -30.62 -6.20 -5.86
N ARG B 26 -31.65 -7.04 -5.80
CA ARG B 26 -32.68 -6.94 -4.75
C ARG B 26 -33.00 -8.24 -4.02
N ARG B 27 -32.16 -9.27 -4.19
CA ARG B 27 -32.31 -10.59 -3.57
C ARG B 27 -33.67 -11.23 -3.85
N LEU B 28 -34.18 -11.10 -5.09
CA LEU B 28 -35.48 -11.67 -5.46
C LEU B 28 -35.38 -13.15 -5.77
N GLN B 29 -36.20 -13.98 -5.11
CA GLN B 29 -36.22 -15.42 -5.33
C GLN B 29 -36.86 -15.81 -6.67
N GLU B 30 -37.80 -14.98 -7.16
CA GLU B 30 -38.49 -15.22 -8.43
C GLU B 30 -38.97 -13.90 -9.05
N VAL B 31 -39.40 -13.94 -10.32
CA VAL B 31 -39.89 -12.74 -11.00
C VAL B 31 -41.17 -12.24 -10.35
N PRO B 32 -41.15 -10.99 -9.84
CA PRO B 32 -42.33 -10.48 -9.13
C PRO B 32 -43.55 -10.18 -10.00
N GLN B 33 -44.72 -10.52 -9.48
CA GLN B 33 -45.99 -10.23 -10.15
C GLN B 33 -46.55 -8.84 -9.79
N THR B 34 -45.83 -8.07 -8.95
CA THR B 34 -46.20 -6.72 -8.53
C THR B 34 -45.52 -5.63 -9.39
N VAL B 35 -45.16 -5.97 -10.63
CA VAL B 35 -44.57 -5.03 -11.57
C VAL B 35 -45.71 -4.45 -12.41
N GLY B 36 -45.76 -3.13 -12.57
CA GLY B 36 -46.78 -2.45 -13.34
C GLY B 36 -46.87 -2.95 -14.77
N LYS B 37 -48.08 -3.34 -15.20
CA LYS B 37 -48.29 -3.88 -16.55
C LYS B 37 -48.05 -2.88 -17.69
N TYR B 38 -47.76 -1.62 -17.36
CA TYR B 38 -47.49 -0.56 -18.34
C TYR B 38 -45.99 -0.38 -18.66
N VAL B 39 -45.09 -1.12 -17.97
CA VAL B 39 -43.67 -0.97 -18.21
C VAL B 39 -43.23 -1.57 -19.55
N THR B 40 -42.15 -1.03 -20.12
CA THR B 40 -41.63 -1.47 -21.41
C THR B 40 -40.31 -2.20 -21.23
N GLU B 41 -39.45 -1.73 -20.33
CA GLU B 41 -38.16 -2.38 -20.08
C GLU B 41 -38.08 -2.86 -18.64
N LEU B 42 -37.65 -4.11 -18.45
CA LEU B 42 -37.54 -4.69 -17.12
C LEU B 42 -36.13 -5.20 -16.89
N ASP B 43 -35.51 -4.79 -15.78
CA ASP B 43 -34.14 -5.20 -15.45
C ASP B 43 -34.14 -6.01 -14.16
N LEU B 44 -34.13 -7.33 -14.26
CA LEU B 44 -34.12 -8.23 -13.11
C LEU B 44 -32.75 -8.88 -12.93
N SER B 45 -31.66 -8.17 -13.25
CA SER B 45 -30.31 -8.73 -13.12
C SER B 45 -29.81 -8.80 -11.68
N ASP B 46 -28.83 -9.68 -11.41
CA ASP B 46 -28.21 -9.86 -10.11
C ASP B 46 -29.20 -10.21 -9.00
N ASN B 47 -30.11 -11.15 -9.27
CA ASN B 47 -31.09 -11.63 -8.31
C ASN B 47 -30.93 -13.16 -8.09
N PHE B 48 -31.73 -13.76 -7.20
CA PHE B 48 -31.63 -15.21 -6.95
C PHE B 48 -32.72 -16.01 -7.66
N ILE B 49 -33.19 -15.51 -8.81
CA ILE B 49 -34.23 -16.17 -9.60
C ILE B 49 -33.69 -17.46 -10.21
N THR B 50 -34.40 -18.56 -9.99
CA THR B 50 -33.98 -19.87 -10.48
C THR B 50 -34.94 -20.47 -11.52
N HIS B 51 -36.16 -19.91 -11.66
CA HIS B 51 -37.13 -20.46 -12.60
C HIS B 51 -37.86 -19.42 -13.42
N ILE B 52 -37.97 -19.66 -14.74
CA ILE B 52 -38.68 -18.79 -15.67
C ILE B 52 -39.68 -19.64 -16.46
N THR B 53 -40.99 -19.37 -16.29
CA THR B 53 -42.06 -20.10 -16.99
C THR B 53 -42.92 -19.15 -17.87
N ASN B 54 -43.92 -19.68 -18.62
CA ASN B 54 -44.79 -18.81 -19.42
C ASN B 54 -45.71 -17.93 -18.55
N GLU B 55 -45.85 -18.24 -17.25
CA GLU B 55 -46.62 -17.41 -16.32
C GLU B 55 -45.71 -16.44 -15.53
N SER B 56 -44.48 -16.19 -15.99
CA SER B 56 -43.55 -15.29 -15.31
C SER B 56 -43.76 -13.85 -15.73
N PHE B 57 -44.02 -13.62 -17.02
CA PHE B 57 -44.23 -12.28 -17.55
C PHE B 57 -45.64 -12.12 -18.09
N GLN B 58 -46.63 -12.64 -17.36
CA GLN B 58 -48.03 -12.54 -17.75
C GLN B 58 -48.55 -11.14 -17.44
N GLY B 59 -49.35 -10.59 -18.35
CA GLY B 59 -49.90 -9.25 -18.19
C GLY B 59 -48.99 -8.15 -18.70
N LEU B 60 -47.68 -8.41 -18.68
CA LEU B 60 -46.66 -7.48 -19.16
C LEU B 60 -46.47 -7.69 -20.67
N GLN B 61 -47.52 -7.36 -21.46
CA GLN B 61 -47.50 -7.56 -22.89
C GLN B 61 -46.71 -6.48 -23.66
N ASN B 62 -46.53 -5.30 -23.06
CA ASN B 62 -45.78 -4.22 -23.70
C ASN B 62 -44.27 -4.28 -23.40
N LEU B 63 -43.75 -5.45 -22.99
CA LEU B 63 -42.34 -5.62 -22.67
C LEU B 63 -41.51 -5.73 -23.92
N THR B 64 -40.65 -4.74 -24.19
CA THR B 64 -39.75 -4.74 -25.34
C THR B 64 -38.32 -5.17 -24.96
N LYS B 65 -37.95 -5.06 -23.67
CA LYS B 65 -36.60 -5.43 -23.22
C LYS B 65 -36.62 -6.12 -21.86
N ILE B 66 -36.01 -7.30 -21.76
CA ILE B 66 -35.94 -8.05 -20.50
C ILE B 66 -34.48 -8.37 -20.17
N ASN B 67 -34.01 -7.96 -19.00
CA ASN B 67 -32.65 -8.23 -18.56
C ASN B 67 -32.67 -9.25 -17.43
N LEU B 68 -32.07 -10.42 -17.62
CA LEU B 68 -32.02 -11.46 -16.59
C LEU B 68 -30.59 -11.92 -16.32
N ASN B 69 -29.60 -11.04 -16.50
CA ASN B 69 -28.19 -11.36 -16.31
C ASN B 69 -27.85 -11.74 -14.86
N HIS B 70 -26.92 -12.69 -14.69
CA HIS B 70 -26.43 -13.15 -13.39
C HIS B 70 -27.55 -13.64 -12.47
N ASN B 71 -28.30 -14.65 -12.93
CA ASN B 71 -29.39 -15.24 -12.16
C ASN B 71 -29.27 -16.75 -12.13
N PRO B 72 -29.00 -17.36 -10.97
CA PRO B 72 -28.81 -16.72 -9.65
C PRO B 72 -27.42 -16.11 -9.46
N ASN B 73 -27.34 -15.00 -8.72
CA ASN B 73 -26.09 -14.28 -8.45
C ASN B 73 -25.17 -15.14 -7.59
N VAL B 74 -24.05 -15.60 -8.18
CA VAL B 74 -23.05 -16.47 -7.56
C VAL B 74 -23.66 -17.82 -7.14
N GLY B 87 -28.04 -22.85 -11.52
CA GLY B 87 -28.39 -22.45 -12.88
C GLY B 87 -29.79 -21.89 -13.01
N LEU B 88 -30.13 -21.36 -14.18
CA LEU B 88 -31.45 -20.80 -14.43
C LEU B 88 -32.28 -21.78 -15.27
N ASN B 89 -33.43 -22.21 -14.75
CA ASN B 89 -34.30 -23.17 -15.44
C ASN B 89 -35.37 -22.46 -16.26
N ILE B 90 -35.18 -22.40 -17.58
CA ILE B 90 -36.16 -21.76 -18.46
C ILE B 90 -36.93 -22.80 -19.27
N THR B 91 -38.25 -22.87 -19.09
CA THR B 91 -39.09 -23.81 -19.80
C THR B 91 -39.27 -23.41 -21.28
N ASP B 92 -39.68 -24.36 -22.12
CA ASP B 92 -39.88 -24.10 -23.55
C ASP B 92 -41.04 -23.14 -23.76
N GLY B 93 -40.80 -22.09 -24.53
CA GLY B 93 -41.82 -21.10 -24.84
C GLY B 93 -42.25 -20.26 -23.67
N ALA B 94 -41.32 -19.97 -22.74
CA ALA B 94 -41.64 -19.14 -21.57
C ALA B 94 -41.83 -17.68 -22.00
N PHE B 95 -40.98 -17.20 -22.91
CA PHE B 95 -41.08 -15.83 -23.43
C PHE B 95 -41.94 -15.73 -24.71
N LEU B 96 -42.54 -16.84 -25.16
CA LEU B 96 -43.34 -16.90 -26.38
C LEU B 96 -44.59 -16.01 -26.38
N ASN B 97 -45.18 -15.78 -25.19
CA ASN B 97 -46.37 -14.93 -25.06
C ASN B 97 -46.08 -13.42 -25.26
N LEU B 98 -44.80 -13.03 -25.23
CA LEU B 98 -44.39 -11.64 -25.38
C LEU B 98 -44.22 -11.30 -26.87
N LYS B 99 -45.21 -10.64 -27.44
CA LYS B 99 -45.22 -10.30 -28.86
C LYS B 99 -44.36 -9.09 -29.19
N ASN B 100 -44.18 -8.17 -28.24
CA ASN B 100 -43.38 -6.96 -28.46
C ASN B 100 -41.92 -7.09 -27.99
N LEU B 101 -41.50 -8.28 -27.54
CA LEU B 101 -40.14 -8.47 -27.02
C LEU B 101 -39.09 -8.39 -28.13
N ARG B 102 -38.20 -7.39 -28.03
CA ARG B 102 -37.14 -7.17 -29.01
C ARG B 102 -35.76 -7.50 -28.44
N GLU B 103 -35.48 -7.07 -27.20
CA GLU B 103 -34.18 -7.33 -26.58
C GLU B 103 -34.27 -8.27 -25.40
N LEU B 104 -33.48 -9.33 -25.40
CA LEU B 104 -33.46 -10.30 -24.31
C LEU B 104 -32.02 -10.57 -23.89
N LEU B 105 -31.71 -10.30 -22.62
CA LEU B 105 -30.36 -10.51 -22.10
C LEU B 105 -30.33 -11.67 -21.10
N LEU B 106 -29.64 -12.77 -21.46
CA LEU B 106 -29.51 -13.94 -20.61
C LEU B 106 -28.03 -14.30 -20.39
N GLU B 107 -27.24 -13.36 -19.88
CA GLU B 107 -25.82 -13.58 -19.64
C GLU B 107 -25.58 -14.16 -18.25
N ASP B 108 -24.56 -15.02 -18.12
CA ASP B 108 -24.15 -15.65 -16.86
C ASP B 108 -25.31 -16.31 -16.10
N ASN B 109 -25.97 -17.28 -16.73
CA ASN B 109 -27.10 -17.98 -16.11
C ASN B 109 -26.92 -19.50 -16.01
N GLN B 110 -25.77 -20.04 -16.46
CA GLN B 110 -25.48 -21.47 -16.48
C GLN B 110 -26.48 -22.22 -17.36
N LEU B 111 -26.81 -21.65 -18.53
CA LEU B 111 -27.74 -22.27 -19.46
C LEU B 111 -27.04 -23.40 -20.20
N PRO B 112 -27.55 -24.63 -20.13
CA PRO B 112 -26.88 -25.74 -20.83
C PRO B 112 -27.11 -25.75 -22.34
N GLN B 113 -28.22 -25.15 -22.80
CA GLN B 113 -28.57 -25.05 -24.21
C GLN B 113 -29.30 -23.73 -24.49
N ILE B 114 -29.44 -23.35 -25.77
CA ILE B 114 -30.16 -22.14 -26.15
C ILE B 114 -31.65 -22.39 -25.87
N PRO B 115 -32.31 -21.48 -25.13
CA PRO B 115 -33.73 -21.70 -24.81
C PRO B 115 -34.63 -21.98 -26.01
N SER B 116 -35.33 -23.11 -25.98
CA SER B 116 -36.23 -23.49 -27.06
C SER B 116 -37.54 -22.73 -26.94
N GLY B 117 -38.02 -22.21 -28.06
CA GLY B 117 -39.28 -21.48 -28.09
C GLY B 117 -39.16 -20.00 -27.78
N LEU B 118 -38.08 -19.37 -28.26
CA LEU B 118 -37.90 -17.94 -28.06
C LEU B 118 -38.81 -17.16 -29.03
N PRO B 119 -39.35 -16.00 -28.61
CA PRO B 119 -40.25 -15.27 -29.51
C PRO B 119 -39.56 -14.81 -30.79
N GLU B 120 -40.29 -14.90 -31.92
CA GLU B 120 -39.81 -14.57 -33.26
C GLU B 120 -39.45 -13.08 -33.41
N SER B 121 -40.05 -12.21 -32.59
CA SER B 121 -39.84 -10.76 -32.63
C SER B 121 -38.44 -10.32 -32.18
N LEU B 122 -37.71 -11.19 -31.45
CA LEU B 122 -36.38 -10.87 -30.95
C LEU B 122 -35.42 -10.36 -32.02
N THR B 123 -34.81 -9.20 -31.76
CA THR B 123 -33.81 -8.56 -32.61
C THR B 123 -32.44 -8.51 -31.92
N GLU B 124 -32.39 -8.56 -30.57
CA GLU B 124 -31.13 -8.55 -29.82
C GLU B 124 -31.15 -9.66 -28.79
N LEU B 125 -30.32 -10.69 -28.97
CA LEU B 125 -30.25 -11.79 -28.01
C LEU B 125 -28.83 -11.95 -27.51
N SER B 126 -28.64 -11.90 -26.18
CA SER B 126 -27.31 -12.06 -25.59
C SER B 126 -27.26 -13.28 -24.69
N LEU B 127 -26.46 -14.26 -25.04
CA LEU B 127 -26.31 -15.48 -24.24
C LEU B 127 -24.83 -15.66 -23.84
N ILE B 128 -24.20 -14.56 -23.44
CA ILE B 128 -22.80 -14.52 -23.02
C ILE B 128 -22.55 -15.31 -21.71
N GLN B 129 -21.37 -15.93 -21.59
CA GLN B 129 -20.87 -16.74 -20.47
C GLN B 129 -21.91 -17.71 -19.91
N ASN B 130 -22.24 -18.72 -20.71
CA ASN B 130 -23.16 -19.79 -20.33
C ASN B 130 -22.52 -21.16 -20.65
N ASN B 131 -23.26 -22.28 -20.53
CA ASN B 131 -22.73 -23.60 -20.85
C ASN B 131 -23.26 -24.10 -22.20
N ILE B 132 -23.52 -23.18 -23.13
CA ILE B 132 -24.05 -23.52 -24.45
C ILE B 132 -22.96 -24.09 -25.34
N TYR B 133 -23.07 -25.38 -25.66
CA TYR B 133 -22.09 -26.04 -26.52
C TYR B 133 -22.64 -26.39 -27.92
N ASN B 134 -23.95 -26.18 -28.15
CA ASN B 134 -24.56 -26.49 -29.43
C ASN B 134 -25.35 -25.30 -29.96
N ILE B 135 -24.98 -24.79 -31.14
CA ILE B 135 -25.74 -23.72 -31.78
C ILE B 135 -26.62 -24.43 -32.80
N THR B 136 -27.84 -24.78 -32.40
CA THR B 136 -28.75 -25.54 -33.26
C THR B 136 -29.80 -24.69 -33.96
N LYS B 137 -30.35 -25.20 -35.07
CA LYS B 137 -31.39 -24.53 -35.83
C LYS B 137 -32.74 -24.48 -35.07
N GLU B 138 -32.95 -25.40 -34.13
CA GLU B 138 -34.18 -25.46 -33.35
C GLU B 138 -34.40 -24.19 -32.52
N GLY B 139 -33.33 -23.61 -32.01
CA GLY B 139 -33.43 -22.40 -31.22
C GLY B 139 -32.90 -21.13 -31.87
N ILE B 140 -32.33 -21.22 -33.08
CA ILE B 140 -31.77 -20.05 -33.76
C ILE B 140 -32.49 -19.73 -35.07
N SER B 141 -32.59 -20.71 -36.00
CA SER B 141 -33.21 -20.53 -37.33
C SER B 141 -34.60 -19.87 -37.34
N ARG B 142 -35.39 -20.06 -36.28
CA ARG B 142 -36.73 -19.47 -36.19
C ARG B 142 -36.70 -17.96 -35.91
N LEU B 143 -35.62 -17.47 -35.29
CA LEU B 143 -35.47 -16.05 -34.96
C LEU B 143 -34.93 -15.27 -36.17
N ILE B 144 -35.79 -15.01 -37.16
CA ILE B 144 -35.39 -14.32 -38.38
C ILE B 144 -35.17 -12.82 -38.19
N ASN B 145 -35.75 -12.22 -37.14
CA ASN B 145 -35.60 -10.79 -36.89
C ASN B 145 -34.25 -10.40 -36.26
N LEU B 146 -33.49 -11.39 -35.74
CA LEU B 146 -32.21 -11.13 -35.09
C LEU B 146 -31.24 -10.28 -35.89
N LYS B 147 -30.80 -9.19 -35.25
CA LYS B 147 -29.82 -8.26 -35.80
C LYS B 147 -28.53 -8.38 -34.99
N ASN B 148 -28.62 -8.52 -33.66
CA ASN B 148 -27.44 -8.64 -32.80
C ASN B 148 -27.46 -9.94 -32.00
N LEU B 149 -26.51 -10.83 -32.28
CA LEU B 149 -26.42 -12.11 -31.57
C LEU B 149 -25.07 -12.24 -30.86
N TYR B 150 -25.11 -12.30 -29.53
CA TYR B 150 -23.90 -12.40 -28.71
C TYR B 150 -23.85 -13.79 -28.07
N LEU B 151 -22.89 -14.61 -28.47
CA LEU B 151 -22.74 -15.96 -27.94
C LEU B 151 -21.33 -16.19 -27.38
N ALA B 152 -20.71 -15.16 -26.81
CA ALA B 152 -19.36 -15.25 -26.28
C ALA B 152 -19.25 -16.02 -24.94
N TRP B 153 -18.04 -16.54 -24.63
CA TRP B 153 -17.67 -17.25 -23.41
C TRP B 153 -18.52 -18.49 -23.08
N ASN B 154 -18.92 -19.27 -24.08
CA ASN B 154 -19.74 -20.46 -23.84
C ASN B 154 -18.90 -21.75 -23.69
N CYS B 155 -18.16 -22.16 -24.73
CA CYS B 155 -17.30 -23.34 -24.64
C CYS B 155 -15.86 -22.83 -24.51
N TYR B 156 -15.56 -22.19 -23.38
CA TYR B 156 -14.23 -21.64 -23.14
C TYR B 156 -13.40 -22.57 -22.25
N PHE B 157 -12.06 -22.57 -22.46
CA PHE B 157 -11.08 -23.38 -21.73
C PHE B 157 -11.34 -23.46 -20.22
N CYS B 161 -17.17 -30.44 -23.26
CA CYS B 161 -17.07 -29.68 -24.51
C CYS B 161 -15.66 -29.67 -25.07
N GLU B 162 -15.45 -30.31 -26.23
CA GLU B 162 -14.15 -30.30 -26.89
C GLU B 162 -14.13 -29.10 -27.86
N LYS B 163 -15.20 -28.93 -28.64
CA LYS B 163 -15.39 -27.85 -29.61
C LYS B 163 -16.88 -27.50 -29.69
N THR B 164 -17.22 -26.26 -30.06
CA THR B 164 -18.61 -25.85 -30.18
C THR B 164 -19.25 -26.47 -31.42
N ASN B 165 -20.39 -27.14 -31.25
CA ASN B 165 -21.08 -27.76 -32.37
C ASN B 165 -22.02 -26.76 -33.04
N ILE B 166 -21.56 -26.13 -34.11
CA ILE B 166 -22.37 -25.18 -34.86
C ILE B 166 -23.00 -25.91 -36.04
N GLU B 167 -24.33 -26.11 -36.00
CA GLU B 167 -25.08 -26.81 -37.04
C GLU B 167 -24.86 -26.15 -38.41
N ASP B 168 -24.54 -26.95 -39.42
CA ASP B 168 -24.27 -26.42 -40.76
C ASP B 168 -25.45 -25.62 -41.33
N GLY B 169 -25.24 -24.33 -41.53
CA GLY B 169 -26.26 -23.44 -42.07
C GLY B 169 -27.20 -22.89 -41.02
N VAL B 170 -26.76 -22.83 -39.76
CA VAL B 170 -27.61 -22.31 -38.69
C VAL B 170 -27.80 -20.79 -38.79
N PHE B 171 -26.77 -20.07 -39.27
CA PHE B 171 -26.85 -18.61 -39.40
C PHE B 171 -27.39 -18.15 -40.76
N GLU B 172 -27.38 -19.05 -41.77
CA GLU B 172 -27.82 -18.80 -43.14
C GLU B 172 -29.25 -18.24 -43.24
N THR B 173 -30.18 -18.76 -42.43
CA THR B 173 -31.58 -18.29 -42.45
C THR B 173 -31.78 -16.94 -41.73
N LEU B 174 -30.80 -16.49 -40.93
CA LEU B 174 -30.88 -15.23 -40.20
C LEU B 174 -30.37 -14.11 -41.12
N THR B 175 -31.13 -13.81 -42.17
CA THR B 175 -30.78 -12.83 -43.19
C THR B 175 -30.79 -11.37 -42.73
N ASN B 176 -31.11 -11.11 -41.46
CA ASN B 176 -31.08 -9.74 -40.93
C ASN B 176 -29.91 -9.49 -39.95
N LEU B 177 -29.09 -10.52 -39.68
CA LEU B 177 -27.98 -10.47 -38.74
C LEU B 177 -26.87 -9.50 -39.12
N GLU B 178 -26.73 -8.44 -38.32
CA GLU B 178 -25.71 -7.41 -38.49
C GLU B 178 -24.52 -7.61 -37.55
N LEU B 179 -24.69 -8.33 -36.44
CA LEU B 179 -23.60 -8.58 -35.50
C LEU B 179 -23.65 -10.00 -35.00
N LEU B 180 -22.53 -10.73 -35.12
CA LEU B 180 -22.44 -12.09 -34.63
C LEU B 180 -21.16 -12.21 -33.83
N SER B 181 -21.28 -12.45 -32.52
CA SER B 181 -20.12 -12.59 -31.67
C SER B 181 -19.98 -14.01 -31.17
N LEU B 182 -18.92 -14.69 -31.59
CA LEU B 182 -18.66 -16.06 -31.13
C LEU B 182 -17.32 -16.17 -30.41
N SER B 183 -16.81 -15.06 -29.84
CA SER B 183 -15.54 -14.99 -29.15
C SER B 183 -15.48 -15.86 -27.91
N PHE B 184 -14.27 -16.29 -27.53
CA PHE B 184 -13.99 -17.10 -26.36
C PHE B 184 -14.79 -18.40 -26.35
N ASN B 185 -14.72 -19.12 -27.48
CA ASN B 185 -15.38 -20.40 -27.73
C ASN B 185 -14.40 -21.27 -28.51
N SER B 186 -14.33 -22.58 -28.22
CA SER B 186 -13.44 -23.47 -28.96
C SER B 186 -14.06 -23.72 -30.34
N LEU B 187 -13.70 -22.93 -31.35
CA LEU B 187 -14.30 -23.09 -32.68
C LEU B 187 -13.45 -23.89 -33.66
N SER B 188 -12.13 -23.64 -33.70
CA SER B 188 -11.14 -24.26 -34.59
C SER B 188 -11.24 -23.80 -36.05
N HIS B 189 -12.46 -23.54 -36.54
CA HIS B 189 -12.72 -23.09 -37.91
C HIS B 189 -13.80 -22.00 -37.92
N VAL B 190 -13.78 -21.14 -38.94
CA VAL B 190 -14.78 -20.09 -39.09
C VAL B 190 -16.07 -20.76 -39.56
N PRO B 191 -17.20 -20.51 -38.87
CA PRO B 191 -18.45 -21.15 -39.27
C PRO B 191 -18.86 -20.85 -40.71
N PRO B 192 -19.21 -21.89 -41.49
CA PRO B 192 -19.62 -21.65 -42.87
C PRO B 192 -21.07 -21.17 -42.97
N LYS B 193 -21.45 -20.66 -44.15
CA LYS B 193 -22.80 -20.17 -44.43
C LYS B 193 -23.26 -19.04 -43.49
N LEU B 194 -22.49 -17.95 -43.48
CA LEU B 194 -22.83 -16.78 -42.68
C LEU B 194 -23.62 -15.80 -43.56
N PRO B 195 -24.63 -15.11 -43.01
CA PRO B 195 -25.44 -14.20 -43.83
C PRO B 195 -24.64 -13.01 -44.35
N SER B 196 -24.84 -12.66 -45.62
CA SER B 196 -24.16 -11.53 -46.26
C SER B 196 -24.45 -10.18 -45.57
N SER B 197 -25.55 -10.10 -44.80
CA SER B 197 -25.94 -8.89 -44.08
C SER B 197 -25.05 -8.57 -42.87
N LEU B 198 -24.07 -9.43 -42.55
CA LEU B 198 -23.18 -9.23 -41.41
C LEU B 198 -22.35 -7.96 -41.55
N ARG B 199 -22.36 -7.13 -40.51
CA ARG B 199 -21.62 -5.89 -40.44
C ARG B 199 -20.48 -5.99 -39.41
N LYS B 200 -20.63 -6.83 -38.37
CA LYS B 200 -19.60 -7.02 -37.35
C LYS B 200 -19.47 -8.51 -37.00
N LEU B 201 -18.29 -9.09 -37.21
CA LEU B 201 -18.05 -10.50 -36.90
C LEU B 201 -16.91 -10.64 -35.88
N PHE B 202 -17.23 -11.09 -34.66
CA PHE B 202 -16.25 -11.21 -33.59
C PHE B 202 -15.84 -12.65 -33.35
N LEU B 203 -14.57 -12.98 -33.60
CA LEU B 203 -14.05 -14.33 -33.42
C LEU B 203 -12.75 -14.32 -32.61
N SER B 204 -12.72 -13.57 -31.50
CA SER B 204 -11.54 -13.47 -30.64
C SER B 204 -11.37 -14.73 -29.79
N ASN B 205 -10.12 -15.19 -29.58
CA ASN B 205 -9.83 -16.37 -28.75
C ASN B 205 -10.68 -17.58 -29.12
N THR B 206 -10.78 -17.89 -30.40
CA THR B 206 -11.60 -18.99 -30.89
C THR B 206 -10.80 -20.19 -31.41
N GLN B 207 -9.48 -20.23 -31.15
CA GLN B 207 -8.57 -21.30 -31.57
C GLN B 207 -8.58 -21.53 -33.07
N ILE B 208 -8.75 -20.46 -33.84
CA ILE B 208 -8.74 -20.54 -35.29
C ILE B 208 -7.32 -20.29 -35.78
N LYS B 209 -6.60 -21.36 -36.13
CA LYS B 209 -5.22 -21.26 -36.58
C LYS B 209 -5.12 -20.87 -38.05
N TYR B 210 -6.14 -21.17 -38.87
CA TYR B 210 -6.09 -20.92 -40.30
C TYR B 210 -7.29 -20.15 -40.83
N ILE B 211 -7.02 -19.10 -41.61
CA ILE B 211 -8.05 -18.30 -42.26
C ILE B 211 -7.90 -18.50 -43.76
N SER B 212 -8.94 -19.02 -44.42
CA SER B 212 -8.88 -19.28 -45.85
C SER B 212 -9.63 -18.21 -46.67
N GLU B 213 -9.42 -18.23 -47.99
CA GLU B 213 -10.09 -17.33 -48.92
C GLU B 213 -11.62 -17.53 -48.87
N GLU B 214 -12.06 -18.78 -48.66
CA GLU B 214 -13.47 -19.16 -48.61
C GLU B 214 -14.17 -18.81 -47.30
N ASP B 215 -13.42 -18.55 -46.22
CA ASP B 215 -13.99 -18.26 -44.90
C ASP B 215 -14.79 -16.94 -44.82
N PHE B 216 -14.29 -15.87 -45.43
CA PHE B 216 -15.01 -14.59 -45.41
C PHE B 216 -15.31 -14.13 -46.84
N LYS B 217 -15.65 -15.06 -47.74
CA LYS B 217 -15.87 -14.75 -49.14
C LYS B 217 -17.17 -13.99 -49.47
N GLY B 218 -18.30 -14.41 -48.90
CA GLY B 218 -19.58 -13.78 -49.20
C GLY B 218 -20.04 -12.67 -48.28
N LEU B 219 -19.09 -11.96 -47.63
CA LEU B 219 -19.46 -10.90 -46.68
C LEU B 219 -19.03 -9.50 -47.14
N ILE B 220 -19.65 -8.98 -48.21
CA ILE B 220 -19.32 -7.66 -48.76
C ILE B 220 -19.72 -6.47 -47.87
N ASN B 221 -20.67 -6.65 -46.94
CA ASN B 221 -21.10 -5.55 -46.07
C ASN B 221 -20.38 -5.55 -44.70
N LEU B 222 -19.28 -6.30 -44.57
CA LEU B 222 -18.56 -6.38 -43.30
C LEU B 222 -17.76 -5.12 -43.01
N THR B 223 -18.06 -4.46 -41.89
CA THR B 223 -17.34 -3.27 -41.48
C THR B 223 -16.34 -3.58 -40.34
N LEU B 224 -16.54 -4.66 -39.57
CA LEU B 224 -15.63 -5.02 -38.48
C LEU B 224 -15.28 -6.50 -38.51
N LEU B 225 -14.00 -6.82 -38.28
CA LEU B 225 -13.56 -8.21 -38.20
C LEU B 225 -12.61 -8.41 -37.03
N ASP B 226 -13.01 -9.22 -36.05
CA ASP B 226 -12.16 -9.49 -34.89
C ASP B 226 -11.55 -10.90 -34.97
N LEU B 227 -10.25 -10.98 -35.18
CA LEU B 227 -9.55 -12.27 -35.21
C LEU B 227 -8.46 -12.34 -34.12
N SER B 228 -8.53 -11.49 -33.08
CA SER B 228 -7.55 -11.41 -32.01
C SER B 228 -7.47 -12.66 -31.14
N GLY B 229 -6.35 -12.84 -30.46
CA GLY B 229 -6.15 -13.98 -29.56
C GLY B 229 -6.06 -15.34 -30.21
N ASN B 230 -6.05 -15.40 -31.53
CA ASN B 230 -5.93 -16.67 -32.26
C ASN B 230 -4.47 -16.84 -32.56
N CYS B 231 -3.84 -17.79 -31.85
CA CYS B 231 -2.40 -18.06 -31.77
C CYS B 231 -1.85 -16.93 -30.94
N PRO B 232 -2.10 -16.97 -29.61
CA PRO B 232 -1.80 -15.79 -28.80
C PRO B 232 -0.40 -15.60 -28.23
N ARG B 233 -0.04 -14.32 -28.01
CA ARG B 233 1.19 -13.93 -27.35
C ARG B 233 0.74 -13.61 -25.93
N CYS B 234 1.20 -14.39 -24.96
CA CYS B 234 0.77 -14.25 -23.58
C CYS B 234 1.38 -13.05 -22.87
N PHE B 235 0.52 -12.21 -22.26
CA PHE B 235 0.96 -11.00 -21.62
C PHE B 235 -0.05 -10.52 -20.54
N ASN B 236 -0.05 -11.15 -19.35
CA ASN B 236 -0.90 -10.78 -18.23
C ASN B 236 -2.43 -10.75 -18.51
N ALA B 237 -2.90 -11.46 -19.54
CA ALA B 237 -4.31 -11.49 -19.89
C ALA B 237 -5.12 -12.11 -18.76
N PRO B 238 -6.30 -11.56 -18.43
CA PRO B 238 -7.09 -12.12 -17.32
C PRO B 238 -7.83 -13.41 -17.67
N PHE B 239 -7.43 -14.07 -18.75
CA PHE B 239 -8.04 -15.30 -19.24
C PHE B 239 -6.94 -16.26 -19.73
N PRO B 240 -7.23 -17.58 -19.79
CA PRO B 240 -6.20 -18.53 -20.23
C PRO B 240 -5.56 -18.22 -21.58
N CYS B 241 -4.24 -18.26 -21.62
CA CYS B 241 -3.49 -18.03 -22.85
C CYS B 241 -2.66 -19.27 -23.13
N VAL B 242 -2.94 -19.92 -24.26
CA VAL B 242 -2.18 -21.10 -24.67
C VAL B 242 -1.68 -20.88 -26.09
N PRO B 243 -0.38 -20.62 -26.24
CA PRO B 243 0.16 -20.29 -27.56
C PRO B 243 0.11 -21.44 -28.55
N CYS B 244 0.17 -21.11 -29.85
CA CYS B 244 0.16 -22.11 -30.90
C CYS B 244 1.43 -22.94 -30.92
N ASP B 245 1.35 -24.12 -31.53
CA ASP B 245 2.45 -25.07 -31.58
C ASP B 245 3.68 -24.55 -32.30
N GLY B 246 4.77 -24.42 -31.56
CA GLY B 246 6.05 -23.98 -32.08
C GLY B 246 6.14 -22.49 -32.35
N GLY B 247 5.41 -21.71 -31.58
CA GLY B 247 5.37 -20.26 -31.68
C GLY B 247 4.76 -19.75 -32.97
N ALA B 248 3.87 -20.54 -33.57
CA ALA B 248 3.22 -20.21 -34.83
C ALA B 248 2.22 -19.07 -34.69
N SER B 249 2.05 -18.31 -35.77
CA SER B 249 1.12 -17.18 -35.85
C SER B 249 -0.17 -17.60 -36.58
N ILE B 250 -1.20 -16.73 -36.60
CA ILE B 250 -2.42 -17.02 -37.33
C ILE B 250 -2.07 -17.06 -38.83
N ASN B 251 -2.55 -18.10 -39.54
CA ASN B 251 -2.23 -18.24 -40.95
C ASN B 251 -3.35 -17.69 -41.81
N ILE B 252 -3.28 -16.40 -42.15
CA ILE B 252 -4.29 -15.79 -42.99
C ILE B 252 -3.87 -15.94 -44.45
N ASP B 253 -4.77 -16.43 -45.30
CA ASP B 253 -4.49 -16.60 -46.72
C ASP B 253 -4.32 -15.23 -47.41
N ARG B 254 -3.53 -15.18 -48.48
CA ARG B 254 -3.28 -13.94 -49.23
C ARG B 254 -4.58 -13.27 -49.69
N PHE B 255 -5.53 -14.06 -50.20
CA PHE B 255 -6.79 -13.55 -50.70
C PHE B 255 -7.96 -13.76 -49.74
N ALA B 256 -7.70 -13.86 -48.43
CA ALA B 256 -8.78 -14.07 -47.45
C ALA B 256 -9.63 -12.81 -47.25
N PHE B 257 -9.03 -11.63 -47.43
CA PHE B 257 -9.76 -10.37 -47.25
C PHE B 257 -9.97 -9.63 -48.58
N GLN B 258 -9.98 -10.34 -49.72
CA GLN B 258 -10.14 -9.70 -51.03
C GLN B 258 -11.57 -9.24 -51.34
N ASN B 259 -12.56 -9.73 -50.57
CA ASN B 259 -13.96 -9.35 -50.78
C ASN B 259 -14.49 -8.40 -49.70
N LEU B 260 -13.75 -8.22 -48.59
CA LEU B 260 -14.16 -7.33 -47.50
C LEU B 260 -13.76 -5.89 -47.84
N THR B 261 -14.37 -5.30 -48.88
CA THR B 261 -14.06 -3.95 -49.34
C THR B 261 -14.53 -2.85 -48.41
N GLN B 262 -15.56 -3.10 -47.62
CA GLN B 262 -16.09 -2.11 -46.70
C GLN B 262 -15.51 -2.20 -45.29
N LEU B 263 -14.42 -2.96 -45.08
CA LEU B 263 -13.85 -3.14 -43.76
C LEU B 263 -13.24 -1.88 -43.19
N ARG B 264 -13.75 -1.44 -42.04
CA ARG B 264 -13.28 -0.25 -41.34
C ARG B 264 -12.47 -0.65 -40.09
N TYR B 265 -12.84 -1.74 -39.43
CA TYR B 265 -12.17 -2.16 -38.20
C TYR B 265 -11.56 -3.55 -38.33
N LEU B 266 -10.25 -3.69 -38.09
CA LEU B 266 -9.61 -4.99 -38.14
C LEU B 266 -8.78 -5.22 -36.88
N ASN B 267 -9.21 -6.17 -36.05
CA ASN B 267 -8.50 -6.48 -34.83
C ASN B 267 -7.68 -7.76 -35.01
N LEU B 268 -6.36 -7.62 -35.07
CA LEU B 268 -5.46 -8.77 -35.17
C LEU B 268 -4.49 -8.83 -33.99
N SER B 269 -4.90 -8.34 -32.83
CA SER B 269 -4.08 -8.33 -31.62
C SER B 269 -3.82 -9.75 -31.12
N SER B 270 -2.67 -9.95 -30.49
CA SER B 270 -2.29 -11.25 -29.91
C SER B 270 -2.44 -12.42 -30.88
N THR B 271 -1.92 -12.26 -32.09
CA THR B 271 -1.95 -13.31 -33.09
C THR B 271 -0.55 -13.87 -33.40
N SER B 272 0.47 -13.52 -32.57
CA SER B 272 1.86 -13.95 -32.69
C SER B 272 2.45 -13.73 -34.08
N LEU B 273 1.94 -12.72 -34.80
CA LEU B 273 2.35 -12.39 -36.15
C LEU B 273 3.75 -11.85 -36.20
N ARG B 274 4.50 -12.28 -37.20
CA ARG B 274 5.87 -11.82 -37.43
C ARG B 274 6.00 -11.10 -38.80
N LYS B 275 5.09 -11.40 -39.75
CA LYS B 275 5.04 -10.83 -41.08
C LYS B 275 3.59 -10.40 -41.40
N ILE B 276 3.42 -9.24 -42.04
CA ILE B 276 2.12 -8.73 -42.43
C ILE B 276 2.06 -8.69 -43.95
N ASN B 277 1.12 -9.43 -44.55
CA ASN B 277 0.99 -9.45 -46.00
C ASN B 277 0.25 -8.21 -46.47
N ALA B 278 0.94 -7.36 -47.24
CA ALA B 278 0.36 -6.12 -47.78
C ALA B 278 -0.84 -6.39 -48.70
N ALA B 279 -0.92 -7.60 -49.29
CA ALA B 279 -2.03 -8.01 -50.17
C ALA B 279 -3.38 -8.09 -49.44
N TRP B 280 -3.38 -8.16 -48.10
CA TRP B 280 -4.59 -8.20 -47.29
C TRP B 280 -5.35 -6.87 -47.35
N PHE B 281 -4.63 -5.76 -47.58
CA PHE B 281 -5.21 -4.42 -47.60
C PHE B 281 -5.32 -3.83 -49.01
N LYS B 282 -5.23 -4.65 -50.07
CA LYS B 282 -5.33 -4.13 -51.43
C LYS B 282 -6.77 -3.77 -51.78
N ASN B 283 -7.72 -4.60 -51.35
CA ASN B 283 -9.14 -4.35 -51.60
C ASN B 283 -9.80 -3.96 -50.28
N MET B 284 -9.14 -3.06 -49.54
CA MET B 284 -9.61 -2.58 -48.25
C MET B 284 -9.27 -1.08 -48.18
N PRO B 285 -9.88 -0.25 -49.05
CA PRO B 285 -9.53 1.18 -49.05
C PRO B 285 -10.12 2.01 -47.91
N HIS B 286 -11.08 1.45 -47.15
CA HIS B 286 -11.71 2.20 -46.07
C HIS B 286 -11.24 1.83 -44.68
N LEU B 287 -10.17 1.03 -44.54
CA LEU B 287 -9.66 0.62 -43.22
C LEU B 287 -9.33 1.82 -42.35
N LYS B 288 -10.09 1.99 -41.27
CA LYS B 288 -10.03 3.12 -40.34
C LYS B 288 -9.29 2.79 -39.04
N VAL B 289 -9.47 1.59 -38.49
CA VAL B 289 -8.82 1.20 -37.23
C VAL B 289 -8.09 -0.15 -37.38
N LEU B 290 -6.76 -0.16 -37.13
CA LEU B 290 -5.99 -1.40 -37.20
C LEU B 290 -5.32 -1.73 -35.86
N ASP B 291 -5.63 -2.90 -35.32
CA ASP B 291 -5.06 -3.34 -34.05
C ASP B 291 -4.02 -4.45 -34.27
N LEU B 292 -2.74 -4.14 -34.01
CA LEU B 292 -1.66 -5.12 -34.13
C LEU B 292 -0.84 -5.25 -32.83
N GLU B 293 -1.46 -4.95 -31.68
CA GLU B 293 -0.79 -5.05 -30.39
C GLU B 293 -0.60 -6.50 -29.95
N PHE B 294 0.47 -6.77 -29.19
CA PHE B 294 0.81 -8.09 -28.68
C PHE B 294 1.16 -9.08 -29.79
N ASN B 295 2.10 -8.69 -30.66
CA ASN B 295 2.60 -9.52 -31.75
C ASN B 295 4.15 -9.44 -31.75
N TYR B 296 4.84 -9.78 -32.85
CA TYR B 296 6.29 -9.68 -32.93
C TYR B 296 6.62 -8.90 -34.19
N LEU B 297 6.03 -7.72 -34.33
CA LEU B 297 6.19 -6.92 -35.54
C LEU B 297 7.20 -5.78 -35.43
N VAL B 298 8.31 -5.95 -34.69
CA VAL B 298 9.35 -4.92 -34.61
C VAL B 298 9.97 -4.70 -36.01
N GLY B 299 10.22 -5.79 -36.73
CA GLY B 299 10.76 -5.74 -38.09
C GLY B 299 9.79 -5.12 -39.08
N GLU B 300 8.48 -5.41 -38.91
CA GLU B 300 7.45 -4.83 -39.78
C GLU B 300 7.29 -3.34 -39.55
N ILE B 301 7.54 -2.86 -38.32
CA ILE B 301 7.46 -1.43 -38.02
C ILE B 301 8.62 -0.68 -38.72
N ALA B 302 9.80 -1.33 -38.84
CA ALA B 302 11.01 -0.78 -39.43
C ALA B 302 11.03 -0.74 -40.96
N SER B 303 10.31 -1.67 -41.62
CA SER B 303 10.31 -1.71 -43.09
C SER B 303 8.90 -1.76 -43.68
N GLY B 304 8.07 -2.63 -43.13
CA GLY B 304 6.67 -2.86 -43.50
C GLY B 304 6.10 -2.31 -44.78
N ALA B 305 5.87 -3.19 -45.75
CA ALA B 305 5.26 -2.81 -47.02
C ALA B 305 3.77 -2.44 -46.86
N PHE B 306 3.11 -2.98 -45.81
CA PHE B 306 1.70 -2.75 -45.49
C PHE B 306 1.37 -1.29 -45.17
N LEU B 307 2.37 -0.51 -44.72
CA LEU B 307 2.16 0.90 -44.39
C LEU B 307 1.77 1.77 -45.59
N THR B 308 2.17 1.35 -46.81
CA THR B 308 1.79 2.06 -48.02
C THR B 308 0.39 1.68 -48.54
N MET B 309 -0.31 0.76 -47.86
CA MET B 309 -1.64 0.28 -48.25
C MET B 309 -2.76 0.83 -47.37
N LEU B 310 -2.47 1.75 -46.43
CA LEU B 310 -3.49 2.27 -45.52
C LEU B 310 -3.63 3.81 -45.59
N PRO B 311 -4.16 4.37 -46.70
CA PRO B 311 -4.27 5.83 -46.80
C PRO B 311 -5.39 6.46 -45.98
N ARG B 312 -6.38 5.66 -45.58
CA ARG B 312 -7.51 6.17 -44.80
C ARG B 312 -7.50 5.69 -43.34
N LEU B 313 -6.38 5.12 -42.85
CA LEU B 313 -6.29 4.62 -41.48
C LEU B 313 -6.17 5.79 -40.53
N GLU B 314 -7.01 5.82 -39.49
CA GLU B 314 -7.00 6.89 -38.51
C GLU B 314 -6.41 6.43 -37.18
N ILE B 315 -6.60 5.16 -36.80
CA ILE B 315 -6.04 4.65 -35.54
C ILE B 315 -5.15 3.45 -35.78
N LEU B 316 -3.87 3.57 -35.42
CA LEU B 316 -2.94 2.47 -35.55
C LEU B 316 -2.40 2.10 -34.19
N ASP B 317 -2.51 0.82 -33.81
CA ASP B 317 -1.97 0.34 -32.54
C ASP B 317 -0.94 -0.76 -32.77
N LEU B 318 0.32 -0.47 -32.51
CA LEU B 318 1.39 -1.46 -32.63
C LEU B 318 2.05 -1.65 -31.27
N SER B 319 1.27 -1.57 -30.17
CA SER B 319 1.79 -1.72 -28.83
C SER B 319 2.23 -3.14 -28.48
N PHE B 320 3.07 -3.28 -27.46
CA PHE B 320 3.60 -4.52 -26.92
C PHE B 320 4.07 -5.49 -27.99
N ASN B 321 4.90 -5.00 -28.88
CA ASN B 321 5.48 -5.83 -29.95
C ASN B 321 6.98 -6.08 -29.74
N TYR B 322 7.51 -5.82 -28.53
CA TYR B 322 8.92 -5.93 -28.22
C TYR B 322 9.52 -7.31 -28.42
N ILE B 323 10.83 -7.36 -28.62
CA ILE B 323 11.54 -8.61 -28.73
C ILE B 323 12.18 -8.82 -27.36
N LYS B 324 11.91 -9.96 -26.70
CA LYS B 324 12.45 -10.24 -25.37
C LYS B 324 13.98 -10.21 -25.37
N GLY B 325 14.55 -9.50 -24.40
CA GLY B 325 15.99 -9.35 -24.29
C GLY B 325 16.61 -8.26 -25.15
N SER B 326 15.82 -7.65 -26.04
CA SER B 326 16.28 -6.61 -26.95
C SER B 326 15.86 -5.21 -26.48
N TYR B 327 16.83 -4.38 -26.07
CA TYR B 327 16.60 -3.01 -25.58
C TYR B 327 17.39 -2.07 -26.51
N PRO B 328 16.89 -1.82 -27.74
CA PRO B 328 17.66 -0.99 -28.69
C PRO B 328 17.82 0.45 -28.27
N GLN B 329 18.85 1.09 -28.81
CA GLN B 329 19.14 2.49 -28.51
C GLN B 329 18.06 3.42 -29.05
N HIS B 330 17.48 3.09 -30.20
CA HIS B 330 16.46 3.93 -30.82
C HIS B 330 15.31 3.10 -31.36
N ILE B 331 14.15 3.73 -31.61
CA ILE B 331 13.02 3.04 -32.20
C ILE B 331 13.19 3.12 -33.73
N ASN B 332 13.03 1.99 -34.44
CA ASN B 332 13.19 1.98 -35.89
C ASN B 332 11.83 2.13 -36.57
N ILE B 333 11.53 3.34 -37.02
CA ILE B 333 10.27 3.67 -37.68
C ILE B 333 10.48 3.76 -39.18
N SER B 334 9.72 2.97 -39.95
CA SER B 334 9.81 2.91 -41.41
C SER B 334 9.50 4.26 -42.04
N ARG B 335 10.19 4.59 -43.14
CA ARG B 335 9.91 5.83 -43.86
C ARG B 335 8.46 5.81 -44.42
N ASN B 336 7.91 4.60 -44.69
CA ASN B 336 6.56 4.39 -45.18
C ASN B 336 5.47 4.82 -44.20
N PHE B 337 5.84 5.25 -42.98
CA PHE B 337 4.87 5.77 -42.02
C PHE B 337 4.31 7.13 -42.53
N SER B 338 5.04 7.85 -43.39
CA SER B 338 4.61 9.10 -44.01
C SER B 338 3.42 8.90 -44.97
N LYS B 339 3.15 7.64 -45.38
CA LYS B 339 2.04 7.25 -46.24
C LYS B 339 0.71 7.09 -45.47
N LEU B 340 0.73 7.17 -44.12
CA LEU B 340 -0.48 7.07 -43.31
C LEU B 340 -1.07 8.48 -43.19
N LEU B 341 -1.54 9.01 -44.32
CA LEU B 341 -2.08 10.36 -44.46
C LEU B 341 -3.27 10.70 -43.56
N SER B 342 -4.10 9.71 -43.20
CA SER B 342 -5.26 9.97 -42.34
C SER B 342 -5.01 9.68 -40.85
N LEU B 343 -3.79 9.28 -40.47
CA LEU B 343 -3.47 8.93 -39.09
C LEU B 343 -3.77 10.03 -38.11
N ARG B 344 -4.58 9.72 -37.09
CA ARG B 344 -4.97 10.63 -36.01
C ARG B 344 -4.29 10.20 -34.70
N ALA B 345 -4.24 8.89 -34.45
CA ALA B 345 -3.65 8.36 -33.22
C ALA B 345 -2.71 7.20 -33.48
N LEU B 346 -1.49 7.30 -32.94
CA LEU B 346 -0.49 6.24 -33.05
C LEU B 346 -0.18 5.73 -31.67
N HIS B 347 -0.43 4.43 -31.43
CA HIS B 347 -0.14 3.82 -30.14
C HIS B 347 1.07 2.92 -30.36
N LEU B 348 2.15 3.22 -29.65
CA LEU B 348 3.40 2.49 -29.72
C LEU B 348 3.93 2.16 -28.32
N ARG B 349 3.04 1.70 -27.42
CA ARG B 349 3.47 1.28 -26.09
C ARG B 349 4.26 -0.03 -26.18
N GLY B 350 4.96 -0.40 -25.13
CA GLY B 350 5.70 -1.66 -25.08
C GLY B 350 6.63 -2.02 -26.24
N TYR B 351 7.20 -1.03 -26.93
CA TYR B 351 8.20 -1.32 -27.96
C TYR B 351 9.54 -1.61 -27.26
N VAL B 352 9.81 -0.92 -26.11
CA VAL B 352 11.00 -1.04 -25.26
C VAL B 352 12.26 -0.57 -26.00
N PHE B 353 12.61 0.71 -25.81
CA PHE B 353 13.77 1.35 -26.43
C PHE B 353 14.37 2.43 -25.51
N GLN B 354 15.63 2.79 -25.73
CA GLN B 354 16.34 3.69 -24.85
C GLN B 354 16.24 5.18 -25.14
N GLU B 355 16.24 5.60 -26.41
CA GLU B 355 16.20 7.03 -26.74
C GLU B 355 15.24 7.33 -27.85
N LEU B 356 14.54 8.47 -27.75
CA LEU B 356 13.69 8.94 -28.84
C LEU B 356 14.37 10.17 -29.42
N ARG B 357 15.05 9.99 -30.55
CA ARG B 357 15.77 11.05 -31.24
C ARG B 357 14.88 11.87 -32.16
N GLU B 358 15.31 13.08 -32.51
CA GLU B 358 14.58 13.97 -33.40
C GLU B 358 14.36 13.33 -34.77
N ASP B 359 15.37 12.64 -35.33
CA ASP B 359 15.24 12.02 -36.65
C ASP B 359 14.51 10.67 -36.64
N ASP B 360 14.15 10.14 -35.46
CA ASP B 360 13.43 8.86 -35.35
C ASP B 360 11.97 9.02 -35.76
N PHE B 361 11.36 10.15 -35.40
CA PHE B 361 9.96 10.41 -35.70
C PHE B 361 9.78 11.36 -36.89
N GLN B 362 10.77 11.46 -37.80
CA GLN B 362 10.64 12.31 -38.99
C GLN B 362 9.51 11.82 -39.94
N PRO B 363 9.30 10.49 -40.16
CA PRO B 363 8.19 10.07 -41.03
C PRO B 363 6.80 10.43 -40.53
N LEU B 364 6.65 10.88 -39.27
CA LEU B 364 5.34 11.25 -38.71
C LEU B 364 5.09 12.76 -38.67
N MET B 365 6.13 13.58 -38.83
CA MET B 365 6.06 15.03 -38.68
C MET B 365 5.23 15.81 -39.71
N GLN B 366 4.99 15.26 -40.90
CA GLN B 366 4.18 15.96 -41.91
C GLN B 366 2.76 15.39 -42.07
N LEU B 367 2.31 14.53 -41.14
CA LEU B 367 0.95 14.00 -41.17
C LEU B 367 0.06 15.06 -40.54
N PRO B 368 -0.96 15.53 -41.27
CA PRO B 368 -1.77 16.65 -40.75
C PRO B 368 -2.73 16.32 -39.61
N ASN B 369 -3.32 15.13 -39.63
CA ASN B 369 -4.31 14.71 -38.64
C ASN B 369 -3.73 14.14 -37.33
N LEU B 370 -2.43 13.77 -37.29
CA LEU B 370 -1.81 13.12 -36.13
C LEU B 370 -1.81 13.98 -34.86
N SER B 371 -2.80 13.73 -33.99
CA SER B 371 -2.97 14.45 -32.74
C SER B 371 -2.57 13.67 -31.49
N THR B 372 -2.52 12.34 -31.57
CA THR B 372 -2.15 11.52 -30.42
C THR B 372 -0.93 10.65 -30.65
N ILE B 373 0.09 10.79 -29.78
CA ILE B 373 1.26 9.93 -29.83
C ILE B 373 1.36 9.25 -28.48
N ASN B 374 1.18 7.93 -28.46
CA ASN B 374 1.21 7.18 -27.23
C ASN B 374 2.51 6.37 -27.14
N LEU B 375 3.40 6.75 -26.23
CA LEU B 375 4.67 6.06 -26.03
C LEU B 375 4.83 5.56 -24.59
N GLY B 376 3.75 5.13 -23.97
CA GLY B 376 3.78 4.62 -22.61
C GLY B 376 4.51 3.29 -22.49
N ILE B 377 4.93 2.94 -21.26
CA ILE B 377 5.60 1.66 -20.95
C ILE B 377 6.70 1.28 -21.99
N ASN B 378 7.62 2.21 -22.24
CA ASN B 378 8.69 1.98 -23.21
C ASN B 378 10.09 1.94 -22.62
N PHE B 379 10.23 2.29 -21.33
CA PHE B 379 11.50 2.32 -20.61
C PHE B 379 12.49 3.28 -21.26
N ILE B 380 12.00 4.38 -21.86
CA ILE B 380 12.78 5.39 -22.57
C ILE B 380 13.58 6.19 -21.58
N LYS B 381 14.91 6.17 -21.68
CA LYS B 381 15.77 6.90 -20.77
C LYS B 381 15.89 8.38 -21.10
N GLN B 382 15.88 8.76 -22.39
CA GLN B 382 16.02 10.16 -22.78
C GLN B 382 15.29 10.45 -24.10
N ILE B 383 14.60 11.61 -24.20
CA ILE B 383 13.85 12.03 -25.38
C ILE B 383 14.27 13.46 -25.76
N ASP B 384 14.50 13.71 -27.05
CA ASP B 384 14.84 15.06 -27.52
C ASP B 384 13.52 15.79 -27.69
N PHE B 385 13.03 16.45 -26.63
CA PHE B 385 11.72 17.12 -26.62
C PHE B 385 11.52 18.19 -27.70
N LYS B 386 12.60 18.62 -28.36
CA LYS B 386 12.49 19.59 -29.45
C LYS B 386 11.76 18.99 -30.67
N LEU B 387 11.74 17.64 -30.82
CA LEU B 387 11.08 16.98 -31.93
C LEU B 387 9.56 17.17 -31.92
N PHE B 388 8.95 17.37 -30.74
CA PHE B 388 7.50 17.55 -30.64
C PHE B 388 7.01 18.86 -31.24
N GLN B 389 7.87 19.88 -31.32
CA GLN B 389 7.55 21.15 -31.95
C GLN B 389 7.35 20.97 -33.45
N ASN B 390 8.18 20.11 -34.06
CA ASN B 390 8.18 19.83 -35.48
C ASN B 390 6.95 19.04 -35.98
N PHE B 391 5.94 18.80 -35.12
CA PHE B 391 4.71 18.09 -35.47
C PHE B 391 3.62 19.03 -35.91
N SER B 392 2.85 18.63 -36.92
CA SER B 392 1.76 19.43 -37.49
C SER B 392 0.66 19.84 -36.48
N ASN B 393 0.01 18.86 -35.82
CA ASN B 393 -1.06 19.19 -34.89
C ASN B 393 -1.18 18.20 -33.73
N LEU B 394 -0.15 18.16 -32.86
CA LEU B 394 -0.18 17.28 -31.68
C LEU B 394 -1.03 17.88 -30.56
N GLU B 395 -1.89 17.07 -29.97
CA GLU B 395 -2.72 17.50 -28.85
C GLU B 395 -2.49 16.64 -27.61
N ILE B 396 -2.03 15.38 -27.78
CA ILE B 396 -1.74 14.46 -26.68
C ILE B 396 -0.37 13.79 -26.83
N ILE B 397 0.55 14.04 -25.89
CA ILE B 397 1.86 13.39 -25.86
C ILE B 397 1.95 12.53 -24.60
N TYR B 398 1.59 11.25 -24.73
CA TYR B 398 1.56 10.33 -23.61
C TYR B 398 2.88 9.63 -23.39
N LEU B 399 3.63 10.06 -22.37
CA LEU B 399 4.94 9.47 -22.09
C LEU B 399 5.02 8.83 -20.70
N SER B 400 3.87 8.44 -20.14
CA SER B 400 3.83 7.82 -18.82
C SER B 400 4.54 6.48 -18.79
N GLU B 401 5.08 6.12 -17.62
CA GLU B 401 5.79 4.85 -17.44
C GLU B 401 7.05 4.74 -18.28
N ASN B 402 7.92 5.74 -18.15
CA ASN B 402 9.20 5.76 -18.84
C ASN B 402 10.34 6.15 -17.86
N ARG B 403 11.59 6.28 -18.32
CA ARG B 403 12.72 6.60 -17.43
C ARG B 403 13.34 7.99 -17.71
N ILE B 404 12.50 9.01 -17.93
CA ILE B 404 12.98 10.37 -18.17
C ILE B 404 13.57 10.88 -16.83
N SER B 405 14.76 11.49 -16.87
CA SER B 405 15.48 11.99 -15.70
C SER B 405 15.50 13.53 -15.64
N PRO B 406 15.95 14.16 -14.53
CA PRO B 406 16.08 15.62 -14.50
C PRO B 406 16.98 16.16 -15.62
N LEU B 407 16.53 17.26 -16.26
CA LEU B 407 17.15 17.98 -17.39
C LEU B 407 17.27 17.12 -18.64
N ASP B 436 -14.48 -8.25 -17.53
CA ASP B 436 -15.65 -7.72 -18.21
C ASP B 436 -15.69 -8.18 -19.66
N PRO B 437 -16.66 -9.04 -20.02
CA PRO B 437 -16.73 -9.53 -21.41
C PRO B 437 -17.19 -8.50 -22.44
N HIS B 438 -17.79 -7.39 -22.00
CA HIS B 438 -18.27 -6.36 -22.92
C HIS B 438 -17.25 -5.23 -23.12
N SER B 439 -15.95 -5.54 -22.98
CA SER B 439 -14.93 -4.51 -23.12
C SER B 439 -13.80 -4.87 -24.08
N ASN B 440 -13.12 -3.85 -24.61
CA ASN B 440 -11.99 -4.03 -25.49
C ASN B 440 -10.85 -4.49 -24.60
N PHE B 441 -10.45 -5.76 -24.72
CA PHE B 441 -9.41 -6.31 -23.87
C PHE B 441 -8.01 -5.83 -24.23
N TYR B 442 -7.64 -5.92 -25.51
CA TYR B 442 -6.29 -5.58 -25.94
C TYR B 442 -6.01 -4.08 -26.10
N HIS B 443 -7.01 -3.19 -25.98
CA HIS B 443 -6.78 -1.76 -26.18
C HIS B 443 -7.27 -0.87 -25.03
N PHE B 444 -6.50 0.19 -24.74
CA PHE B 444 -6.74 1.20 -23.70
C PHE B 444 -7.90 2.12 -24.16
N THR B 445 -9.15 1.80 -23.76
CA THR B 445 -10.30 2.61 -24.20
C THR B 445 -10.48 3.91 -23.41
N ARG B 446 -10.10 3.91 -22.13
CA ARG B 446 -10.18 5.11 -21.29
C ARG B 446 -9.27 6.22 -21.85
N PRO B 447 -9.62 7.51 -21.63
CA PRO B 447 -8.78 8.59 -22.18
C PRO B 447 -7.38 8.56 -21.59
N LEU B 448 -6.34 8.79 -22.41
CA LEU B 448 -4.97 8.79 -21.94
C LEU B 448 -4.77 9.90 -20.90
N ILE B 449 -5.32 11.08 -21.19
CA ILE B 449 -5.28 12.25 -20.33
C ILE B 449 -6.72 12.49 -19.86
N LYS B 450 -6.92 12.92 -18.59
CA LYS B 450 -8.28 13.25 -18.09
C LYS B 450 -8.88 14.37 -18.95
N PRO B 451 -10.12 14.19 -19.43
CA PRO B 451 -10.72 15.20 -20.32
C PRO B 451 -10.72 16.63 -19.79
N GLN B 452 -10.81 16.80 -18.46
CA GLN B 452 -10.77 18.11 -17.79
C GLN B 452 -9.43 18.81 -17.99
N CYS B 453 -8.33 18.02 -18.16
CA CYS B 453 -6.99 18.52 -18.38
C CYS B 453 -6.76 18.80 -19.87
N ALA B 454 -7.08 17.81 -20.72
CA ALA B 454 -6.90 17.87 -22.17
C ALA B 454 -7.67 18.99 -22.86
N ALA B 455 -8.82 19.39 -22.29
CA ALA B 455 -9.63 20.47 -22.86
C ALA B 455 -8.94 21.83 -22.89
N TYR B 456 -7.96 22.05 -22.01
CA TYR B 456 -7.24 23.33 -21.96
C TYR B 456 -6.32 23.57 -23.17
N GLY B 457 -5.84 22.50 -23.78
CA GLY B 457 -4.96 22.60 -24.95
C GLY B 457 -4.03 21.42 -25.07
N LYS B 458 -2.79 21.66 -25.57
CA LYS B 458 -1.79 20.61 -25.72
C LYS B 458 -1.49 19.95 -24.37
N ALA B 459 -1.51 18.62 -24.35
CA ALA B 459 -1.27 17.88 -23.12
C ALA B 459 0.01 17.06 -23.20
N LEU B 460 0.80 17.08 -22.12
CA LEU B 460 2.03 16.31 -22.00
C LEU B 460 1.95 15.49 -20.72
N ASP B 461 1.95 14.16 -20.84
CA ASP B 461 1.87 13.28 -19.68
C ASP B 461 3.22 12.67 -19.38
N LEU B 462 3.90 13.20 -18.38
CA LEU B 462 5.20 12.71 -17.93
C LEU B 462 5.12 12.03 -16.56
N SER B 463 3.94 11.52 -16.18
CA SER B 463 3.78 10.83 -14.90
C SER B 463 4.54 9.48 -14.89
N LEU B 464 4.82 8.95 -13.69
CA LEU B 464 5.51 7.67 -13.53
C LEU B 464 6.85 7.59 -14.28
N ASN B 465 7.65 8.65 -14.19
CA ASN B 465 8.97 8.70 -14.81
C ASN B 465 10.04 8.87 -13.69
N SER B 466 11.33 8.88 -14.03
CA SER B 466 12.40 8.99 -13.05
C SER B 466 12.88 10.44 -12.86
N ILE B 467 11.94 11.39 -12.79
CA ILE B 467 12.28 12.79 -12.62
C ILE B 467 12.27 13.10 -11.13
N PHE B 468 13.36 12.81 -10.42
CA PHE B 468 13.40 13.08 -8.97
C PHE B 468 13.41 14.58 -8.62
N PHE B 469 13.80 15.44 -9.57
CA PHE B 469 13.77 16.89 -9.40
C PHE B 469 13.64 17.59 -10.77
N ILE B 470 12.96 18.73 -10.82
CA ILE B 470 12.78 19.46 -12.08
C ILE B 470 14.05 20.23 -12.45
N GLY B 471 14.81 19.68 -13.40
CA GLY B 471 16.03 20.32 -13.86
C GLY B 471 15.78 21.64 -14.57
N PRO B 472 16.81 22.49 -14.70
CA PRO B 472 16.61 23.78 -15.38
C PRO B 472 16.25 23.66 -16.87
N ASN B 473 16.65 22.57 -17.52
CA ASN B 473 16.33 22.35 -18.94
C ASN B 473 15.18 21.33 -19.12
N GLN B 474 14.42 21.03 -18.07
CA GLN B 474 13.37 20.03 -18.12
C GLN B 474 12.36 20.24 -19.23
N PHE B 475 11.89 21.48 -19.41
CA PHE B 475 10.85 21.75 -20.39
C PHE B 475 11.28 22.62 -21.57
N GLU B 476 12.60 22.80 -21.78
CA GLU B 476 13.07 23.60 -22.90
C GLU B 476 12.70 22.93 -24.23
N ASN B 477 12.35 23.75 -25.23
CA ASN B 477 11.97 23.34 -26.59
C ASN B 477 10.66 22.55 -26.64
N LEU B 478 9.75 22.78 -25.68
CA LEU B 478 8.47 22.11 -25.67
C LEU B 478 7.39 23.02 -26.27
N PRO B 479 6.37 22.46 -26.95
CA PRO B 479 5.30 23.30 -27.47
C PRO B 479 4.52 24.04 -26.36
N ASP B 480 3.49 24.83 -26.72
CA ASP B 480 2.72 25.55 -25.71
C ASP B 480 1.82 24.59 -24.97
N ILE B 481 2.36 23.98 -23.92
CA ILE B 481 1.67 22.98 -23.11
C ILE B 481 0.66 23.64 -22.19
N ALA B 482 -0.61 23.23 -22.29
CA ALA B 482 -1.67 23.75 -21.43
C ALA B 482 -2.10 22.74 -20.34
N CYS B 483 -1.77 21.46 -20.51
CA CYS B 483 -2.09 20.42 -19.55
C CYS B 483 -0.81 19.63 -19.31
N LEU B 484 -0.35 19.55 -18.06
CA LEU B 484 0.89 18.84 -17.75
C LEU B 484 0.73 17.85 -16.60
N ASN B 485 1.15 16.59 -16.83
CA ASN B 485 1.10 15.59 -15.79
C ASN B 485 2.49 15.21 -15.32
N LEU B 486 2.77 15.48 -14.06
CA LEU B 486 4.06 15.13 -13.46
C LEU B 486 3.84 14.22 -12.24
N SER B 487 2.71 13.49 -12.17
CA SER B 487 2.35 12.59 -11.08
C SER B 487 3.32 11.44 -10.87
N ALA B 488 3.36 10.90 -9.65
CA ALA B 488 4.16 9.73 -9.27
C ALA B 488 5.62 9.74 -9.80
N ASN B 489 6.33 10.85 -9.63
CA ASN B 489 7.73 10.95 -10.05
C ASN B 489 8.70 10.96 -8.86
N SER B 490 8.21 10.77 -7.60
CA SER B 490 8.98 10.87 -6.37
C SER B 490 9.73 12.22 -6.31
N ASN B 491 9.15 13.27 -6.92
CA ASN B 491 9.72 14.60 -7.06
C ASN B 491 9.81 15.32 -5.76
N ALA B 492 11.02 15.59 -5.27
CA ALA B 492 11.18 16.31 -4.01
C ALA B 492 11.66 17.77 -4.21
N GLN B 493 11.38 18.35 -5.39
CA GLN B 493 11.78 19.70 -5.75
C GLN B 493 11.31 20.77 -4.77
N VAL B 494 12.22 21.68 -4.43
CA VAL B 494 11.86 22.84 -3.63
C VAL B 494 11.49 23.86 -4.71
N LEU B 495 10.19 24.12 -4.87
CA LEU B 495 9.71 25.04 -5.90
C LEU B 495 10.05 26.50 -5.57
N SER B 496 10.66 27.20 -6.53
CA SER B 496 11.13 28.58 -6.37
C SER B 496 10.47 29.59 -7.32
N GLY B 497 9.73 29.12 -8.32
CA GLY B 497 9.06 30.02 -9.25
C GLY B 497 9.74 30.15 -10.60
N THR B 498 10.68 29.26 -10.92
CA THR B 498 11.39 29.29 -12.19
C THR B 498 11.43 27.93 -12.90
N GLU B 499 10.86 26.87 -12.30
CA GLU B 499 10.91 25.53 -12.85
C GLU B 499 10.04 25.30 -14.08
N PHE B 500 8.97 26.07 -14.21
CA PHE B 500 8.02 25.96 -15.32
C PHE B 500 8.03 27.19 -16.22
N SER B 501 9.16 27.90 -16.31
CA SER B 501 9.26 29.11 -17.11
C SER B 501 9.27 28.83 -18.62
N ALA B 502 9.68 27.63 -19.05
CA ALA B 502 9.68 27.29 -20.47
C ALA B 502 8.28 26.97 -21.01
N ILE B 503 7.38 26.54 -20.14
CA ILE B 503 5.99 26.22 -20.48
C ILE B 503 5.07 27.04 -19.54
N PRO B 504 5.01 28.37 -19.68
CA PRO B 504 4.26 29.17 -18.69
C PRO B 504 2.74 29.23 -18.88
N HIS B 505 2.21 28.64 -19.95
CA HIS B 505 0.77 28.70 -20.20
C HIS B 505 0.02 27.45 -19.76
N VAL B 506 0.55 26.74 -18.76
CA VAL B 506 -0.08 25.54 -18.21
C VAL B 506 -1.30 25.97 -17.43
N LYS B 507 -2.47 25.48 -17.80
CA LYS B 507 -3.71 25.82 -17.12
C LYS B 507 -4.17 24.71 -16.15
N TYR B 508 -3.72 23.48 -16.36
CA TYR B 508 -4.07 22.35 -15.49
C TYR B 508 -2.77 21.62 -15.17
N LEU B 509 -2.34 21.70 -13.92
CA LEU B 509 -1.11 21.05 -13.49
C LEU B 509 -1.37 19.92 -12.51
N ASP B 510 -0.97 18.70 -12.87
CA ASP B 510 -1.15 17.55 -12.01
C ASP B 510 0.19 17.16 -11.40
N LEU B 511 0.38 17.42 -10.11
CA LEU B 511 1.62 17.08 -9.41
C LEU B 511 1.35 16.05 -8.30
N THR B 512 0.30 15.21 -8.44
CA THR B 512 -0.04 14.25 -7.40
C THR B 512 1.04 13.19 -7.17
N ASN B 513 1.02 12.55 -5.97
CA ASN B 513 1.93 11.47 -5.61
C ASN B 513 3.40 11.85 -5.72
N ASN B 514 3.73 13.00 -5.18
CA ASN B 514 5.10 13.50 -5.20
C ASN B 514 5.50 13.93 -3.77
N ARG B 515 6.69 14.51 -3.60
CA ARG B 515 7.17 14.94 -2.29
C ARG B 515 7.67 16.40 -2.40
N LEU B 516 6.93 17.23 -3.15
CA LEU B 516 7.28 18.62 -3.44
C LEU B 516 7.29 19.54 -2.22
N ASP B 517 8.05 20.64 -2.30
CA ASP B 517 8.20 21.65 -1.26
C ASP B 517 7.61 22.96 -1.77
N PHE B 518 6.61 23.52 -1.07
CA PHE B 518 5.95 24.76 -1.48
C PHE B 518 6.09 25.87 -0.43
N ASP B 519 7.16 25.85 0.39
CA ASP B 519 7.36 26.87 1.41
C ASP B 519 7.55 28.26 0.79
N ASN B 520 8.29 28.33 -0.32
CA ASN B 520 8.54 29.60 -1.00
C ASN B 520 7.24 30.16 -1.55
N ALA B 521 6.94 31.43 -1.25
CA ALA B 521 5.71 32.08 -1.75
C ALA B 521 5.69 32.25 -3.27
N SER B 522 6.84 32.07 -3.94
CA SER B 522 6.93 32.17 -5.40
C SER B 522 6.65 30.85 -6.12
N ALA B 523 6.53 29.72 -5.40
CA ALA B 523 6.28 28.41 -5.99
C ALA B 523 5.10 28.39 -6.94
N LEU B 524 5.34 27.91 -8.18
CA LEU B 524 4.36 27.76 -9.25
C LEU B 524 3.77 29.09 -9.78
N THR B 525 4.15 30.25 -9.21
CA THR B 525 3.63 31.56 -9.61
C THR B 525 4.02 32.00 -11.02
N GLU B 526 5.02 31.34 -11.63
CA GLU B 526 5.41 31.60 -13.02
C GLU B 526 4.27 31.19 -14.01
N LEU B 527 3.37 30.30 -13.57
CA LEU B 527 2.22 29.83 -14.33
C LEU B 527 1.05 30.77 -13.99
N SER B 528 1.07 31.99 -14.55
CA SER B 528 0.05 33.00 -14.28
C SER B 528 -1.37 32.64 -14.74
N ASP B 529 -1.51 31.67 -15.65
CA ASP B 529 -2.82 31.26 -16.14
C ASP B 529 -3.32 29.95 -15.52
N LEU B 530 -2.68 29.48 -14.44
CA LEU B 530 -3.06 28.24 -13.78
C LEU B 530 -4.48 28.30 -13.25
N GLU B 531 -5.33 27.36 -13.66
CA GLU B 531 -6.71 27.29 -13.23
C GLU B 531 -6.96 26.07 -12.34
N VAL B 532 -6.29 24.95 -12.61
CA VAL B 532 -6.48 23.74 -11.80
C VAL B 532 -5.15 23.21 -11.31
N LEU B 533 -4.98 23.10 -9.99
CA LEU B 533 -3.74 22.60 -9.41
C LEU B 533 -4.04 21.36 -8.56
N ASP B 534 -3.37 20.25 -8.87
CA ASP B 534 -3.59 19.01 -8.13
C ASP B 534 -2.36 18.57 -7.35
N LEU B 535 -2.43 18.69 -6.01
CA LEU B 535 -1.34 18.32 -5.12
C LEU B 535 -1.75 17.19 -4.17
N SER B 536 -2.62 16.29 -4.60
CA SER B 536 -3.06 15.16 -3.77
C SER B 536 -1.89 14.23 -3.50
N TYR B 537 -1.81 13.73 -2.26
CA TYR B 537 -0.79 12.79 -1.82
C TYR B 537 0.62 13.36 -1.86
N ASN B 538 0.78 14.63 -1.47
CA ASN B 538 2.10 15.25 -1.39
C ASN B 538 2.45 15.38 0.09
N SER B 539 2.29 14.29 0.85
CA SER B 539 2.58 14.32 2.29
C SER B 539 3.99 13.88 2.63
N LEU B 551 1.77 28.01 2.65
CA LEU B 551 0.82 27.98 1.53
C LEU B 551 0.52 29.39 1.02
N GLU B 552 1.50 30.30 1.10
CA GLU B 552 1.35 31.69 0.69
C GLU B 552 1.35 31.89 -0.84
N PHE B 553 1.73 30.88 -1.63
CA PHE B 553 1.80 30.98 -3.08
C PHE B 553 0.44 31.08 -3.76
N ILE B 554 -0.59 30.50 -3.13
CA ILE B 554 -1.97 30.44 -3.64
C ILE B 554 -2.59 31.81 -3.96
N GLN B 555 -2.31 32.84 -3.14
CA GLN B 555 -2.90 34.16 -3.35
C GLN B 555 -2.34 34.94 -4.55
N ASN B 556 -1.21 34.51 -5.13
CA ASN B 556 -0.62 35.20 -6.28
C ASN B 556 -1.38 34.92 -7.59
N PHE B 557 -2.08 33.77 -7.67
CA PHE B 557 -2.79 33.40 -8.88
C PHE B 557 -4.06 34.21 -9.12
N THR B 558 -4.23 34.71 -10.35
CA THR B 558 -5.40 35.51 -10.70
C THR B 558 -6.54 34.68 -11.29
N ASN B 559 -6.27 33.45 -11.76
CA ASN B 559 -7.29 32.60 -12.38
C ASN B 559 -7.39 31.21 -11.76
N LEU B 560 -6.79 30.97 -10.59
CA LEU B 560 -6.85 29.65 -9.95
C LEU B 560 -8.24 29.36 -9.43
N LYS B 561 -8.91 28.34 -9.99
CA LYS B 561 -10.26 27.94 -9.65
C LYS B 561 -10.33 26.70 -8.75
N VAL B 562 -9.58 25.64 -9.08
CA VAL B 562 -9.63 24.40 -8.31
C VAL B 562 -8.26 24.06 -7.71
N LEU B 563 -8.21 23.87 -6.37
CA LEU B 563 -6.97 23.48 -5.70
C LEU B 563 -7.24 22.23 -4.87
N ASN B 564 -6.47 21.16 -5.09
CA ASN B 564 -6.66 19.92 -4.36
C ASN B 564 -5.46 19.63 -3.46
N LEU B 565 -5.60 19.85 -2.17
CA LEU B 565 -4.54 19.59 -1.19
C LEU B 565 -4.85 18.31 -0.39
N SER B 566 -5.55 17.34 -0.99
CA SER B 566 -5.92 16.14 -0.27
C SER B 566 -4.76 15.25 0.10
N HIS B 567 -4.85 14.63 1.28
CA HIS B 567 -3.88 13.71 1.84
C HIS B 567 -2.47 14.28 1.89
N ASN B 568 -2.37 15.56 2.23
CA ASN B 568 -1.07 16.20 2.44
C ASN B 568 -0.68 16.20 3.94
N ASN B 569 -1.59 15.75 4.86
CA ASN B 569 -1.39 15.70 6.31
C ASN B 569 -0.90 17.03 6.85
N ILE B 570 -1.58 18.10 6.47
CA ILE B 570 -1.23 19.43 6.93
C ILE B 570 -1.76 19.59 8.34
N TYR B 571 -0.85 19.62 9.30
CA TYR B 571 -1.18 19.80 10.71
C TYR B 571 -0.65 21.12 11.28
N THR B 572 0.22 21.83 10.54
CA THR B 572 0.79 23.11 10.98
C THR B 572 1.09 24.02 9.78
N LEU B 573 1.03 25.34 10.00
CA LEU B 573 1.32 26.32 8.97
C LEU B 573 2.26 27.37 9.58
N THR B 574 3.39 27.64 8.93
CA THR B 574 4.39 28.57 9.47
C THR B 574 4.15 29.99 8.96
N ASP B 575 4.36 30.99 9.85
CA ASP B 575 4.22 32.43 9.59
C ASP B 575 2.77 32.83 9.21
N LYS B 576 2.34 32.60 7.97
CA LYS B 576 0.97 32.89 7.55
C LYS B 576 0.14 31.67 7.89
N TYR B 577 -0.91 31.85 8.69
CA TYR B 577 -1.78 30.73 9.09
C TYR B 577 -3.08 30.63 8.26
N ASN B 578 -3.39 31.67 7.46
CA ASN B 578 -4.60 31.70 6.65
C ASN B 578 -4.32 31.46 5.17
N LEU B 579 -5.33 30.93 4.45
CA LEU B 579 -5.26 30.67 3.02
C LEU B 579 -6.06 31.78 2.33
N GLU B 580 -5.45 32.49 1.37
CA GLU B 580 -6.15 33.57 0.68
C GLU B 580 -6.17 33.37 -0.84
N SER B 581 -7.23 33.86 -1.49
CA SER B 581 -7.42 33.79 -2.95
C SER B 581 -8.69 34.51 -3.34
N LYS B 582 -8.63 35.28 -4.43
CA LYS B 582 -9.81 35.99 -4.92
C LYS B 582 -10.58 35.22 -6.00
N SER B 583 -9.98 34.18 -6.59
CA SER B 583 -10.65 33.42 -7.65
C SER B 583 -11.02 31.98 -7.30
N LEU B 584 -10.36 31.38 -6.28
CA LEU B 584 -10.59 30.00 -5.88
C LEU B 584 -12.05 29.67 -5.63
N VAL B 585 -12.58 28.72 -6.39
CA VAL B 585 -13.98 28.29 -6.32
C VAL B 585 -14.11 26.96 -5.55
N GLU B 586 -13.11 26.08 -5.67
CA GLU B 586 -13.15 24.79 -5.01
C GLU B 586 -11.85 24.44 -4.30
N LEU B 587 -11.93 24.04 -3.03
CA LEU B 587 -10.76 23.61 -2.27
C LEU B 587 -11.00 22.22 -1.69
N VAL B 588 -10.13 21.26 -2.02
CA VAL B 588 -10.22 19.92 -1.46
C VAL B 588 -9.17 19.82 -0.35
N PHE B 589 -9.61 19.76 0.90
CA PHE B 589 -8.71 19.68 2.05
C PHE B 589 -8.88 18.36 2.82
N SER B 590 -9.33 17.30 2.15
CA SER B 590 -9.50 16.01 2.78
C SER B 590 -8.16 15.36 3.14
N GLY B 591 -8.15 14.42 4.08
CA GLY B 591 -6.93 13.73 4.48
C GLY B 591 -5.87 14.60 5.10
N ASN B 592 -6.28 15.71 5.70
CA ASN B 592 -5.37 16.63 6.39
C ASN B 592 -5.63 16.56 7.92
N ARG B 593 -5.00 17.44 8.73
CA ARG B 593 -5.21 17.39 10.18
C ARG B 593 -5.86 18.65 10.73
N LEU B 594 -7.11 18.92 10.33
CA LEU B 594 -7.84 20.09 10.83
C LEU B 594 -8.14 20.02 12.33
N ASP B 595 -8.12 18.80 12.92
CA ASP B 595 -8.34 18.63 14.35
C ASP B 595 -7.19 19.25 15.15
N ILE B 596 -5.95 19.12 14.65
CA ILE B 596 -4.78 19.69 15.30
C ILE B 596 -4.77 21.21 15.10
N LEU B 597 -5.10 21.67 13.89
CA LEU B 597 -5.15 23.10 13.55
C LEU B 597 -6.22 23.82 14.39
N TRP B 598 -7.38 23.20 14.58
CA TRP B 598 -8.45 23.81 15.38
C TRP B 598 -8.41 23.33 16.85
N ASN B 599 -7.89 24.17 17.75
CA ASN B 599 -7.82 23.82 19.17
C ASN B 599 -7.83 25.06 20.08
N ASP B 600 -8.35 24.92 21.32
CA ASP B 600 -8.46 26.03 22.26
C ASP B 600 -7.11 26.55 22.81
N ASP B 601 -5.98 26.10 22.22
CA ASP B 601 -4.65 26.52 22.62
C ASP B 601 -4.02 27.33 21.47
N ASP B 602 -3.91 26.72 20.28
CA ASP B 602 -3.36 27.39 19.11
C ASP B 602 -4.53 28.04 18.35
N ASN B 603 -5.08 29.14 18.87
CA ASN B 603 -6.20 29.85 18.23
C ASN B 603 -5.73 30.73 17.07
N ARG B 604 -4.79 30.20 16.27
CA ARG B 604 -4.18 30.88 15.14
C ARG B 604 -4.84 30.50 13.80
N TYR B 605 -5.42 29.30 13.73
CA TYR B 605 -6.02 28.82 12.49
C TYR B 605 -7.55 28.87 12.54
N ILE B 606 -8.12 29.80 13.32
CA ILE B 606 -9.56 29.97 13.49
C ILE B 606 -10.26 30.48 12.21
N SER B 607 -9.53 31.20 11.35
CA SER B 607 -10.09 31.71 10.10
C SER B 607 -9.22 31.29 8.90
N ILE B 608 -8.73 30.04 8.92
CA ILE B 608 -7.86 29.43 7.93
C ILE B 608 -8.41 29.51 6.49
N PHE B 609 -9.74 29.47 6.30
CA PHE B 609 -10.32 29.54 4.96
C PHE B 609 -11.15 30.80 4.70
N LYS B 610 -11.12 31.80 5.60
CA LYS B 610 -11.92 33.01 5.40
C LYS B 610 -11.49 33.84 4.20
N GLY B 611 -10.20 33.81 3.89
CA GLY B 611 -9.63 34.55 2.76
C GLY B 611 -10.11 34.09 1.40
N LEU B 612 -10.65 32.86 1.31
CA LEU B 612 -11.15 32.31 0.07
C LEU B 612 -12.57 32.86 -0.16
N LYS B 613 -12.66 34.14 -0.53
CA LYS B 613 -13.90 34.90 -0.73
C LYS B 613 -14.80 34.40 -1.87
N ASN B 614 -14.22 33.78 -2.90
CA ASN B 614 -15.02 33.29 -4.04
C ASN B 614 -15.39 31.80 -3.91
N LEU B 615 -14.99 31.13 -2.81
CA LEU B 615 -15.20 29.70 -2.57
C LEU B 615 -16.66 29.24 -2.53
N THR B 616 -17.02 28.30 -3.40
CA THR B 616 -18.37 27.71 -3.46
C THR B 616 -18.36 26.23 -3.06
N ARG B 617 -17.21 25.54 -3.19
CA ARG B 617 -17.11 24.14 -2.81
C ARG B 617 -15.93 23.90 -1.88
N LEU B 618 -16.19 23.24 -0.75
CA LEU B 618 -15.14 22.96 0.23
C LEU B 618 -15.26 21.53 0.75
N ASP B 619 -14.17 20.76 0.69
CA ASP B 619 -14.15 19.39 1.18
C ASP B 619 -13.25 19.30 2.41
N LEU B 620 -13.84 18.99 3.57
CA LEU B 620 -13.14 18.84 4.84
C LEU B 620 -13.27 17.42 5.39
N SER B 621 -13.46 16.42 4.51
CA SER B 621 -13.58 15.03 4.94
C SER B 621 -12.26 14.44 5.42
N LEU B 622 -12.31 13.33 6.16
CA LEU B 622 -11.10 12.65 6.64
C LEU B 622 -10.08 13.56 7.35
N ASN B 623 -10.56 14.49 8.18
CA ASN B 623 -9.67 15.37 8.95
C ASN B 623 -9.64 15.01 10.46
N ARG B 624 -10.27 13.88 10.85
CA ARG B 624 -10.36 13.39 12.24
C ARG B 624 -11.00 14.41 13.17
N LEU B 625 -11.98 15.17 12.66
CA LEU B 625 -12.64 16.20 13.43
C LEU B 625 -13.63 15.61 14.41
N LYS B 626 -13.37 15.77 15.72
CA LYS B 626 -14.30 15.33 16.77
C LYS B 626 -15.30 16.45 17.08
N HIS B 627 -14.81 17.70 17.10
CA HIS B 627 -15.61 18.88 17.34
C HIS B 627 -15.07 20.03 16.50
N ILE B 628 -15.97 20.88 15.98
CA ILE B 628 -15.55 22.06 15.21
C ILE B 628 -15.88 23.25 16.08
N PRO B 629 -14.92 24.12 16.40
CA PRO B 629 -15.24 25.30 17.20
C PRO B 629 -16.28 26.17 16.52
N ASN B 630 -17.21 26.76 17.29
CA ASN B 630 -18.26 27.58 16.74
C ASN B 630 -17.72 28.76 15.94
N GLU B 631 -16.64 29.38 16.40
CA GLU B 631 -16.02 30.51 15.72
C GLU B 631 -15.32 30.06 14.43
N ALA B 632 -14.72 28.85 14.44
CA ALA B 632 -14.05 28.29 13.27
C ALA B 632 -15.04 28.04 12.15
N PHE B 633 -16.25 27.57 12.49
CA PHE B 633 -17.30 27.29 11.50
C PHE B 633 -17.85 28.59 10.94
N LEU B 634 -18.03 29.62 11.79
CA LEU B 634 -18.51 30.93 11.35
C LEU B 634 -17.52 31.67 10.44
N ASN B 635 -16.22 31.32 10.53
CA ASN B 635 -15.21 31.94 9.67
C ASN B 635 -15.06 31.25 8.30
N LEU B 636 -15.90 30.26 7.98
CA LEU B 636 -15.88 29.61 6.67
C LEU B 636 -16.47 30.58 5.63
N PRO B 637 -16.09 30.48 4.35
CA PRO B 637 -16.62 31.41 3.34
C PRO B 637 -18.14 31.45 3.27
N ALA B 638 -18.72 32.66 3.39
CA ALA B 638 -20.18 32.84 3.33
C ALA B 638 -20.77 32.49 1.95
N SER B 639 -19.94 32.51 0.90
CA SER B 639 -20.30 32.18 -0.47
C SER B 639 -20.41 30.68 -0.75
N LEU B 640 -20.13 29.81 0.25
CA LEU B 640 -20.18 28.36 0.06
C LEU B 640 -21.56 27.86 -0.33
N THR B 641 -21.62 27.07 -1.39
CA THR B 641 -22.86 26.44 -1.84
C THR B 641 -22.83 24.90 -1.66
N GLU B 642 -21.65 24.33 -1.33
CA GLU B 642 -21.49 22.90 -1.21
C GLU B 642 -20.40 22.60 -0.18
N LEU B 643 -20.77 22.05 0.98
CA LEU B 643 -19.81 21.77 2.04
C LEU B 643 -19.80 20.29 2.43
N HIS B 644 -18.63 19.66 2.38
CA HIS B 644 -18.50 18.26 2.75
C HIS B 644 -17.67 18.12 4.02
N ILE B 645 -18.25 17.58 5.09
CA ILE B 645 -17.53 17.30 6.34
C ILE B 645 -17.72 15.79 6.67
N ASN B 646 -17.82 14.94 5.64
CA ASN B 646 -18.03 13.51 5.82
C ASN B 646 -16.82 12.76 6.37
N ASP B 647 -17.01 11.51 6.80
CA ASP B 647 -15.95 10.64 7.31
C ASP B 647 -15.04 11.31 8.34
N ASN B 648 -15.65 11.89 9.36
CA ASN B 648 -14.98 12.51 10.48
C ASN B 648 -15.51 11.84 11.79
N MET B 649 -15.23 12.41 12.98
CA MET B 649 -15.71 11.84 14.24
C MET B 649 -16.57 12.86 15.00
N LEU B 650 -17.36 13.65 14.27
CA LEU B 650 -18.20 14.69 14.86
C LEU B 650 -19.32 14.15 15.76
N LYS B 651 -19.28 14.52 17.04
CA LYS B 651 -20.32 14.10 17.99
C LYS B 651 -21.48 15.09 17.98
N PHE B 652 -21.18 16.39 17.82
CA PHE B 652 -22.19 17.43 17.77
C PHE B 652 -22.03 18.33 16.55
N PHE B 653 -23.14 18.90 16.07
CA PHE B 653 -23.14 19.84 14.96
C PHE B 653 -24.07 20.99 15.31
N ASN B 654 -23.54 22.21 15.39
CA ASN B 654 -24.34 23.37 15.72
C ASN B 654 -25.08 23.84 14.48
N TRP B 655 -26.34 23.39 14.32
CA TRP B 655 -27.19 23.74 13.18
C TRP B 655 -27.53 25.23 13.11
N THR B 656 -27.44 25.94 14.26
CA THR B 656 -27.74 27.38 14.36
C THR B 656 -26.78 28.21 13.49
N LEU B 657 -25.52 27.75 13.36
CA LEU B 657 -24.49 28.45 12.58
C LEU B 657 -24.78 28.49 11.08
N LEU B 658 -25.70 27.64 10.57
CA LEU B 658 -26.06 27.64 9.16
C LEU B 658 -26.76 28.91 8.68
N GLN B 659 -27.11 29.82 9.61
CA GLN B 659 -27.74 31.10 9.30
C GLN B 659 -26.78 32.06 8.59
N GLN B 660 -25.46 31.89 8.81
CA GLN B 660 -24.46 32.73 8.15
C GLN B 660 -24.04 32.19 6.77
N PHE B 661 -24.77 31.22 6.22
CA PHE B 661 -24.49 30.62 4.92
C PHE B 661 -25.79 30.61 4.11
N PRO B 662 -26.15 31.74 3.50
CA PRO B 662 -27.41 31.80 2.75
C PRO B 662 -27.40 31.09 1.41
N ARG B 663 -26.24 30.74 0.88
CA ARG B 663 -26.16 30.05 -0.41
C ARG B 663 -25.89 28.54 -0.30
N LEU B 664 -25.73 28.01 0.92
CA LEU B 664 -25.45 26.59 1.14
C LEU B 664 -26.57 25.69 0.66
N GLU B 665 -26.33 24.92 -0.41
CA GLU B 665 -27.31 24.01 -1.00
C GLU B 665 -27.06 22.56 -0.62
N LEU B 666 -25.81 22.17 -0.35
CA LEU B 666 -25.48 20.80 0.00
C LEU B 666 -24.65 20.74 1.27
N LEU B 667 -25.14 20.04 2.28
CA LEU B 667 -24.38 19.84 3.51
C LEU B 667 -24.17 18.34 3.65
N ASP B 668 -22.92 17.90 3.54
CA ASP B 668 -22.59 16.49 3.64
C ASP B 668 -22.02 16.18 5.01
N LEU B 669 -22.77 15.46 5.84
CA LEU B 669 -22.31 15.10 7.18
C LEU B 669 -22.27 13.58 7.40
N ARG B 670 -22.09 12.81 6.33
CA ARG B 670 -22.05 11.35 6.40
C ARG B 670 -20.84 10.81 7.17
N GLY B 671 -20.90 9.55 7.60
CA GLY B 671 -19.80 8.91 8.29
C GLY B 671 -19.28 9.63 9.52
N ASN B 672 -20.19 10.08 10.38
CA ASN B 672 -19.83 10.76 11.62
C ASN B 672 -20.50 10.03 12.82
N LYS B 673 -20.54 10.65 14.01
CA LYS B 673 -21.17 10.04 15.18
C LYS B 673 -22.24 10.96 15.77
N LEU B 674 -22.97 11.71 14.92
CA LEU B 674 -24.00 12.66 15.30
C LEU B 674 -25.20 11.97 15.96
N LEU B 675 -25.82 12.61 16.97
CA LEU B 675 -26.95 12.02 17.67
C LEU B 675 -28.21 12.90 17.60
N PHE B 676 -28.03 14.21 17.84
CA PHE B 676 -29.06 15.23 17.94
C PHE B 676 -29.30 16.00 16.63
N LEU B 677 -30.55 16.43 16.42
CA LEU B 677 -30.96 17.27 15.29
C LEU B 677 -31.74 18.49 15.83
N THR B 678 -31.70 19.64 15.12
CA THR B 678 -32.38 20.84 15.60
C THR B 678 -33.91 20.81 15.40
N ASP B 679 -34.64 21.50 16.27
CA ASP B 679 -36.09 21.56 16.23
C ASP B 679 -36.60 22.49 15.12
N SER B 680 -35.91 23.62 14.91
CA SER B 680 -36.30 24.58 13.88
C SER B 680 -35.20 24.85 12.87
N LEU B 681 -34.97 23.91 11.94
CA LEU B 681 -33.96 24.07 10.90
C LEU B 681 -34.31 25.18 9.90
N SER B 682 -35.61 25.42 9.68
CA SER B 682 -36.08 26.48 8.79
C SER B 682 -35.63 27.87 9.26
N ASP B 683 -35.44 28.04 10.57
CA ASP B 683 -34.97 29.31 11.14
C ASP B 683 -33.49 29.58 10.84
N PHE B 684 -32.72 28.56 10.45
CA PHE B 684 -31.29 28.70 10.17
C PHE B 684 -31.01 28.59 8.68
N THR B 685 -31.75 27.73 7.96
CA THR B 685 -31.54 27.60 6.52
C THR B 685 -32.79 27.87 5.70
N SER B 686 -32.59 28.53 4.55
CA SER B 686 -33.64 28.83 3.58
C SER B 686 -33.13 28.57 2.15
N SER B 687 -32.19 27.61 1.99
CA SER B 687 -31.58 27.30 0.70
C SER B 687 -31.02 25.87 0.63
N LEU B 688 -30.87 25.17 1.77
CA LEU B 688 -30.33 23.81 1.79
C LEU B 688 -31.23 22.85 1.02
N ARG B 689 -30.79 22.44 -0.17
CA ARG B 689 -31.56 21.54 -1.03
C ARG B 689 -31.22 20.07 -0.81
N THR B 690 -30.02 19.76 -0.32
CA THR B 690 -29.62 18.37 -0.08
C THR B 690 -28.91 18.22 1.27
N LEU B 691 -29.39 17.31 2.11
CA LEU B 691 -28.77 17.06 3.41
C LEU B 691 -28.45 15.58 3.55
N LEU B 692 -27.15 15.25 3.53
CA LEU B 692 -26.70 13.86 3.62
C LEU B 692 -26.25 13.56 5.06
N LEU B 693 -26.92 12.63 5.72
CA LEU B 693 -26.59 12.28 7.11
C LEU B 693 -26.43 10.77 7.30
N SER B 694 -26.07 10.02 6.24
CA SER B 694 -25.92 8.57 6.37
C SER B 694 -24.75 8.15 7.25
N HIS B 695 -24.82 6.93 7.81
CA HIS B 695 -23.81 6.36 8.70
C HIS B 695 -23.51 7.24 9.91
N ASN B 696 -24.56 7.54 10.68
CA ASN B 696 -24.50 8.34 11.91
C ASN B 696 -25.27 7.63 13.05
N ARG B 697 -25.26 8.18 14.27
CA ARG B 697 -25.94 7.56 15.40
C ARG B 697 -27.26 8.23 15.77
N ILE B 698 -27.94 8.85 14.80
CA ILE B 698 -29.20 9.54 15.03
C ILE B 698 -30.31 8.51 15.30
N SER B 699 -30.97 8.62 16.45
CA SER B 699 -32.04 7.70 16.82
C SER B 699 -33.44 8.32 16.85
N HIS B 700 -33.54 9.66 16.68
CA HIS B 700 -34.83 10.32 16.70
C HIS B 700 -34.92 11.53 15.75
N LEU B 701 -35.99 11.57 14.96
CA LEU B 701 -36.27 12.68 14.05
C LEU B 701 -37.14 13.67 14.80
N PRO B 702 -36.71 14.94 14.91
CA PRO B 702 -37.52 15.91 15.68
C PRO B 702 -38.82 16.34 15.01
N SER B 703 -39.75 16.87 15.82
CA SER B 703 -41.04 17.34 15.33
C SER B 703 -40.85 18.61 14.52
N GLY B 704 -41.28 18.57 13.26
CA GLY B 704 -41.15 19.70 12.37
C GLY B 704 -39.80 19.78 11.67
N PHE B 705 -39.14 18.62 11.50
CA PHE B 705 -37.86 18.57 10.82
C PHE B 705 -38.11 18.37 9.32
N LEU B 706 -38.97 17.42 8.98
CA LEU B 706 -39.37 17.13 7.60
C LEU B 706 -40.12 18.34 7.01
N SER B 707 -40.96 18.98 7.83
CA SER B 707 -41.71 20.18 7.47
C SER B 707 -40.83 21.45 7.68
N GLU B 708 -41.37 22.65 7.34
CA GLU B 708 -40.75 23.96 7.52
C GLU B 708 -39.62 24.28 6.53
N VAL B 709 -38.71 23.33 6.24
CA VAL B 709 -37.63 23.57 5.28
C VAL B 709 -38.13 23.24 3.86
N SER B 710 -38.65 24.27 3.19
CA SER B 710 -39.23 24.15 1.85
C SER B 710 -38.21 23.81 0.79
N SER B 711 -36.98 24.32 0.92
CA SER B 711 -35.93 24.08 -0.07
C SER B 711 -35.40 22.66 -0.07
N LEU B 712 -35.55 21.91 1.03
CA LEU B 712 -35.02 20.56 1.11
C LEU B 712 -35.69 19.57 0.16
N LYS B 713 -34.95 19.16 -0.87
CA LYS B 713 -35.42 18.22 -1.89
C LYS B 713 -34.87 16.80 -1.70
N HIS B 714 -33.75 16.65 -0.98
CA HIS B 714 -33.16 15.33 -0.76
C HIS B 714 -32.61 15.17 0.65
N LEU B 715 -33.25 14.34 1.47
CA LEU B 715 -32.82 14.08 2.84
C LEU B 715 -32.34 12.63 2.94
N ASP B 716 -31.07 12.43 3.34
CA ASP B 716 -30.50 11.09 3.45
C ASP B 716 -30.31 10.70 4.91
N LEU B 717 -31.19 9.86 5.44
CA LEU B 717 -31.08 9.39 6.83
C LEU B 717 -30.78 7.89 6.91
N SER B 718 -30.19 7.32 5.86
CA SER B 718 -29.88 5.89 5.82
C SER B 718 -28.75 5.50 6.77
N SER B 719 -28.65 4.20 7.12
CA SER B 719 -27.63 3.67 8.01
C SER B 719 -27.49 4.43 9.33
N ASN B 720 -28.62 4.78 9.94
CA ASN B 720 -28.63 5.47 11.22
C ASN B 720 -29.20 4.52 12.32
N LEU B 721 -29.81 5.04 13.40
CA LEU B 721 -30.38 4.20 14.45
C LEU B 721 -31.87 4.48 14.67
N LEU B 722 -32.58 4.89 13.61
CA LEU B 722 -34.00 5.22 13.69
C LEU B 722 -34.87 3.99 13.85
N LYS B 723 -35.53 3.87 15.01
CA LYS B 723 -36.43 2.74 15.26
C LYS B 723 -37.82 3.04 14.68
N THR B 724 -38.26 4.31 14.74
CA THR B 724 -39.56 4.71 14.21
C THR B 724 -39.60 6.21 13.87
N ILE B 725 -40.63 6.63 13.11
CA ILE B 725 -40.87 8.02 12.78
C ILE B 725 -42.28 8.31 13.27
N ASN B 726 -42.39 8.98 14.43
CA ASN B 726 -43.68 9.26 15.07
C ASN B 726 -44.56 10.29 14.32
N LYS B 727 -45.84 10.36 14.71
CA LYS B 727 -46.85 11.25 14.13
C LYS B 727 -46.45 12.73 14.17
N SER B 728 -45.90 13.19 15.30
CA SER B 728 -45.50 14.59 15.45
C SER B 728 -44.26 14.95 14.61
N ALA B 729 -43.38 13.97 14.35
CA ALA B 729 -42.17 14.20 13.56
C ALA B 729 -42.50 14.44 12.09
N LEU B 730 -43.55 13.77 11.58
CA LEU B 730 -43.93 13.92 10.18
C LEU B 730 -45.24 14.68 9.95
N GLU B 731 -45.72 15.41 10.97
CA GLU B 731 -46.95 16.20 10.83
C GLU B 731 -46.60 17.52 10.14
N THR B 732 -46.37 17.47 8.82
CA THR B 732 -45.99 18.62 8.01
C THR B 732 -47.16 19.62 7.86
N LYS B 733 -47.04 20.79 8.50
CA LYS B 733 -48.06 21.83 8.43
C LYS B 733 -48.02 22.53 7.08
N THR B 734 -46.80 22.81 6.58
CA THR B 734 -46.62 23.45 5.29
C THR B 734 -46.22 22.44 4.20
N THR B 735 -46.40 22.82 2.94
CA THR B 735 -46.07 21.96 1.80
C THR B 735 -44.55 21.82 1.63
N THR B 736 -44.13 20.72 0.99
CA THR B 736 -42.71 20.48 0.77
C THR B 736 -42.39 20.05 -0.64
N LYS B 737 -41.15 20.32 -1.08
CA LYS B 737 -40.69 19.84 -2.37
C LYS B 737 -39.63 18.75 -2.20
N LEU B 738 -39.79 17.91 -1.16
CA LEU B 738 -38.88 16.81 -0.84
C LEU B 738 -39.13 15.68 -1.84
N SER B 739 -38.27 15.56 -2.85
CA SER B 739 -38.43 14.53 -3.87
C SER B 739 -37.73 13.21 -3.54
N MET B 740 -36.93 13.15 -2.46
CA MET B 740 -36.24 11.90 -2.10
C MET B 740 -35.95 11.77 -0.61
N LEU B 741 -36.07 10.56 -0.09
CA LEU B 741 -35.82 10.28 1.32
C LEU B 741 -35.23 8.89 1.49
N GLU B 742 -33.92 8.79 1.73
CA GLU B 742 -33.26 7.50 1.91
C GLU B 742 -33.36 7.04 3.36
N LEU B 743 -33.89 5.85 3.61
CA LEU B 743 -34.05 5.34 4.97
C LEU B 743 -33.60 3.90 5.19
N HIS B 744 -32.91 3.30 4.21
CA HIS B 744 -32.44 1.93 4.32
C HIS B 744 -31.34 1.77 5.38
N GLY B 745 -31.23 0.60 5.97
CA GLY B 745 -30.21 0.34 6.98
C GLY B 745 -30.53 0.82 8.39
N ASN B 746 -31.77 1.24 8.62
CA ASN B 746 -32.19 1.70 9.95
C ASN B 746 -32.83 0.54 10.72
N PRO B 747 -32.62 0.46 12.05
CA PRO B 747 -33.23 -0.64 12.82
C PRO B 747 -34.69 -0.36 13.14
N PHE B 748 -35.55 -0.44 12.12
CA PHE B 748 -36.96 -0.15 12.24
C PHE B 748 -37.74 -1.16 13.06
N GLU B 749 -38.32 -0.68 14.16
CA GLU B 749 -39.17 -1.45 15.06
C GLU B 749 -40.49 -1.59 14.34
N CYS B 750 -40.71 -2.74 13.70
CA CYS B 750 -41.93 -3.00 12.93
C CYS B 750 -43.12 -3.47 13.75
N THR B 751 -43.45 -2.72 14.80
CA THR B 751 -44.64 -2.99 15.62
C THR B 751 -45.80 -2.10 15.06
N CYS B 752 -46.94 -1.97 15.77
CA CYS B 752 -48.03 -1.13 15.29
C CYS B 752 -47.70 0.38 15.32
N ASP B 753 -46.56 0.78 15.93
CA ASP B 753 -46.11 2.17 16.00
C ASP B 753 -45.63 2.68 14.63
N ILE B 754 -45.10 1.79 13.78
CA ILE B 754 -44.63 2.16 12.44
C ILE B 754 -45.79 2.46 11.43
N GLY B 755 -47.03 2.20 11.83
CA GLY B 755 -48.21 2.42 11.01
C GLY B 755 -48.44 3.86 10.61
N ASP B 756 -48.11 4.81 11.51
CA ASP B 756 -48.27 6.23 11.21
C ASP B 756 -47.30 6.71 10.13
N PHE B 757 -46.09 6.13 10.09
CA PHE B 757 -45.11 6.46 9.06
C PHE B 757 -45.54 5.84 7.71
N ARG B 758 -46.07 4.60 7.75
CA ARG B 758 -46.55 3.88 6.58
C ARG B 758 -47.72 4.61 5.90
N ARG B 759 -48.58 5.27 6.69
CA ARG B 759 -49.71 6.05 6.18
C ARG B 759 -49.20 7.29 5.43
N TRP B 760 -48.15 7.93 5.96
CA TRP B 760 -47.51 9.10 5.36
C TRP B 760 -46.88 8.73 4.00
N MET B 761 -46.36 7.49 3.86
CA MET B 761 -45.78 7.03 2.60
C MET B 761 -46.84 6.93 1.50
N ASP B 762 -48.07 6.55 1.85
CA ASP B 762 -49.16 6.44 0.89
C ASP B 762 -49.75 7.83 0.58
N GLU B 763 -49.79 8.72 1.58
CA GLU B 763 -50.28 10.09 1.40
C GLU B 763 -49.27 11.00 0.69
N HIS B 764 -47.99 10.62 0.66
CA HIS B 764 -46.94 11.40 0.00
C HIS B 764 -46.19 10.53 -1.01
N LEU B 765 -46.78 10.32 -2.19
CA LEU B 765 -46.16 9.53 -3.25
C LEU B 765 -45.04 10.28 -3.97
N ASN B 766 -45.04 11.62 -3.91
CA ASN B 766 -44.03 12.47 -4.53
C ASN B 766 -42.66 12.28 -3.85
N VAL B 767 -42.65 12.01 -2.53
CA VAL B 767 -41.43 11.77 -1.77
C VAL B 767 -40.97 10.35 -2.10
N LYS B 768 -40.00 10.21 -3.00
CA LYS B 768 -39.51 8.91 -3.42
C LYS B 768 -38.57 8.29 -2.38
N ILE B 769 -38.84 7.06 -1.97
CA ILE B 769 -37.99 6.37 -1.02
C ILE B 769 -37.26 5.26 -1.75
N PRO B 770 -35.97 5.44 -2.06
CA PRO B 770 -35.22 4.42 -2.80
C PRO B 770 -34.87 3.20 -1.97
N ARG B 771 -34.52 2.10 -2.66
CA ARG B 771 -34.11 0.83 -2.05
C ARG B 771 -35.11 0.34 -0.99
N LEU B 772 -36.39 0.14 -1.38
CA LEU B 772 -37.41 -0.32 -0.43
C LEU B 772 -37.12 -1.72 0.12
N VAL B 773 -36.40 -2.56 -0.64
CA VAL B 773 -36.05 -3.90 -0.18
C VAL B 773 -35.00 -3.87 0.95
N ASP B 774 -34.25 -2.76 1.07
CA ASP B 774 -33.22 -2.61 2.11
C ASP B 774 -33.72 -1.87 3.36
N VAL B 775 -34.95 -1.30 3.33
CA VAL B 775 -35.55 -0.66 4.51
C VAL B 775 -36.20 -1.83 5.26
N ILE B 776 -35.38 -2.53 6.07
CA ILE B 776 -35.75 -3.76 6.76
C ILE B 776 -36.13 -3.59 8.24
N CYS B 777 -37.09 -4.40 8.71
CA CYS B 777 -37.53 -4.41 10.11
C CYS B 777 -36.51 -5.15 10.94
N ALA B 778 -36.17 -4.61 12.12
CA ALA B 778 -35.24 -5.28 13.02
C ALA B 778 -36.02 -6.16 14.00
N SER B 779 -37.16 -5.65 14.51
CA SER B 779 -38.02 -6.35 15.46
C SER B 779 -39.47 -6.35 14.95
N PRO B 780 -40.28 -7.39 15.24
CA PRO B 780 -39.98 -8.61 16.01
C PRO B 780 -39.44 -9.75 15.13
N GLY B 781 -39.33 -10.95 15.71
CA GLY B 781 -38.82 -12.13 15.01
C GLY B 781 -39.57 -12.51 13.75
N ASP B 782 -40.89 -12.29 13.74
CA ASP B 782 -41.70 -12.61 12.56
C ASP B 782 -41.54 -11.59 11.41
N GLN B 783 -41.09 -10.36 11.72
CA GLN B 783 -40.90 -9.34 10.70
C GLN B 783 -39.43 -9.02 10.38
N ARG B 784 -38.48 -9.59 11.14
CA ARG B 784 -37.06 -9.36 10.93
C ARG B 784 -36.63 -9.83 9.54
N GLY B 785 -36.07 -8.92 8.76
CA GLY B 785 -35.64 -9.23 7.41
C GLY B 785 -36.57 -8.68 6.34
N LYS B 786 -37.86 -8.59 6.67
CA LYS B 786 -38.87 -8.10 5.74
C LYS B 786 -38.86 -6.58 5.62
N SER B 787 -39.33 -6.05 4.48
CA SER B 787 -39.40 -4.61 4.26
C SER B 787 -40.50 -3.98 5.12
N ILE B 788 -40.33 -2.72 5.52
CA ILE B 788 -41.33 -2.03 6.33
C ILE B 788 -42.63 -1.74 5.54
N VAL B 789 -42.55 -1.69 4.21
CA VAL B 789 -43.71 -1.45 3.37
C VAL B 789 -44.60 -2.73 3.20
N SER B 790 -44.09 -3.91 3.58
CA SER B 790 -44.85 -5.16 3.47
C SER B 790 -45.37 -5.64 4.83
N LEU B 791 -46.21 -4.83 5.48
CA LEU B 791 -46.79 -5.17 6.78
C LEU B 791 -48.32 -4.95 6.83
N GLU B 792 -48.97 -5.44 7.91
CA GLU B 792 -50.41 -5.32 8.12
C GLU B 792 -50.83 -3.86 8.28
C1 NAG C . 26.78 11.15 16.49
C2 NAG C . 25.40 10.64 16.91
C3 NAG C . 25.56 9.82 18.19
C4 NAG C . 26.57 8.69 18.00
C5 NAG C . 27.88 9.22 17.43
C6 NAG C . 28.81 8.11 17.00
C7 NAG C . 23.25 11.75 16.48
C8 NAG C . 22.30 12.82 16.94
N2 NAG C . 24.44 11.71 17.11
O3 NAG C . 24.28 9.29 18.51
O4 NAG C . 26.84 8.05 19.24
O5 NAG C . 27.63 10.02 16.28
O6 NAG C . 30.01 8.61 16.42
O7 NAG C . 22.96 10.97 15.60
C1 NAG C . 26.17 6.83 19.53
C2 NAG C . 26.94 6.07 20.61
C3 NAG C . 26.20 4.75 20.80
C4 NAG C . 24.74 4.99 21.19
C5 NAG C . 24.05 5.89 20.18
C6 NAG C . 22.66 6.33 20.59
C7 NAG C . 29.34 5.83 21.06
C8 NAG C . 30.67 5.45 20.49
N2 NAG C . 28.31 5.82 20.20
O3 NAG C . 26.86 3.98 21.79
O4 NAG C . 24.05 3.73 21.20
O5 NAG C . 24.83 7.08 19.98
O6 NAG C . 22.70 7.23 21.69
O7 NAG C . 29.20 6.13 22.25
C1 BMA C . 23.62 3.22 22.44
C2 BMA C . 22.69 2.03 22.15
C3 BMA C . 22.26 1.38 23.45
C4 BMA C . 23.45 1.05 24.34
C5 BMA C . 24.34 2.27 24.53
C6 BMA C . 25.63 1.97 25.27
O2 BMA C . 23.34 1.09 21.30
O3 BMA C . 21.53 0.18 23.16
O4 BMA C . 22.98 0.62 25.62
O5 BMA C . 24.72 2.78 23.24
O6 BMA C . 26.46 1.08 24.53
C1 MAN C . 20.13 0.15 23.41
C2 MAN C . 19.65 -1.29 23.18
C3 MAN C . 19.71 -1.61 21.69
C4 MAN C . 18.89 -0.59 20.90
C5 MAN C . 19.39 0.82 21.18
C6 MAN C . 18.53 1.89 20.54
O2 MAN C . 18.33 -1.44 23.69
O3 MAN C . 19.27 -2.93 21.44
O4 MAN C . 18.99 -0.85 19.51
O5 MAN C . 19.39 1.08 22.60
O6 MAN C . 17.24 1.96 21.13
C1 MAN C . 27.48 0.47 25.27
C2 MAN C . 28.55 -0.03 24.30
C3 MAN C . 28.01 -1.21 23.51
C4 MAN C . 27.51 -2.31 24.44
C5 MAN C . 26.45 -1.75 25.38
C6 MAN C . 26.00 -2.74 26.43
O2 MAN C . 29.71 -0.41 25.02
O3 MAN C . 29.00 -1.74 22.63
O4 MAN C . 26.95 -3.37 23.68
O5 MAN C . 27.00 -0.60 26.09
O6 MAN C . 24.86 -2.25 27.14
C1 NAG D . 17.44 -6.65 -0.08
C2 NAG D . 17.56 -6.96 1.41
C3 NAG D . 16.20 -6.67 2.04
C4 NAG D . 15.75 -5.24 1.76
C5 NAG D . 15.77 -4.96 0.25
C6 NAG D . 15.51 -3.52 -0.10
C7 NAG D . 19.07 -8.81 2.02
C8 NAG D . 19.32 -10.29 1.88
N2 NAG D . 17.89 -8.37 1.56
O3 NAG D . 16.27 -6.89 3.44
O4 NAG D . 14.44 -5.00 2.26
O5 NAG D . 17.08 -5.29 -0.28
O6 NAG D . 16.52 -2.67 0.42
O7 NAG D . 19.90 -8.06 2.51
C1 NAG D . 14.29 -4.11 3.36
C2 NAG D . 12.83 -3.65 3.45
C3 NAG D . 12.76 -2.69 4.63
C4 NAG D . 13.20 -3.38 5.92
C5 NAG D . 14.60 -3.97 5.76
C6 NAG D . 15.03 -4.86 6.90
C7 NAG D . 11.69 -3.57 1.27
C8 NAG D . 11.37 -2.72 0.08
N2 NAG D . 12.40 -2.98 2.23
O3 NAG D . 11.43 -2.20 4.76
O4 NAG D . 13.25 -2.40 6.95
O5 NAG D . 14.67 -4.78 4.57
O6 NAG D . 14.37 -6.13 6.87
O7 NAG D . 11.34 -4.74 1.35
C1 BMA D . 12.26 -2.39 7.99
C2 BMA D . 12.40 -1.06 8.73
C3 BMA D . 11.33 -0.96 9.80
C4 BMA D . 9.94 -1.16 9.21
C5 BMA D . 9.87 -2.47 8.43
C6 BMA D . 8.57 -2.64 7.68
O2 BMA D . 12.25 0.02 7.81
O3 BMA D . 11.41 0.30 10.47
O4 BMA D . 8.95 -1.14 10.22
O5 BMA D . 10.93 -2.51 7.45
O6 BMA D . 8.29 -1.54 6.83
C1 NAG E . 11.87 -15.77 3.74
C2 NAG E . 11.96 -14.47 4.53
C3 NAG E . 13.30 -14.43 5.26
C4 NAG E . 13.50 -15.67 6.12
C5 NAG E . 13.36 -16.93 5.27
C6 NAG E . 13.38 -18.20 6.07
C7 NAG E . 10.83 -12.41 3.78
C8 NAG E . 10.86 -11.27 2.80
N2 NAG E . 11.82 -13.31 3.66
O3 NAG E . 13.36 -13.26 6.07
O4 NAG E . 14.80 -15.62 6.70
O5 NAG E . 12.09 -16.89 4.61
O6 NAG E . 12.42 -18.18 7.12
O7 NAG E . 9.94 -12.53 4.61
C1 NAG E . 14.93 -15.90 8.07
C2 NAG E . 16.42 -16.08 8.39
C3 NAG E . 16.54 -16.38 9.88
C4 NAG E . 15.85 -15.31 10.72
C5 NAG E . 14.40 -15.13 10.28
C6 NAG E . 13.71 -13.97 10.95
C7 NAG E . 17.72 -16.99 6.53
C8 NAG E . 18.14 -18.23 5.79
N2 NAG E . 16.95 -17.17 7.59
O3 NAG E . 17.92 -16.48 10.24
O4 NAG E . 15.88 -15.71 12.09
O5 NAG E . 14.37 -14.86 8.87
O6 NAG E . 12.39 -13.80 10.46
O7 NAG E . 18.07 -15.88 6.16
C1 BMA E . 16.54 -14.86 13.01
C2 BMA E . 16.00 -15.16 14.41
C3 BMA E . 16.71 -14.33 15.46
C4 BMA E . 18.23 -14.45 15.32
C5 BMA E . 18.66 -14.13 13.88
C6 BMA E . 20.14 -14.29 13.63
O2 BMA E . 16.12 -16.55 14.70
O3 BMA E . 16.31 -14.72 16.77
O4 BMA E . 18.87 -13.54 16.21
O5 BMA E . 17.96 -15.03 12.99
O6 BMA E . 20.58 -15.64 13.82
C1 MAN E . 15.26 -13.98 17.41
C2 MAN E . 15.29 -14.33 18.91
C3 MAN E . 14.82 -15.76 19.11
C4 MAN E . 13.46 -16.00 18.47
C5 MAN E . 13.48 -15.60 17.00
C6 MAN E . 12.12 -15.67 16.35
O2 MAN E . 14.42 -13.44 19.61
O3 MAN E . 14.78 -16.07 20.50
O4 MAN E . 13.10 -17.37 18.57
O5 MAN E . 13.95 -14.24 16.86
O6 MAN E . 12.19 -15.32 14.96
C1 MAN E . 21.87 -15.72 14.38
C2 MAN E . 22.51 -17.05 13.94
C3 MAN E . 21.87 -18.21 14.68
C4 MAN E . 21.88 -17.99 16.19
C5 MAN E . 21.20 -16.67 16.52
C6 MAN E . 21.25 -16.31 17.99
O2 MAN E . 23.93 -17.02 14.18
O3 MAN E . 22.54 -19.44 14.37
O4 MAN E . 21.19 -19.05 16.83
O5 MAN E . 21.87 -15.60 15.81
O6 MAN E . 20.34 -15.26 18.31
C1 NAG F . -10.90 -5.79 -31.22
C2 NAG F . -11.50 -5.90 -29.82
C3 NAG F . -12.98 -5.53 -29.94
C4 NAG F . -13.16 -4.15 -30.54
C5 NAG F . -12.45 -4.07 -31.89
C6 NAG F . -12.45 -2.67 -32.47
C7 NAG F . -10.77 -7.54 -28.15
C8 NAG F . -10.83 -8.98 -27.73
N2 NAG F . -11.35 -7.25 -29.32
O3 NAG F . -13.57 -5.58 -28.63
O4 NAG F . -14.54 -3.85 -30.74
O5 NAG F . -11.08 -4.46 -31.74
O6 NAG F . -12.14 -2.68 -33.85
O7 NAG F . -10.24 -6.68 -27.45
C1 NAG F . -15.18 -3.03 -29.79
C2 NAG F . -16.41 -2.39 -30.43
C3 NAG F . -17.08 -1.53 -29.34
C4 NAG F . -17.42 -2.37 -28.11
C5 NAG F . -16.18 -3.10 -27.60
C6 NAG F . -16.48 -4.10 -26.51
C7 NAG F . -16.78 -1.48 -32.67
C8 NAG F . -16.31 -0.51 -33.71
N2 NAG F . -16.04 -1.56 -31.56
O3 NAG F . -18.25 -0.93 -29.87
O4 NAG F . -17.86 -1.51 -27.07
O5 NAG F . -15.57 -3.83 -28.67
O6 NAG F . -17.20 -5.23 -26.99
O7 NAG F . -17.79 -2.14 -32.82
C1 BMA F . -19.22 -1.56 -26.67
C2 BMA F . -19.36 -0.76 -25.38
C3 BMA F . -20.83 -0.72 -24.95
C4 BMA F . -21.74 -0.28 -26.09
C5 BMA F . -21.48 -1.09 -27.37
C6 BMA F . -22.23 -0.56 -28.57
O2 BMA F . -18.86 0.56 -25.55
O3 BMA F . -20.98 0.17 -23.85
O4 BMA F . -23.10 -0.46 -25.72
O5 BMA F . -20.07 -1.02 -27.69
O6 BMA F . -21.79 0.74 -28.94
C1 MAN F . -21.28 -0.38 -22.58
C2 MAN F . -21.59 0.77 -21.62
C3 MAN F . -20.31 1.54 -21.33
C4 MAN F . -19.22 0.61 -20.79
C5 MAN F . -18.97 -0.54 -21.75
C6 MAN F . -18.03 -1.59 -21.20
O2 MAN F . -22.16 0.27 -20.41
O3 MAN F . -20.55 2.60 -20.40
O4 MAN F . -18.01 1.34 -20.62
O5 MAN F . -20.22 -1.20 -22.06
O6 MAN F . -18.60 -2.29 -20.10
C1 MAN F . -22.67 1.43 -29.79
C2 MAN F . -21.89 2.54 -30.49
C3 MAN F . -21.53 3.63 -29.49
C4 MAN F . -22.77 4.14 -28.76
C5 MAN F . -23.52 2.99 -28.10
C6 MAN F . -24.83 3.40 -27.48
O2 MAN F . -22.69 3.10 -31.53
O3 MAN F . -20.86 4.70 -30.14
O4 MAN F . -22.39 5.09 -27.77
O5 MAN F . -23.81 1.98 -29.08
O6 MAN F . -25.39 2.34 -26.70
C1 NAG G . -1.75 11.86 -14.30
C2 NAG G . -3.24 11.69 -14.58
C3 NAG G . -3.82 10.77 -13.50
C4 NAG G . -3.05 9.45 -13.45
C5 NAG G . -1.56 9.70 -13.24
C6 NAG G . -0.73 8.44 -13.33
C7 NAG G . -4.40 13.60 -15.59
C8 NAG G . -4.78 15.05 -15.40
N2 NAG G . -3.86 13.01 -14.53
O3 NAG G . -5.19 10.54 -13.77
O4 NAG G . -3.52 8.65 -12.37
O5 NAG G . -1.09 10.59 -14.27
O6 NAG G . -0.96 7.73 -14.53
O7 NAG G . -4.54 13.03 -16.67
C1 NAG G . -4.22 7.47 -12.68
C2 NAG G . -4.21 6.56 -11.45
C3 NAG G . -4.91 5.28 -11.89
C4 NAG G . -6.35 5.57 -12.32
C5 NAG G . -6.37 6.62 -13.44
C6 NAG G . -7.75 7.14 -13.75
C7 NAG G . -2.22 6.91 -10.05
C8 NAG G . -0.81 6.48 -9.76
N2 NAG G . -2.84 6.28 -11.05
O3 NAG G . -4.89 4.35 -10.81
O4 NAG G . -6.93 4.38 -12.84
O5 NAG G . -5.57 7.77 -13.06
O6 NAG G . -8.23 8.04 -12.74
O7 NAG G . -2.78 7.81 -9.39
C1 BMA G . -7.90 3.66 -12.07
C2 BMA G . -8.07 2.29 -12.72
C3 BMA G . -9.08 1.47 -11.92
C4 BMA G . -8.65 1.39 -10.46
C5 BMA G . -8.45 2.78 -9.87
C6 BMA G . -7.87 2.76 -8.47
O2 BMA G . -6.81 1.61 -12.74
O3 BMA G . -9.21 0.17 -12.48
O4 BMA G . -9.63 0.68 -9.69
O5 BMA G . -7.51 3.52 -10.70
O6 BMA G . -6.68 1.99 -8.39
C1 NAG H . -8.54 16.65 -6.65
C2 NAG H . -8.82 15.28 -7.28
C3 NAG H . -9.47 15.48 -8.65
C4 NAG H . -10.70 16.37 -8.55
C5 NAG H . -10.33 17.71 -7.89
C6 NAG H . -11.53 18.58 -7.61
C7 NAG H . -7.38 13.33 -6.83
C8 NAG H . -6.10 12.65 -7.17
N2 NAG H . -7.58 14.52 -7.42
O3 NAG H . -9.84 14.21 -9.16
O4 NAG H . -11.21 16.61 -9.86
O5 NAG H . -9.72 17.45 -6.62
O6 NAG H . -12.51 17.90 -6.84
O7 NAG H . -8.20 12.84 -6.06
C1 NAG H . -12.59 16.46 -10.09
C2 NAG H . -12.90 17.01 -11.47
C3 NAG H . -14.41 16.83 -11.69
C4 NAG H . -14.84 15.38 -11.52
C5 NAG H . -14.38 14.86 -10.15
C6 NAG H . -14.62 13.39 -9.95
C7 NAG H . -11.45 18.86 -12.16
C8 NAG H . -11.19 20.34 -12.04
N2 NAG H . -12.54 18.41 -11.51
O3 NAG H . -14.74 17.28 -13.01
O4 NAG H . -16.25 15.27 -11.60
O5 NAG H . -12.97 15.08 -10.00
O6 NAG H . -14.16 12.97 -8.66
O7 NAG H . -10.72 18.12 -12.79
C1 BMA H . -16.80 14.45 -12.62
C2 BMA H . -18.22 14.06 -12.21
C3 BMA H . -18.89 13.27 -13.32
C4 BMA H . -18.81 14.00 -14.65
C5 BMA H . -17.35 14.35 -14.98
C6 BMA H . -17.18 15.17 -16.25
O2 BMA H . -18.98 15.22 -11.88
O3 BMA H . -20.26 13.03 -12.99
O4 BMA H . -19.34 13.20 -15.71
O5 BMA H . -16.81 15.13 -13.89
O6 BMA H . -17.81 16.44 -16.17
C1 MAN H . -20.62 11.79 -12.38
C2 MAN H . -22.14 11.60 -12.50
C3 MAN H . -22.85 12.61 -11.61
C4 MAN H . -22.36 12.51 -10.17
C5 MAN H . -20.84 12.66 -10.11
C6 MAN H . -20.28 12.41 -8.73
O2 MAN H . -22.50 10.28 -12.11
O3 MAN H . -24.26 12.40 -11.67
O4 MAN H . -22.96 13.54 -9.38
O5 MAN H . -20.22 11.72 -11.00
O6 MAN H . -18.87 12.61 -8.70
C1 MAN H . -18.39 16.87 -17.39
C2 MAN H . -18.43 18.40 -17.39
C3 MAN H . -19.50 18.91 -16.44
C4 MAN H . -20.85 18.25 -16.72
C5 MAN H . -20.71 16.73 -16.68
C6 MAN H . -21.98 16.00 -17.05
O2 MAN H . -18.68 18.87 -18.73
O3 MAN H . -19.62 20.33 -16.51
O4 MAN H . -21.79 18.66 -15.73
O5 MAN H . -19.69 16.31 -17.61
O6 MAN H . -21.89 14.61 -16.70
C1 NAG I . 14.41 -23.20 -21.08
C2 NAG I . 14.30 -22.50 -22.43
C3 NAG I . 15.12 -23.34 -23.42
C4 NAG I . 16.57 -23.50 -22.96
C5 NAG I . 16.62 -24.00 -21.51
C6 NAG I . 18.02 -23.97 -20.93
C7 NAG I . 12.40 -21.35 -23.48
C8 NAG I . 11.01 -21.50 -24.04
N2 NAG I . 12.91 -22.41 -22.87
O3 NAG I . 15.08 -22.74 -24.71
O4 NAG I . 17.26 -24.40 -23.80
O5 NAG I . 15.78 -23.19 -20.68
O6 NAG I . 18.58 -22.67 -20.99
O7 NAG I . 13.04 -20.29 -23.60
C1 NAG J . -8.09 -38.63 11.66
C2 NAG J . -9.60 -38.88 11.72
C3 NAG J . -9.87 -40.38 11.55
C4 NAG J . -9.18 -40.93 10.31
C5 NAG J . -7.68 -40.64 10.39
C6 NAG J . -6.90 -41.09 9.17
C7 NAG J . -10.88 -37.35 13.18
C8 NAG J . -11.13 -36.93 14.60
N2 NAG J . -10.08 -38.42 13.02
O3 NAG J . -11.28 -40.60 11.48
O4 NAG J . -9.40 -42.33 10.21
O5 NAG J . -7.48 -39.22 10.52
O6 NAG J . -7.25 -40.36 8.01
O7 NAG J . -11.35 -36.75 12.22
C1 NAG K . 43.73 -3.92 8.22
C2 NAG K . 44.68 -2.97 8.94
C3 NAG K . 45.44 -3.79 9.98
C4 NAG K . 44.48 -4.49 10.94
C5 NAG K . 43.49 -5.36 10.16
C6 NAG K . 42.39 -5.92 11.04
C7 NAG K . 45.89 -0.98 8.16
C8 NAG K . 46.86 -0.44 7.15
N2 NAG K . 45.60 -2.28 8.04
O3 NAG K . 46.31 -2.94 10.72
O4 NAG K . 45.21 -5.31 11.85
O5 NAG K . 42.84 -4.56 9.15
O6 NAG K . 41.36 -6.55 10.28
O7 NAG K . 45.37 -0.27 9.02
C1 NAG L . 43.87 -0.95 -10.67
C2 NAG L . 44.09 -1.03 -12.19
C3 NAG L . 45.49 -0.52 -12.50
C4 NAG L . 45.73 0.87 -11.91
C5 NAG L . 45.48 0.84 -10.41
C6 NAG L . 45.60 2.20 -9.75
C7 NAG L . 43.10 -2.72 -13.69
C8 NAG L . 43.10 -4.17 -14.07
N2 NAG L . 43.92 -2.39 -12.68
O3 NAG L . 45.68 -0.50 -13.91
O4 NAG L . 47.06 1.28 -12.16
O5 NAG L . 44.15 0.35 -10.15
O6 NAG L . 45.33 2.14 -8.35
O7 NAG L . 42.40 -1.89 -14.24
C1 NAG M . 19.81 -32.44 4.98
C2 NAG M . 20.94 -32.74 3.99
C3 NAG M . 22.28 -32.67 4.73
C4 NAG M . 22.43 -31.35 5.47
C5 NAG M . 21.24 -31.11 6.41
C6 NAG M . 21.25 -29.76 7.08
C7 NAG M . 20.97 -34.35 2.13
C8 NAG M . 20.78 -35.79 1.74
N2 NAG M . 20.75 -34.07 3.42
O3 NAG M . 23.34 -32.82 3.79
O4 NAG M . 23.62 -31.36 6.24
O5 NAG M . 20.02 -31.19 5.64
O6 NAG M . 21.25 -28.69 6.13
O7 NAG M . 21.29 -33.49 1.32
C1 NAG N . 20.59 -7.71 50.97
C2 NAG N . 19.62 -8.16 52.06
C3 NAG N . 20.47 -8.74 53.19
C4 NAG N . 21.34 -9.88 52.69
C5 NAG N . 22.19 -9.43 51.51
C6 NAG N . 22.92 -10.56 50.83
C7 NAG N . 17.49 -6.96 52.30
C8 NAG N . 16.82 -5.74 52.85
N2 NAG N . 18.80 -7.06 52.53
O3 NAG N . 19.61 -9.20 54.23
O4 NAG N . 22.21 -10.31 53.74
O5 NAG N . 21.34 -8.83 50.51
O6 NAG N . 23.68 -10.10 49.71
O7 NAG N . 16.88 -7.81 51.65
C1 YHG O . 16.54 20.85 -6.74
C11 YHG O . 17.34 18.59 -5.96
C13 YHG O . 15.91 15.35 -3.49
C14 YHG O . 15.32 13.95 -3.15
C15 YHG O . 16.38 13.14 -2.47
C16 YHG O . 17.68 13.29 -2.75
C17 YHG O . 18.22 14.27 -3.76
C18 YHG O . 18.37 12.34 -1.89
C19 YHG O . 19.84 12.09 -1.79
C22 YHG O . 14.99 11.69 -0.98
C23 YHG O . 14.31 10.52 -1.77
C24 YHG O . 15.23 9.25 -1.85
C25 YHG O . 14.54 8.09 -2.67
C26 YHG O . 13.09 8.50 -3.12
C28 YHG O . 12.28 8.90 -1.84
C29 YHG O . 12.99 10.07 -1.06
C30 YHG O . 13.25 9.76 -4.03
N2 YHG O . 16.42 19.59 -6.02
N3 YHG O . 15.38 19.25 -5.23
C4 YHG O . 15.54 18.11 -4.71
C5 YHG O . 16.89 17.55 -5.14
C6 YHG O . 17.63 16.37 -4.93
C7 YHG O . 18.86 16.34 -5.61
C8 YHG O . 19.31 17.41 -6.38
C9 YHG O . 20.66 17.32 -7.07
N10 YHG O . 18.54 18.50 -6.57
N12 YHG O . 17.25 15.34 -4.09
N20 YHG O . 17.47 11.75 -1.23
N21 YHG O . 16.24 12.20 -1.57
N27 YHG O . 12.39 7.45 -3.89
C31 YHG O . 13.91 10.94 -3.24
C32 YHG O . 12.14 6.18 -3.52
O33 YHG O . 12.48 5.65 -2.47
C34 YHG O . 11.32 5.33 -4.49
C35 YHG O . 11.63 3.82 -4.33
O36 YHG O . 10.93 3.08 -5.34
C37 YHG O . 11.19 3.42 -6.74
C38 YHG O . 10.83 4.92 -6.95
N39 YHG O . 11.51 5.74 -5.92
C1 YHG P . 13.97 -10.84 -21.21
C11 YHG P . 12.49 -8.82 -21.34
C13 YHG P . 9.04 -7.20 -19.32
C14 YHG P . 8.20 -6.29 -18.40
C15 YHG P . 7.31 -5.42 -19.24
C16 YHG P . 7.69 -5.01 -20.45
C17 YHG P . 8.99 -5.36 -21.10
C18 YHG P . 6.59 -4.19 -20.93
C19 YHG P . 6.47 -3.48 -22.24
C22 YHG P . 5.37 -5.08 -17.71
C23 YHG P . 5.67 -4.04 -16.58
C24 YHG P . 5.35 -2.57 -17.02
C25 YHG P . 5.67 -1.55 -15.88
C26 YHG P . 6.16 -2.28 -14.57
C28 YHG P . 5.07 -3.35 -14.17
C29 YHG P . 4.77 -4.36 -15.34
C30 YHG P . 7.46 -3.04 -14.97
N2 YHG P . 12.85 -10.01 -20.81
N3 YHG P . 11.96 -10.33 -19.85
C4 YHG P . 11.08 -9.44 -19.72
C5 YHG P . 11.34 -8.33 -20.73
C6 YHG P . 10.76 -7.09 -21.08
C7 YHG P . 11.43 -6.41 -22.13
C8 YHG P . 12.56 -6.94 -22.73
C9 YHG P . 13.25 -6.16 -23.85
N10 YHG P . 13.07 -8.13 -22.35
N12 YHG P . 9.63 -6.55 -20.50
N20 YHG P . 5.71 -4.18 -20.01
N21 YHG P . 6.15 -4.90 -18.94
N27 YHG P . 6.45 -1.40 -13.44
C31 YHG P . 7.17 -4.09 -16.11
C32 YHG P . 5.62 -0.50 -12.84
O33 YHG P . 4.47 -0.25 -13.19
C34 YHG P . 6.14 0.22 -11.60
C35 YHG P . 5.39 1.57 -11.36
O36 YHG P . 6.28 2.69 -11.06
C37 YHG P . 7.36 2.42 -10.12
C38 YHG P . 8.18 1.13 -10.45
N39 YHG P . 7.62 0.41 -11.64
C1 NAG Q . 12.29 31.79 -3.20
C2 NAG Q . 13.79 31.52 -3.13
C3 NAG Q . 14.48 32.84 -3.48
C4 NAG Q . 14.05 33.35 -4.86
C5 NAG Q . 12.53 33.42 -4.95
C6 NAG Q . 12.03 33.70 -6.35
C7 NAG Q . 15.07 30.10 -1.58
C8 NAG Q . 15.48 29.89 -0.15
N2 NAG Q . 14.18 31.08 -1.80
O3 NAG Q . 15.89 32.64 -3.47
O4 NAG Q . 14.58 34.65 -5.08
O5 NAG Q . 11.96 32.15 -4.56
O6 NAG Q . 12.52 32.76 -7.30
O7 NAG Q . 15.53 29.43 -2.50
C1 NAG R . -24.04 27.55 18.35
C2 NAG R . -24.21 27.25 19.84
C3 NAG R . -24.56 28.54 20.59
C4 NAG R . -23.57 29.65 20.26
C5 NAG R . -23.53 29.88 18.76
C6 NAG R . -22.53 30.94 18.33
C7 NAG R . -25.07 25.01 20.37
C8 NAG R . -26.27 24.10 20.30
N2 NAG R . -25.27 26.28 19.98
O3 NAG R . -24.59 28.28 21.98
O4 NAG R . -23.95 30.85 20.93
O5 NAG R . -23.16 28.66 18.11
O6 NAG R . -21.18 30.53 18.57
O7 NAG R . -23.98 24.62 20.75
C1 NAG S . -7.53 15.97 -41.21
C2 NAG S . -7.86 15.23 -42.51
C3 NAG S . -9.06 15.94 -43.13
C4 NAG S . -10.25 15.95 -42.17
C5 NAG S . -9.86 16.60 -40.84
C6 NAG S . -10.93 16.45 -39.78
C7 NAG S . -6.38 14.13 -44.13
C8 NAG S . -5.21 14.28 -45.05
N2 NAG S . -6.74 15.22 -43.43
O3 NAG S . -9.42 15.29 -44.35
O4 NAG S . -11.34 16.67 -42.74
O5 NAG S . -8.67 15.96 -40.32
O6 NAG S . -10.48 16.89 -38.49
O7 NAG S . -6.98 13.06 -44.02
C1 NAG T . 11.17 19.16 -39.24
C2 NAG T . 12.59 19.76 -39.16
C3 NAG T . 13.16 19.86 -40.58
C4 NAG T . 13.08 18.51 -41.28
C5 NAG T . 11.64 18.03 -41.35
C6 NAG T . 11.48 16.66 -41.96
C7 NAG T . 13.37 21.40 -37.50
C8 NAG T . 13.24 22.80 -36.99
N2 NAG T . 12.57 21.08 -38.53
O3 NAG T . 14.50 20.32 -40.52
O4 NAG T . 13.60 18.62 -42.61
O5 NAG T . 11.12 17.95 -40.00
O6 NAG T . 10.12 16.23 -41.96
O7 NAG T . 14.14 20.60 -37.00
C1 NAG U . -15.27 33.73 -8.97
C2 NAG U . -14.42 34.70 -9.79
C3 NAG U . -15.06 34.86 -11.18
C4 NAG U . -15.27 33.50 -11.84
C5 NAG U . -16.10 32.59 -10.93
C6 NAG U . -16.26 31.18 -11.46
C7 NAG U . -13.24 36.73 -9.07
C8 NAG U . -13.37 38.06 -8.38
N2 NAG U . -14.35 35.99 -9.13
O3 NAG U . -14.21 35.66 -12.00
O4 NAG U . -15.95 33.67 -13.08
O5 NAG U . -15.44 32.49 -9.65
O6 NAG U . -15.00 30.54 -11.67
O7 NAG U . -12.18 36.35 -9.54
C1 NAG V . -49.66 -1.17 -24.09
C2 NAG V . -50.87 -1.42 -23.19
C3 NAG V . -52.09 -0.92 -23.94
C4 NAG V . -51.95 0.57 -24.27
C5 NAG V . -50.65 0.83 -25.03
C6 NAG V . -50.34 2.31 -25.18
C7 NAG V . -50.79 -3.37 -21.69
C8 NAG V . -50.97 -4.85 -21.56
N2 NAG V . -51.00 -2.84 -22.90
O3 NAG V . -53.26 -1.13 -23.16
O4 NAG V . -53.05 1.00 -25.06
O5 NAG V . -49.54 0.24 -24.32
O6 NAG V . -49.09 2.52 -25.85
O7 NAG V . -50.48 -2.67 -20.72
#